data_3VR8
#
_entry.id   3VR8
#
_cell.length_a   123.707
_cell.length_b   129.090
_cell.length_c   221.167
_cell.angle_alpha   90.00
_cell.angle_beta   90.00
_cell.angle_gamma   90.00
#
_symmetry.space_group_name_H-M   'P 21 21 21'
#
loop_
_entity.id
_entity.type
_entity.pdbx_description
1 polymer 'Flavoprotein subunit of complex II'
2 polymer 'Iron-sulfur subunit of succinate dehydrogenase'
3 polymer 'Cytochrome b-large subunit'
4 polymer 'Succinate dehydrogenase [ubiquinone] cytochrome b small subunit, mitochondrial'
5 non-polymer 'MALONATE ION'
6 non-polymer 'FLAVIN-ADENINE DINUCLEOTIDE'
7 non-polymer 'FE2/S2 (INORGANIC) CLUSTER'
8 non-polymer 'IRON/SULFUR CLUSTER'
9 non-polymer 'FE3-S4 CLUSTER'
10 non-polymer 'PROTOPORPHYRIN IX CONTAINING FE'
11 non-polymer 2-amino-3-methoxy-6-methyl-5-[(2E)-3-methylhex-2-en-1-yl]cyclohexa-2,5-diene-1,4-dione
12 non-polymer L-ALPHA-PHOSPHATIDYL-BETA-OLEOYL-GAMMA-PALMITOYL-PHOSPHATIDYLETHANOLAMINE
#
loop_
_entity_poly.entity_id
_entity_poly.type
_entity_poly.pdbx_seq_one_letter_code
_entity_poly.pdbx_strand_id
1 'polypeptide(L)'
;MLRAVRALICRIGARRTLSVSSSRLDVSTSNIAQYKVIDHAYDVVIIGAGGAGLRAAMGLGEAGFKTAVVTKMFPTRSHT
TAAQGGINAALGSMNPDDWKWHFYDTAKGSDWLGDQNAMHYLTRNAVEAVTELENFGMPFSRTPEGKIYQRSFGGQSNNY
GKGGVAKRTCCVADRTGHSMLHTLYGNSLRCHCTFFIEYFALDLLMDKGRCVGVIALCLEDGTIHRFRSKRTIVATGGYG
RAYFSCTTAHMNTGDGTALATRAGIALEDLEFIQFHPTGIYGVGCLITEGSRGEGGFLVNSEGERFMERYAPKAKDLASR
DVVSRAETIEIMEGRGVGPEKDHIYLQLHHLPAEQLHQRLPGISETAKIFAGVDVTKEPIPVIPTVHYNMGGIPTNYKAQ
VIKYTKEGGDKIVPGLYACGECACHSVHGANRLGANSLLDAVVFGRACSINIKEELKPDEKIPELPEGAGEESIANLDAV
RYANGDVPTAELRLTMQKTMQKHAGVFRRGDILAEGVKKMMDLSKELKRLKTTDRSLIWNSDLTESLELQNLMLNATQTI
VAAENRKESRGAHARDDFPKREDEYDYSKPIEGQTKRPFEKHWRKHTLTKQDPRTGHITLDYRPVIDKTLDPAEVDWIPP
IIRSY
;
A,E
2 'polypeptide(L)'
;MLRGSTSVCRSLELVTQAARYASAATAAAPTGKRIKTFEIYRFNPEEPGAKPKLQKFDVDLDKCGTMVLDALIKIKNEVD
PTLTFRRSCREGICGSCAMNIAGENTLACICNIDQNTSKTTKIYPLPHMFVIKDLVPDMNLFYAQYASIQPWLQKKTKIN
LGEKQQYQSIKEQEKLDGLYECILCACCSASCPSYWWNADKYLGPAVLMQAYRWIIDSRDDSAAERLARMQDGFSAFKCH
TIMNCTKTCPKHLNPARAIGEIKMLLTKMKTKPAPLPTPANF
;
B,F
3 'polypeptide(L)'
;MSLLPYNATLCRVLRHNVKFIRSVQTSAARVSAEKTPIQVWGWDYLMRQRALKRPIAPHLTIYKPQMTWMVSGLHRVTGC
AMAGTLLIGGVGFSVLPLDFTTFVEFIRGLGIPWVILDTFKFIIAFPIAFHTLNGIRFIGFDMAKGTDIPSIYRGAYLVL
GLAALISLAVVVYPRWERHKKATLPTNH
;
C,G
4 'polypeptide(L)'
;MLSAVRRAIPLSARILRTSLIQRCAGATSAAVTGAAPPQFDPIAAEKGFKPLHSHGTLFKIERYFAAAMVPLIPAAYFIH
GREMDLCLALALTLHVHWGVWGVVNDYGRPFVLGDTLAAAVRVGAYIFTACLLAGLLYFNEHDVGLTRAFEMVWEL
;
D,H
#
# COMPACT_ATOMS: atom_id res chain seq x y z
N ALA A 33 11.44 -20.80 -39.71
CA ALA A 33 11.34 -21.89 -38.68
C ALA A 33 10.07 -21.78 -37.81
N GLN A 34 10.12 -22.40 -36.63
CA GLN A 34 9.04 -22.40 -35.62
C GLN A 34 9.49 -21.78 -34.27
N TYR A 35 8.54 -21.22 -33.49
CA TYR A 35 8.89 -20.46 -32.27
C TYR A 35 8.01 -20.83 -31.10
N LYS A 36 8.56 -20.77 -29.88
CA LYS A 36 7.79 -21.20 -28.70
C LYS A 36 7.37 -19.95 -27.89
N VAL A 37 6.06 -19.78 -27.70
CA VAL A 37 5.52 -18.54 -27.11
C VAL A 37 5.07 -18.72 -25.66
N ILE A 38 5.38 -17.73 -24.82
CA ILE A 38 5.06 -17.82 -23.41
C ILE A 38 4.23 -16.62 -22.92
N ASP A 39 3.00 -16.89 -22.50
CA ASP A 39 2.14 -15.84 -21.96
C ASP A 39 2.25 -15.63 -20.46
N HIS A 40 2.27 -14.36 -20.06
CA HIS A 40 2.31 -14.00 -18.65
C HIS A 40 1.24 -12.98 -18.43
N ALA A 41 0.80 -12.83 -17.19
CA ALA A 41 -0.13 -11.75 -16.90
C ALA A 41 0.25 -10.97 -15.61
N TYR A 42 0.40 -9.66 -15.79
CA TYR A 42 0.85 -8.74 -14.74
C TYR A 42 -0.06 -7.52 -14.71
N ASP A 43 -0.13 -6.85 -13.56
CA ASP A 43 -0.88 -5.60 -13.47
C ASP A 43 -0.18 -4.54 -14.31
N VAL A 44 1.10 -4.30 -14.04
CA VAL A 44 1.87 -3.35 -14.86
C VAL A 44 3.21 -3.92 -15.29
N VAL A 45 3.56 -3.70 -16.56
CA VAL A 45 4.88 -4.08 -17.14
C VAL A 45 5.77 -2.84 -17.43
N ILE A 46 7.05 -2.90 -17.12
CA ILE A 46 7.90 -1.79 -17.49
C ILE A 46 8.97 -2.21 -18.45
N ILE A 47 8.95 -1.67 -19.66
CA ILE A 47 10.11 -1.85 -20.57
C ILE A 47 11.24 -0.89 -20.24
N GLY A 48 12.27 -1.40 -19.58
CA GLY A 48 13.41 -0.60 -19.18
C GLY A 48 13.79 -0.77 -17.73
N ALA A 49 15.08 -0.91 -17.47
CA ALA A 49 15.57 -1.09 -16.10
C ALA A 49 16.57 0.00 -15.69
N GLY A 50 16.36 1.23 -16.16
CA GLY A 50 17.32 2.30 -15.94
C GLY A 50 16.91 3.09 -14.72
N GLY A 51 17.39 4.31 -14.59
CA GLY A 51 16.86 5.24 -13.57
C GLY A 51 15.35 5.23 -13.49
N ALA A 52 14.69 5.78 -14.49
CA ALA A 52 13.22 5.85 -14.54
C ALA A 52 12.58 4.48 -14.30
N GLY A 53 12.69 3.58 -15.29
CA GLY A 53 12.21 2.21 -15.17
C GLY A 53 12.19 1.61 -13.75
N LEU A 54 13.35 1.55 -13.10
CA LEU A 54 13.46 1.00 -11.74
C LEU A 54 12.69 1.78 -10.66
N ARG A 55 12.47 3.07 -10.86
CA ARG A 55 11.74 3.86 -9.89
C ARG A 55 10.24 3.60 -10.05
N ALA A 56 9.78 3.50 -11.29
CA ALA A 56 8.43 3.02 -11.55
C ALA A 56 8.24 1.60 -10.97
N ALA A 57 9.24 0.74 -11.18
CA ALA A 57 9.13 -0.65 -10.76
C ALA A 57 8.95 -0.74 -9.26
N MET A 58 9.72 0.06 -8.53
CA MET A 58 9.70 0.00 -7.08
C MET A 58 8.50 0.73 -6.47
N GLY A 59 8.07 1.79 -7.14
CA GLY A 59 6.90 2.53 -6.68
C GLY A 59 5.64 1.71 -6.78
N LEU A 60 5.44 1.08 -7.92
CA LEU A 60 4.29 0.18 -8.11
C LEU A 60 4.36 -1.06 -7.24
N GLY A 61 5.55 -1.64 -7.18
CA GLY A 61 5.86 -2.73 -6.27
C GLY A 61 5.39 -2.43 -4.87
N GLU A 62 5.97 -1.41 -4.22
CA GLU A 62 5.62 -0.99 -2.83
C GLU A 62 4.12 -0.69 -2.64
N ALA A 63 3.49 -0.04 -3.61
CA ALA A 63 2.04 0.14 -3.58
C ALA A 63 1.24 -1.10 -4.05
N GLY A 64 1.93 -2.24 -4.11
CA GLY A 64 1.30 -3.55 -4.23
C GLY A 64 0.64 -3.91 -5.55
N PHE A 65 1.39 -3.85 -6.64
CA PHE A 65 0.96 -4.37 -7.94
C PHE A 65 1.91 -5.47 -8.34
N LYS A 66 1.39 -6.40 -9.15
CA LYS A 66 2.18 -7.50 -9.67
C LYS A 66 2.92 -7.02 -10.93
N THR A 67 4.20 -6.67 -10.75
CA THR A 67 4.95 -5.85 -11.72
C THR A 67 6.01 -6.66 -12.45
N ALA A 68 6.00 -6.63 -13.78
CA ALA A 68 7.05 -7.33 -14.49
C ALA A 68 7.99 -6.30 -15.08
N VAL A 69 9.30 -6.47 -14.89
CA VAL A 69 10.27 -5.56 -15.52
C VAL A 69 11.01 -6.18 -16.73
N VAL A 70 10.80 -5.64 -17.91
CA VAL A 70 11.51 -6.23 -19.03
C VAL A 70 12.69 -5.35 -19.40
N THR A 71 13.84 -5.97 -19.66
CA THR A 71 15.03 -5.20 -20.02
C THR A 71 16.03 -6.00 -20.85
N LYS A 72 16.55 -5.40 -21.91
CA LYS A 72 17.48 -6.12 -22.77
C LYS A 72 18.84 -6.40 -22.17
N MET A 73 19.18 -5.72 -21.07
CA MET A 73 20.38 -6.04 -20.30
C MET A 73 20.12 -6.05 -18.79
N PHE A 74 21.11 -6.46 -18.01
CA PHE A 74 21.06 -6.37 -16.55
C PHE A 74 20.93 -4.91 -16.16
N PRO A 75 19.95 -4.57 -15.29
CA PRO A 75 19.64 -3.17 -14.96
C PRO A 75 20.86 -2.30 -14.74
N THR A 76 21.89 -2.85 -14.10
CA THR A 76 23.02 -2.04 -13.69
C THR A 76 23.84 -1.59 -14.90
N ARG A 77 23.76 -2.37 -15.99
CA ARG A 77 24.45 -2.08 -17.25
C ARG A 77 23.72 -1.00 -18.06
N SER A 78 22.52 -0.63 -17.65
CA SER A 78 21.80 0.46 -18.31
C SER A 78 22.54 1.80 -18.31
N HIS A 79 22.20 2.68 -19.26
CA HIS A 79 23.00 3.86 -19.51
C HIS A 79 23.03 4.84 -18.35
N THR A 80 22.00 4.82 -17.53
CA THR A 80 21.95 5.70 -16.39
C THR A 80 23.21 5.54 -15.58
N THR A 81 23.80 4.36 -15.61
CA THR A 81 24.95 4.07 -14.80
C THR A 81 26.17 4.78 -15.34
N ALA A 82 26.03 5.43 -16.49
CA ALA A 82 27.16 6.15 -17.02
C ALA A 82 27.15 7.59 -16.54
N ALA A 83 26.07 8.02 -15.90
CA ALA A 83 25.88 9.42 -15.61
C ALA A 83 26.82 9.97 -14.51
N GLN A 84 27.11 11.26 -14.59
CA GLN A 84 28.29 11.79 -13.89
C GLN A 84 28.08 13.02 -12.98
N GLY A 85 27.60 14.11 -13.56
CA GLY A 85 27.62 15.39 -12.90
C GLY A 85 26.73 15.47 -11.69
N GLY A 86 25.62 14.75 -11.76
CA GLY A 86 24.77 14.70 -10.61
C GLY A 86 23.35 15.07 -10.95
N ILE A 87 22.61 15.43 -9.91
CA ILE A 87 21.16 15.57 -10.01
C ILE A 87 20.71 16.85 -9.30
N ASN A 88 19.94 17.66 -10.01
CA ASN A 88 19.51 18.93 -9.53
C ASN A 88 18.38 18.79 -8.56
N ALA A 89 18.50 19.45 -7.41
CA ALA A 89 17.36 19.70 -6.50
C ALA A 89 17.70 20.84 -5.57
N ALA A 90 16.72 21.70 -5.32
CA ALA A 90 16.94 22.91 -4.54
C ALA A 90 16.99 22.62 -3.04
N LEU A 91 17.81 21.64 -2.65
CA LEU A 91 18.07 21.38 -1.23
C LEU A 91 18.61 22.63 -0.57
N GLY A 92 19.33 23.43 -1.36
CA GLY A 92 20.10 24.54 -0.85
C GLY A 92 20.98 24.12 0.30
N SER A 93 21.73 23.05 0.11
CA SER A 93 22.67 22.55 1.09
C SER A 93 23.93 23.38 1.09
N MET A 94 24.19 24.04 -0.04
CA MET A 94 25.38 24.85 -0.22
C MET A 94 25.18 26.35 0.07
N ASN A 95 23.95 26.83 -0.16
CA ASN A 95 23.54 28.22 0.06
C ASN A 95 22.01 28.34 -0.13
N PRO A 96 21.35 29.40 0.40
CA PRO A 96 19.86 29.42 0.29
C PRO A 96 19.39 29.27 -1.16
N ASP A 97 18.31 28.53 -1.39
CA ASP A 97 17.79 28.30 -2.75
C ASP A 97 16.30 28.05 -2.71
N ASP A 98 15.62 28.47 -3.76
CA ASP A 98 14.18 28.29 -3.85
C ASP A 98 13.90 27.41 -5.07
N TRP A 99 13.09 26.38 -4.86
CA TRP A 99 12.72 25.47 -5.92
C TRP A 99 12.22 26.17 -7.18
N LYS A 100 11.73 27.40 -7.02
CA LYS A 100 11.11 28.16 -8.12
C LYS A 100 12.13 28.72 -9.12
N TRP A 101 13.36 28.94 -8.63
CA TRP A 101 14.42 29.42 -9.48
C TRP A 101 14.84 28.32 -10.44
N HIS A 102 14.69 27.08 -9.98
CA HIS A 102 15.05 25.89 -10.74
C HIS A 102 14.01 25.69 -11.82
N PHE A 103 12.75 25.91 -11.47
CA PHE A 103 11.71 25.95 -12.47
C PHE A 103 12.01 27.03 -13.51
N TYR A 104 12.55 28.15 -13.02
CA TYR A 104 12.89 29.31 -13.86
C TYR A 104 13.96 28.90 -14.85
N ASP A 105 15.04 28.39 -14.30
CA ASP A 105 16.19 27.98 -15.05
C ASP A 105 15.84 26.86 -15.97
N THR A 106 14.92 25.99 -15.55
CA THR A 106 14.44 24.96 -16.44
C THR A 106 13.71 25.58 -17.60
N ALA A 107 12.64 26.36 -17.34
CA ALA A 107 11.84 26.95 -18.41
C ALA A 107 12.70 27.71 -19.46
N LYS A 108 13.75 28.40 -19.00
CA LYS A 108 14.68 29.11 -19.88
C LYS A 108 15.42 28.14 -20.79
N GLY A 109 16.27 27.30 -20.22
CA GLY A 109 17.05 26.31 -20.98
C GLY A 109 16.25 25.56 -22.04
N SER A 110 14.95 25.42 -21.82
CA SER A 110 14.06 24.72 -22.73
C SER A 110 13.65 25.57 -23.94
N ASP A 111 14.18 26.80 -24.01
CA ASP A 111 13.90 27.80 -25.06
C ASP A 111 12.42 27.90 -25.38
N TRP A 112 11.63 27.94 -24.30
CA TRP A 112 10.16 27.93 -24.32
C TRP A 112 9.50 26.95 -25.29
N LEU A 113 10.07 25.76 -25.35
CA LEU A 113 9.46 24.67 -26.08
C LEU A 113 8.99 23.63 -25.05
N GLY A 114 9.46 23.85 -23.82
CA GLY A 114 9.11 23.04 -22.66
C GLY A 114 7.72 23.36 -22.20
N ASP A 115 7.06 22.37 -21.62
CA ASP A 115 5.68 22.54 -21.23
C ASP A 115 5.70 22.90 -19.77
N GLN A 116 5.31 24.13 -19.49
CA GLN A 116 5.60 24.74 -18.17
C GLN A 116 4.94 24.04 -16.97
N ASN A 117 3.94 23.19 -17.24
CA ASN A 117 3.35 22.33 -16.22
C ASN A 117 4.26 21.16 -15.90
N ALA A 118 4.82 20.54 -16.94
CA ALA A 118 5.73 19.42 -16.76
C ALA A 118 6.95 19.90 -15.98
N MET A 119 7.61 20.94 -16.51
CA MET A 119 8.69 21.59 -15.81
C MET A 119 8.26 22.10 -14.43
N HIS A 120 6.96 22.33 -14.24
CA HIS A 120 6.40 22.63 -12.92
C HIS A 120 6.53 21.42 -12.01
N TYR A 121 5.90 20.33 -12.46
CA TYR A 121 5.91 19.04 -11.73
C TYR A 121 7.33 18.58 -11.40
N LEU A 122 8.19 18.66 -12.40
CA LEU A 122 9.55 18.19 -12.29
C LEU A 122 10.21 18.91 -11.14
N THR A 123 10.21 20.24 -11.20
CA THR A 123 11.04 21.02 -10.29
C THR A 123 10.46 21.15 -8.86
N ARG A 124 9.14 21.12 -8.72
CA ARG A 124 8.56 21.00 -7.37
C ARG A 124 9.07 19.74 -6.69
N ASN A 125 8.71 18.59 -7.26
CA ASN A 125 8.97 17.29 -6.65
C ASN A 125 10.45 16.85 -6.64
N ALA A 126 11.34 17.71 -7.14
CA ALA A 126 12.76 17.40 -7.18
C ALA A 126 13.33 17.23 -5.78
N VAL A 127 13.02 18.17 -4.89
CA VAL A 127 13.56 18.19 -3.53
C VAL A 127 13.24 16.93 -2.77
N GLU A 128 11.99 16.48 -2.91
CA GLU A 128 11.56 15.25 -2.31
C GLU A 128 12.31 14.08 -2.96
N ALA A 129 12.13 13.93 -4.28
CA ALA A 129 12.74 12.82 -5.02
C ALA A 129 14.20 12.59 -4.67
N VAL A 130 15.02 13.62 -4.68
CA VAL A 130 16.44 13.51 -4.35
C VAL A 130 16.67 13.18 -2.88
N THR A 131 15.82 13.70 -2.02
CA THR A 131 15.94 13.37 -0.60
C THR A 131 15.68 11.87 -0.41
N GLU A 132 14.62 11.36 -1.06
CA GLU A 132 14.34 9.91 -1.09
C GLU A 132 15.59 9.09 -1.38
N LEU A 133 16.29 9.47 -2.46
CA LEU A 133 17.47 8.75 -2.88
C LEU A 133 18.46 8.67 -1.74
N GLU A 134 18.66 9.79 -1.03
CA GLU A 134 19.54 9.82 0.16
C GLU A 134 19.03 8.78 1.15
N ASN A 135 17.72 8.77 1.34
CA ASN A 135 17.02 7.84 2.24
C ASN A 135 17.07 6.39 1.82
N PHE A 136 17.04 6.13 0.50
CA PHE A 136 17.13 4.77 -0.07
C PHE A 136 18.50 4.12 0.12
N GLY A 137 19.51 4.93 0.47
CA GLY A 137 20.86 4.46 0.60
C GLY A 137 21.85 5.31 -0.17
N MET A 138 21.40 5.97 -1.25
CA MET A 138 22.33 6.65 -2.15
C MET A 138 23.32 7.60 -1.45
N PRO A 139 24.63 7.29 -1.51
CA PRO A 139 25.66 7.91 -0.71
C PRO A 139 26.27 9.22 -1.26
N PHE A 140 25.44 10.22 -1.48
CA PHE A 140 25.91 11.57 -1.86
C PHE A 140 27.12 12.08 -1.07
N SER A 141 28.02 12.78 -1.79
CA SER A 141 29.15 13.50 -1.19
C SER A 141 28.62 14.56 -0.22
N ARG A 142 29.41 14.87 0.81
CA ARG A 142 28.85 15.54 2.00
C ARG A 142 29.40 16.93 2.38
N THR A 143 28.51 17.84 2.81
CA THR A 143 28.97 19.11 3.37
C THR A 143 29.40 18.88 4.81
N PRO A 144 30.22 19.80 5.37
CA PRO A 144 30.63 19.72 6.79
C PRO A 144 29.49 19.62 7.81
N GLU A 145 28.38 20.33 7.56
CA GLU A 145 27.13 20.20 8.35
C GLU A 145 26.47 18.83 8.14
N GLY A 146 26.96 18.08 7.16
CA GLY A 146 26.52 16.69 6.91
C GLY A 146 25.26 16.53 6.07
N LYS A 147 24.97 17.51 5.23
CA LYS A 147 23.91 17.39 4.21
C LYS A 147 24.50 17.13 2.82
N ILE A 148 23.62 16.94 1.84
CA ILE A 148 24.05 16.59 0.49
C ILE A 148 24.89 17.74 -0.07
N TYR A 149 26.01 17.36 -0.67
CA TYR A 149 26.86 18.34 -1.33
C TYR A 149 26.29 18.73 -2.68
N GLN A 150 26.51 19.97 -3.09
CA GLN A 150 26.09 20.38 -4.40
C GLN A 150 27.17 21.19 -5.12
N ARG A 151 27.32 20.91 -6.41
CA ARG A 151 28.21 21.66 -7.27
C ARG A 151 27.36 22.48 -8.22
N SER A 152 28.03 23.34 -8.98
CA SER A 152 27.37 24.18 -9.94
C SER A 152 27.45 23.49 -11.30
N PHE A 153 26.60 23.89 -12.23
CA PHE A 153 26.51 23.13 -13.46
C PHE A 153 26.15 24.00 -14.64
N GLY A 154 26.03 23.35 -15.80
CA GLY A 154 25.69 24.02 -17.04
C GLY A 154 24.34 24.70 -17.10
N GLY A 155 24.33 26.02 -16.89
CA GLY A 155 23.22 26.90 -17.23
C GLY A 155 22.18 27.20 -16.17
N GLN A 156 22.58 27.30 -14.91
CA GLN A 156 21.65 27.56 -13.79
C GLN A 156 22.04 28.78 -12.92
N SER A 157 21.03 29.34 -12.23
CA SER A 157 21.14 30.65 -11.56
C SER A 157 20.11 30.90 -10.44
N ASN A 158 20.57 31.47 -9.33
CA ASN A 158 19.67 31.97 -8.28
C ASN A 158 18.72 33.09 -8.78
N ASN A 159 17.71 33.46 -7.98
CA ASN A 159 16.78 34.56 -8.33
C ASN A 159 16.35 34.68 -9.79
N TYR A 160 15.31 33.94 -10.13
CA TYR A 160 14.67 33.99 -11.45
C TYR A 160 15.57 34.61 -12.54
N GLY A 161 16.84 34.21 -12.54
CA GLY A 161 17.77 34.66 -13.55
C GLY A 161 18.71 35.78 -13.14
N LYS A 162 18.27 36.67 -12.25
CA LYS A 162 19.12 37.78 -11.86
C LYS A 162 20.30 37.41 -10.96
N GLY A 163 20.01 36.68 -9.86
CA GLY A 163 20.99 36.31 -8.82
C GLY A 163 22.40 35.94 -9.23
N GLY A 164 22.84 34.74 -8.83
CA GLY A 164 24.20 34.28 -9.16
C GLY A 164 24.31 32.99 -10.00
N VAL A 165 25.48 32.35 -9.90
CA VAL A 165 25.67 31.00 -10.40
C VAL A 165 25.14 30.01 -9.35
N ALA A 166 24.22 29.14 -9.77
CA ALA A 166 23.53 28.24 -8.84
C ALA A 166 24.43 27.13 -8.31
N LYS A 167 24.08 26.62 -7.13
CA LYS A 167 24.67 25.38 -6.60
C LYS A 167 23.60 24.37 -6.19
N ARG A 168 22.98 23.77 -7.19
CA ARG A 168 21.79 22.93 -7.04
C ARG A 168 22.07 21.50 -7.38
N THR A 169 23.22 21.26 -7.99
CA THR A 169 23.54 19.95 -8.50
C THR A 169 24.08 19.03 -7.41
N CYS A 170 23.25 18.08 -6.98
CA CYS A 170 23.60 17.09 -5.95
C CYS A 170 24.32 15.93 -6.61
N CYS A 171 25.30 15.35 -5.90
CA CYS A 171 26.14 14.32 -6.50
C CYS A 171 26.91 13.34 -5.58
N VAL A 172 27.01 12.09 -6.02
CA VAL A 172 28.03 11.15 -5.54
C VAL A 172 29.28 11.42 -6.38
N ALA A 173 30.07 12.38 -5.87
CA ALA A 173 31.28 12.88 -6.51
C ALA A 173 31.16 13.04 -8.02
N ASP A 174 31.87 12.16 -8.68
CA ASP A 174 32.01 12.17 -10.11
C ASP A 174 30.99 11.25 -10.78
N ARG A 175 30.51 10.21 -10.07
CA ARG A 175 29.84 9.03 -10.65
C ARG A 175 28.39 8.85 -10.19
N THR A 176 27.51 9.76 -10.56
CA THR A 176 26.25 9.87 -9.84
C THR A 176 25.19 9.00 -10.47
N GLY A 177 25.13 8.98 -11.80
CA GLY A 177 24.28 8.02 -12.53
C GLY A 177 24.49 6.60 -12.06
N HIS A 178 25.76 6.19 -12.06
CA HIS A 178 26.15 4.88 -11.52
C HIS A 178 25.58 4.57 -10.13
N SER A 179 26.04 5.29 -9.13
CA SER A 179 25.56 5.16 -7.76
C SER A 179 24.05 5.32 -7.61
N MET A 180 23.44 6.22 -8.38
CA MET A 180 21.99 6.34 -8.33
C MET A 180 21.36 5.05 -8.78
N LEU A 181 21.75 4.61 -9.98
CA LEU A 181 21.18 3.42 -10.57
C LEU A 181 21.34 2.24 -9.64
N HIS A 182 22.52 2.05 -9.07
CA HIS A 182 22.72 0.90 -8.19
C HIS A 182 21.75 0.92 -6.98
N THR A 183 21.65 2.09 -6.35
CA THR A 183 20.78 2.29 -5.21
C THR A 183 19.37 1.94 -5.60
N LEU A 184 18.94 2.41 -6.75
CA LEU A 184 17.64 2.03 -7.20
C LEU A 184 17.59 0.52 -7.45
N TYR A 185 18.58 -0.06 -8.12
CA TYR A 185 18.45 -1.47 -8.44
C TYR A 185 18.38 -2.33 -7.18
N GLY A 186 19.23 -2.03 -6.19
CA GLY A 186 19.18 -2.69 -4.90
C GLY A 186 17.80 -2.54 -4.29
N ASN A 187 17.32 -1.32 -4.24
CA ASN A 187 16.05 -1.05 -3.62
C ASN A 187 14.89 -1.78 -4.25
N SER A 188 14.99 -2.06 -5.55
CA SER A 188 13.90 -2.72 -6.27
C SER A 188 13.79 -4.22 -5.95
N LEU A 189 14.78 -4.75 -5.22
CA LEU A 189 14.76 -6.14 -4.76
C LEU A 189 13.92 -6.34 -3.48
N ARG A 190 13.58 -5.23 -2.83
CA ARG A 190 12.77 -5.17 -1.61
C ARG A 190 11.27 -5.08 -1.90
N CYS A 191 10.90 -5.11 -3.18
CA CYS A 191 9.52 -4.86 -3.59
C CYS A 191 8.98 -5.85 -4.63
N HIS A 192 9.52 -7.06 -4.64
CA HIS A 192 8.94 -8.21 -5.37
C HIS A 192 8.40 -7.88 -6.76
N CYS A 193 9.27 -7.30 -7.57
CA CYS A 193 9.00 -7.11 -8.99
C CYS A 193 9.69 -8.28 -9.63
N THR A 194 9.10 -8.81 -10.69
CA THR A 194 9.64 -10.03 -11.30
C THR A 194 10.43 -9.69 -12.58
N PHE A 195 11.70 -10.05 -12.57
CA PHE A 195 12.74 -9.47 -13.47
C PHE A 195 13.05 -10.32 -14.70
N PHE A 196 12.71 -9.81 -15.87
CA PHE A 196 12.91 -10.58 -17.11
C PHE A 196 14.15 -10.11 -17.86
N ILE A 197 15.31 -10.52 -17.37
CA ILE A 197 16.58 -9.92 -17.74
C ILE A 197 17.21 -10.54 -18.97
N GLU A 198 17.69 -9.65 -19.84
CA GLU A 198 18.12 -9.97 -21.20
C GLU A 198 16.92 -10.62 -21.90
N TYR A 199 15.87 -9.82 -22.06
CA TYR A 199 14.73 -10.10 -22.90
C TYR A 199 14.63 -8.86 -23.75
N PHE A 200 14.55 -9.02 -25.07
CA PHE A 200 14.55 -7.91 -26.01
C PHE A 200 13.13 -7.58 -26.47
N ALA A 201 12.66 -6.32 -26.24
CA ALA A 201 11.25 -5.94 -26.54
C ALA A 201 11.02 -5.69 -28.01
N LEU A 202 10.02 -6.36 -28.55
CA LEU A 202 9.79 -6.40 -29.98
C LEU A 202 8.71 -5.42 -30.36
N ASP A 203 7.57 -5.50 -29.66
CA ASP A 203 6.46 -4.59 -29.88
C ASP A 203 5.52 -4.45 -28.68
N LEU A 204 4.80 -3.32 -28.62
CA LEU A 204 3.68 -3.15 -27.69
C LEU A 204 2.48 -3.91 -28.20
N LEU A 205 1.67 -4.43 -27.28
CA LEU A 205 0.42 -5.11 -27.65
C LEU A 205 -0.80 -4.18 -27.71
N MET A 206 -1.30 -3.98 -28.92
CA MET A 206 -2.37 -3.02 -29.15
C MET A 206 -3.68 -3.71 -29.45
N ASP A 207 -4.68 -3.41 -28.61
CA ASP A 207 -6.05 -3.79 -28.93
C ASP A 207 -6.96 -2.58 -29.17
N LYS A 208 -7.19 -2.29 -30.47
CA LYS A 208 -7.97 -1.16 -30.95
C LYS A 208 -7.62 0.13 -30.20
N GLY A 209 -6.33 0.49 -30.19
CA GLY A 209 -5.88 1.72 -29.52
C GLY A 209 -5.54 1.66 -28.03
N ARG A 210 -5.77 0.50 -27.41
CA ARG A 210 -5.46 0.28 -25.98
C ARG A 210 -4.16 -0.53 -25.90
N CYS A 211 -3.40 -0.37 -24.82
CA CYS A 211 -2.16 -1.12 -24.65
C CYS A 211 -2.28 -2.22 -23.59
N VAL A 212 -2.15 -3.46 -24.07
CA VAL A 212 -2.46 -4.67 -23.28
C VAL A 212 -1.24 -5.51 -22.90
N GLY A 213 -0.06 -5.00 -23.26
CA GLY A 213 1.19 -5.66 -22.92
C GLY A 213 2.34 -5.43 -23.90
N VAL A 214 3.33 -6.31 -23.81
CA VAL A 214 4.55 -6.24 -24.61
C VAL A 214 4.86 -7.65 -25.13
N ILE A 215 5.53 -7.72 -26.28
CA ILE A 215 6.06 -8.98 -26.74
C ILE A 215 7.57 -8.85 -26.83
N ALA A 216 8.30 -9.70 -26.10
CA ALA A 216 9.76 -9.67 -26.08
C ALA A 216 10.47 -10.99 -26.47
N LEU A 217 11.70 -10.88 -26.93
CA LEU A 217 12.55 -12.05 -27.11
C LEU A 217 13.38 -12.34 -25.86
N CYS A 218 13.46 -13.62 -25.49
CA CYS A 218 14.26 -14.07 -24.35
C CYS A 218 15.56 -14.69 -24.86
N LEU A 219 16.62 -13.89 -24.81
CA LEU A 219 17.91 -14.23 -25.40
C LEU A 219 18.50 -15.54 -24.89
N GLU A 220 18.34 -15.80 -23.59
CA GLU A 220 18.98 -16.95 -22.96
C GLU A 220 18.57 -18.30 -23.55
N ASP A 221 17.41 -18.38 -24.21
CA ASP A 221 16.95 -19.67 -24.72
C ASP A 221 16.14 -19.70 -26.02
N GLY A 222 15.80 -18.56 -26.61
CA GLY A 222 15.11 -18.59 -27.90
C GLY A 222 13.62 -18.30 -27.80
N THR A 223 13.05 -18.52 -26.61
CA THR A 223 11.62 -18.31 -26.34
C THR A 223 11.10 -16.87 -26.46
N ILE A 224 9.88 -16.78 -26.98
CA ILE A 224 9.13 -15.54 -27.25
C ILE A 224 8.08 -15.38 -26.16
N HIS A 225 8.05 -14.22 -25.50
CA HIS A 225 7.13 -14.02 -24.39
C HIS A 225 6.20 -12.87 -24.66
N ARG A 226 4.91 -13.17 -24.80
CA ARG A 226 3.87 -12.15 -24.71
C ARG A 226 3.52 -11.89 -23.22
N PHE A 227 3.64 -10.63 -22.81
CA PHE A 227 3.22 -10.20 -21.48
C PHE A 227 1.88 -9.43 -21.59
N ARG A 228 0.85 -9.87 -20.86
CA ARG A 228 -0.39 -9.10 -20.77
C ARG A 228 -0.32 -8.29 -19.50
N SER A 229 -0.82 -7.06 -19.55
CA SER A 229 -0.84 -6.16 -18.39
C SER A 229 -1.94 -5.13 -18.53
N LYS A 230 -2.39 -4.57 -17.42
CA LYS A 230 -3.26 -3.39 -17.45
C LYS A 230 -2.52 -2.14 -17.96
N ARG A 231 -1.28 -1.98 -17.49
CA ARG A 231 -0.44 -0.86 -17.91
C ARG A 231 0.91 -1.36 -18.39
N THR A 232 1.36 -0.74 -19.47
CA THR A 232 2.74 -0.80 -19.92
C THR A 232 3.43 0.50 -19.58
N ILE A 233 4.72 0.47 -19.26
CA ILE A 233 5.49 1.71 -19.20
C ILE A 233 6.71 1.58 -20.08
N VAL A 234 6.77 2.39 -21.14
CA VAL A 234 7.96 2.42 -22.00
C VAL A 234 8.97 3.38 -21.41
N ALA A 235 10.06 2.85 -20.86
CA ALA A 235 11.10 3.66 -20.19
C ALA A 235 12.46 3.17 -20.63
N THR A 236 12.70 3.25 -21.95
CA THR A 236 13.74 2.48 -22.64
C THR A 236 14.95 3.29 -23.04
N GLY A 237 14.95 4.58 -22.71
CA GLY A 237 16.09 5.48 -22.95
C GLY A 237 16.38 5.82 -24.40
N GLY A 238 17.37 6.71 -24.59
CA GLY A 238 17.68 7.39 -25.86
C GLY A 238 18.12 6.61 -27.10
N TYR A 239 18.52 7.36 -28.13
CA TYR A 239 19.01 6.80 -29.38
C TYR A 239 20.28 7.44 -29.92
N GLY A 240 21.32 7.54 -29.10
CA GLY A 240 22.55 8.15 -29.60
C GLY A 240 23.19 7.40 -30.75
N ARG A 241 23.28 6.09 -30.59
CA ARG A 241 23.90 5.24 -31.60
C ARG A 241 23.45 5.54 -33.04
N ALA A 242 22.37 6.31 -33.21
CA ALA A 242 21.99 6.81 -34.52
C ALA A 242 23.10 7.62 -35.22
N TYR A 243 23.95 8.24 -34.43
CA TYR A 243 25.00 9.07 -35.00
C TYR A 243 26.31 8.32 -34.99
N PHE A 244 27.19 8.66 -35.92
CA PHE A 244 28.48 8.00 -35.96
C PHE A 244 29.26 8.21 -34.63
N SER A 245 29.05 9.33 -33.96
CA SER A 245 29.74 9.52 -32.70
C SER A 245 28.85 10.06 -31.58
N CYS A 246 28.91 9.42 -30.41
CA CYS A 246 28.07 9.85 -29.27
C CYS A 246 28.67 9.46 -27.91
N THR A 247 28.11 10.01 -26.82
CA THR A 247 28.58 9.67 -25.47
C THR A 247 27.91 8.45 -24.91
N THR A 248 26.71 8.17 -25.44
CA THR A 248 25.85 7.04 -25.03
C THR A 248 26.43 5.61 -25.15
N ALA A 249 25.68 4.65 -24.60
CA ALA A 249 25.97 3.24 -24.69
C ALA A 249 25.81 2.69 -26.10
N HIS A 250 26.53 1.62 -26.41
CA HIS A 250 26.22 0.76 -27.58
C HIS A 250 24.75 0.31 -27.55
N MET A 251 24.10 0.59 -26.43
CA MET A 251 22.85 -0.03 -26.10
C MET A 251 21.67 0.93 -26.24
N ASN A 252 21.97 2.12 -26.76
CA ASN A 252 20.97 3.16 -26.98
C ASN A 252 20.52 3.18 -28.41
N THR A 253 19.50 2.41 -28.69
CA THR A 253 19.09 2.29 -30.07
C THR A 253 17.66 2.79 -30.27
N GLY A 254 17.11 3.45 -29.24
CA GLY A 254 15.72 3.91 -29.27
C GLY A 254 14.73 2.83 -29.70
N ASP A 255 14.85 1.67 -29.07
CA ASP A 255 13.92 0.60 -29.32
C ASP A 255 12.52 0.99 -28.82
N GLY A 256 12.44 1.78 -27.77
CA GLY A 256 11.13 2.16 -27.24
C GLY A 256 10.36 3.04 -28.19
N THR A 257 11.06 4.01 -28.79
CA THR A 257 10.48 4.96 -29.74
C THR A 257 10.05 4.20 -30.97
N ALA A 258 10.85 3.20 -31.32
CA ALA A 258 10.51 2.28 -32.38
C ALA A 258 9.19 1.56 -32.06
N LEU A 259 9.05 1.08 -30.82
CA LEU A 259 7.82 0.44 -30.34
C LEU A 259 6.57 1.35 -30.36
N ALA A 260 6.79 2.64 -30.09
CA ALA A 260 5.74 3.65 -30.16
C ALA A 260 5.37 3.83 -31.62
N THR A 261 6.35 4.22 -32.46
CA THR A 261 6.10 4.46 -33.89
C THR A 261 5.27 3.32 -34.39
N ARG A 262 5.76 2.12 -34.08
CA ARG A 262 5.28 0.87 -34.64
C ARG A 262 3.87 0.54 -34.19
N ALA A 263 3.47 1.02 -33.01
CA ALA A 263 2.10 0.85 -32.55
C ALA A 263 1.23 2.08 -32.86
N GLY A 264 1.65 2.83 -33.89
CA GLY A 264 0.87 3.96 -34.43
C GLY A 264 0.93 5.27 -33.65
N ILE A 265 1.87 5.38 -32.71
CA ILE A 265 2.02 6.61 -31.96
C ILE A 265 3.02 7.49 -32.69
N ALA A 266 2.72 8.76 -32.91
CA ALA A 266 3.73 9.69 -33.39
C ALA A 266 4.60 10.24 -32.25
N LEU A 267 5.88 10.42 -32.56
CA LEU A 267 6.91 10.90 -31.64
C LEU A 267 7.09 12.37 -31.84
N GLU A 268 7.41 13.09 -30.76
CA GLU A 268 7.63 14.52 -30.88
C GLU A 268 9.06 15.01 -30.62
N ASP A 269 9.37 16.15 -31.25
CA ASP A 269 10.60 16.92 -31.02
C ASP A 269 11.87 16.15 -31.32
N LEU A 270 11.76 15.10 -32.12
CA LEU A 270 12.92 14.28 -32.44
C LEU A 270 14.09 15.11 -32.95
N GLU A 271 13.82 16.30 -33.47
CA GLU A 271 14.87 17.09 -34.10
C GLU A 271 15.86 17.71 -33.10
N PHE A 272 15.52 17.68 -31.82
CA PHE A 272 16.35 18.30 -30.78
C PHE A 272 17.34 17.36 -30.07
N ILE A 273 18.41 17.03 -30.78
CA ILE A 273 19.51 16.21 -30.27
C ILE A 273 20.46 17.10 -29.49
N GLN A 274 20.60 16.82 -28.19
CA GLN A 274 21.54 17.54 -27.37
C GLN A 274 22.93 17.12 -27.76
N PHE A 275 23.76 18.11 -28.08
CA PHE A 275 25.20 17.94 -28.24
C PHE A 275 25.90 18.34 -26.96
N HIS A 276 26.56 17.39 -26.32
CA HIS A 276 27.29 17.71 -25.10
C HIS A 276 28.64 18.29 -25.51
N PRO A 277 28.99 19.46 -24.91
CA PRO A 277 30.19 20.21 -25.17
C PRO A 277 31.47 19.38 -25.16
N THR A 278 31.59 18.46 -24.21
CA THR A 278 32.89 17.83 -23.95
C THR A 278 32.89 16.30 -24.01
N GLY A 279 32.98 15.75 -25.21
CA GLY A 279 33.30 14.34 -25.40
C GLY A 279 34.77 14.23 -25.75
N ILE A 280 35.49 13.29 -25.13
CA ILE A 280 36.88 13.04 -25.52
C ILE A 280 36.94 12.89 -27.03
N TYR A 281 37.83 13.67 -27.63
CA TYR A 281 37.95 13.82 -29.08
C TYR A 281 37.95 12.52 -29.91
N GLY A 282 38.82 11.59 -29.55
CA GLY A 282 38.92 10.34 -30.31
C GLY A 282 37.70 9.41 -30.20
N VAL A 283 37.36 9.03 -28.97
CA VAL A 283 36.40 7.96 -28.70
C VAL A 283 35.03 8.48 -28.37
N GLY A 284 35.01 9.63 -27.69
CA GLY A 284 33.74 10.28 -27.34
C GLY A 284 33.15 9.85 -26.01
N CYS A 285 34.01 9.36 -25.12
CA CYS A 285 33.69 9.24 -23.69
C CYS A 285 33.35 10.61 -23.16
N LEU A 286 32.54 10.67 -22.11
CA LEU A 286 32.11 11.98 -21.66
C LEU A 286 32.88 12.49 -20.46
N ILE A 287 33.44 13.69 -20.60
CA ILE A 287 34.03 14.39 -19.48
C ILE A 287 32.96 15.31 -18.91
N THR A 288 32.50 15.04 -17.69
CA THR A 288 31.32 15.72 -17.16
C THR A 288 31.33 17.25 -17.11
N GLU A 289 30.17 17.84 -17.35
CA GLU A 289 29.96 19.26 -17.17
C GLU A 289 30.32 19.71 -15.72
N GLY A 290 30.40 18.73 -14.82
CA GLY A 290 30.81 18.97 -13.45
C GLY A 290 32.19 19.58 -13.37
N SER A 291 33.11 19.03 -14.16
CA SER A 291 34.49 19.49 -14.22
C SER A 291 34.57 20.98 -14.51
N ARG A 292 33.55 21.51 -15.21
CA ARG A 292 33.36 22.95 -15.44
C ARG A 292 32.82 23.65 -14.19
N GLY A 293 31.63 23.24 -13.76
CA GLY A 293 31.02 23.83 -12.58
C GLY A 293 31.82 23.67 -11.30
N GLU A 294 33.00 23.08 -11.40
CA GLU A 294 33.89 22.95 -10.25
C GLU A 294 35.07 23.94 -10.35
N GLY A 295 35.28 24.52 -11.54
CA GLY A 295 36.44 25.37 -11.81
C GLY A 295 37.03 25.40 -13.24
N GLY A 296 36.99 24.27 -13.94
CA GLY A 296 37.64 24.10 -15.23
C GLY A 296 37.02 24.94 -16.32
N PHE A 297 37.77 25.17 -17.39
CA PHE A 297 37.26 25.94 -18.53
C PHE A 297 37.77 25.45 -19.89
N LEU A 298 37.15 25.97 -20.94
CA LEU A 298 37.56 25.69 -22.33
C LEU A 298 38.66 26.63 -22.80
N VAL A 299 39.57 26.10 -23.62
CA VAL A 299 40.62 26.89 -24.26
C VAL A 299 40.78 26.57 -25.78
N ASN A 300 41.00 27.62 -26.59
CA ASN A 300 41.25 27.52 -28.03
C ASN A 300 42.74 27.53 -28.30
N SER A 301 43.13 27.34 -29.56
CA SER A 301 44.55 27.24 -29.91
C SER A 301 45.33 28.55 -29.72
N GLU A 302 44.64 29.62 -29.30
CA GLU A 302 45.32 30.86 -28.92
C GLU A 302 45.46 30.96 -27.41
N GLY A 303 45.07 29.91 -26.72
CA GLY A 303 45.11 29.89 -25.26
C GLY A 303 44.17 30.90 -24.67
N GLU A 304 43.09 31.18 -25.38
CA GLU A 304 42.08 32.13 -24.93
C GLU A 304 40.91 31.40 -24.26
N ARG A 305 40.41 31.94 -23.14
CA ARG A 305 39.15 31.47 -22.55
C ARG A 305 37.94 31.94 -23.36
N PHE A 306 37.77 31.41 -24.57
CA PHE A 306 36.80 31.99 -25.50
C PHE A 306 35.35 31.99 -25.06
N MET A 307 35.05 31.31 -23.97
CA MET A 307 33.68 31.29 -23.45
C MET A 307 33.30 32.59 -22.78
N GLU A 308 34.29 33.39 -22.38
CA GLU A 308 34.04 34.77 -21.95
C GLU A 308 33.42 35.60 -23.07
N ARG A 309 33.72 35.20 -24.30
CA ARG A 309 33.26 35.91 -25.51
C ARG A 309 31.85 35.53 -25.92
N TYR A 310 31.56 34.23 -25.90
CA TYR A 310 30.28 33.75 -26.35
C TYR A 310 29.22 33.87 -25.26
N ALA A 311 29.66 33.97 -24.01
CA ALA A 311 28.72 34.14 -22.90
C ALA A 311 29.34 34.94 -21.76
N PRO A 312 29.33 36.28 -21.88
CA PRO A 312 29.98 37.17 -20.91
C PRO A 312 29.57 36.88 -19.45
N LYS A 313 28.26 36.79 -19.21
CA LYS A 313 27.68 36.40 -17.91
C LYS A 313 28.11 34.99 -17.41
N ALA A 314 27.61 33.94 -18.08
CA ALA A 314 27.76 32.54 -17.63
C ALA A 314 29.13 31.92 -17.85
N LYS A 315 29.86 32.45 -18.84
CA LYS A 315 31.21 31.99 -19.18
C LYS A 315 31.21 30.51 -19.59
N ASP A 316 31.92 29.66 -18.87
CA ASP A 316 31.94 28.25 -19.25
C ASP A 316 30.72 27.48 -18.75
N LEU A 317 29.91 28.12 -17.92
CA LEU A 317 28.65 27.51 -17.47
C LEU A 317 27.39 27.99 -18.21
N ALA A 318 27.52 28.27 -19.50
CA ALA A 318 26.36 28.41 -20.39
C ALA A 318 25.72 27.05 -20.72
N SER A 319 24.51 27.09 -21.25
CA SER A 319 23.81 25.87 -21.67
C SER A 319 24.56 25.16 -22.79
N ARG A 320 24.50 23.84 -22.79
CA ARG A 320 25.26 23.02 -23.73
C ARG A 320 24.95 23.33 -25.20
N ASP A 321 23.71 23.68 -25.54
CA ASP A 321 23.40 24.04 -26.93
C ASP A 321 24.27 25.21 -27.36
N VAL A 322 24.40 26.21 -26.47
CA VAL A 322 25.25 27.40 -26.67
C VAL A 322 26.74 27.03 -26.60
N VAL A 323 27.20 26.52 -25.46
CA VAL A 323 28.61 26.20 -25.25
C VAL A 323 29.18 25.36 -26.40
N SER A 324 28.29 24.59 -27.02
CA SER A 324 28.72 23.68 -28.04
C SER A 324 28.94 24.39 -29.35
N ARG A 325 27.94 25.08 -29.87
CA ARG A 325 28.11 25.95 -31.03
C ARG A 325 29.35 26.85 -30.87
N ALA A 326 29.49 27.46 -29.68
CA ALA A 326 30.67 28.24 -29.30
C ALA A 326 31.97 27.51 -29.63
N GLU A 327 32.12 26.28 -29.17
CA GLU A 327 33.26 25.44 -29.55
C GLU A 327 33.33 25.18 -31.04
N THR A 328 32.16 24.97 -31.66
CA THR A 328 32.15 24.53 -33.07
C THR A 328 32.55 25.66 -34.01
N ILE A 329 32.36 26.90 -33.55
CA ILE A 329 32.79 28.06 -34.31
C ILE A 329 34.31 28.20 -34.21
N GLU A 330 34.81 28.44 -33.00
CA GLU A 330 36.24 28.45 -32.72
C GLU A 330 37.04 27.48 -33.60
N ILE A 331 36.46 26.30 -33.87
CA ILE A 331 37.02 25.32 -34.82
C ILE A 331 36.95 25.82 -36.28
N MET A 332 35.72 26.00 -36.76
CA MET A 332 35.41 26.48 -38.10
C MET A 332 36.30 27.64 -38.51
N GLU A 333 36.67 28.47 -37.54
CA GLU A 333 37.41 29.72 -37.81
C GLU A 333 38.92 29.63 -37.51
N GLY A 334 39.47 28.41 -37.51
CA GLY A 334 40.92 28.20 -37.38
C GLY A 334 41.55 28.17 -36.00
N ARG A 335 40.78 28.52 -34.96
CA ARG A 335 41.24 28.47 -33.57
C ARG A 335 41.16 27.07 -32.92
N GLY A 336 40.90 26.05 -33.76
CA GLY A 336 40.88 24.63 -33.35
C GLY A 336 42.22 24.12 -32.86
N VAL A 337 42.17 23.18 -31.91
CA VAL A 337 43.37 22.73 -31.20
C VAL A 337 43.76 21.31 -31.69
N GLY A 338 45.00 20.90 -31.44
CA GLY A 338 45.46 19.55 -31.85
C GLY A 338 46.36 19.45 -33.07
N PRO A 339 46.82 18.22 -33.40
CA PRO A 339 47.36 17.87 -34.74
C PRO A 339 46.57 18.39 -35.96
N GLU A 340 45.26 18.15 -36.04
CA GLU A 340 44.51 18.64 -37.23
C GLU A 340 43.76 19.96 -36.99
N LYS A 341 43.94 20.56 -35.81
CA LYS A 341 43.23 21.79 -35.41
C LYS A 341 41.70 21.64 -35.40
N ASP A 342 41.18 20.65 -34.68
CA ASP A 342 39.77 20.27 -34.87
C ASP A 342 39.01 19.85 -33.60
N HIS A 343 39.65 19.99 -32.46
CA HIS A 343 38.95 19.92 -31.19
C HIS A 343 39.37 21.11 -30.36
N ILE A 344 38.80 21.28 -29.16
CA ILE A 344 39.37 22.24 -28.21
C ILE A 344 39.85 21.53 -26.95
N TYR A 345 40.34 22.31 -25.99
CA TYR A 345 40.87 21.76 -24.75
C TYR A 345 39.97 22.10 -23.57
N LEU A 346 39.58 21.10 -22.79
CA LEU A 346 39.07 21.40 -21.46
C LEU A 346 40.27 21.36 -20.51
N GLN A 347 40.43 22.44 -19.76
CA GLN A 347 41.55 22.57 -18.88
C GLN A 347 41.11 22.60 -17.41
N LEU A 348 41.69 21.69 -16.61
CA LEU A 348 41.40 21.59 -15.18
C LEU A 348 42.67 21.67 -14.36
N HIS A 349 43.81 21.49 -15.02
CA HIS A 349 45.10 21.38 -14.32
C HIS A 349 45.43 22.50 -13.32
N HIS A 350 44.88 23.70 -13.56
CA HIS A 350 45.03 24.81 -12.63
C HIS A 350 44.45 24.52 -11.23
N LEU A 351 43.44 23.63 -11.16
CA LEU A 351 42.75 23.26 -9.91
C LEU A 351 43.59 22.43 -8.92
N PRO A 352 43.33 22.61 -7.60
CA PRO A 352 44.08 21.85 -6.57
C PRO A 352 43.99 20.30 -6.68
N ALA A 353 45.14 19.65 -6.54
CA ALA A 353 45.24 18.17 -6.58
C ALA A 353 44.11 17.49 -5.80
N GLU A 354 43.94 17.86 -4.53
CA GLU A 354 42.87 17.32 -3.68
C GLU A 354 41.45 17.39 -4.29
N GLN A 355 41.07 18.57 -4.79
CA GLN A 355 39.70 18.80 -5.28
C GLN A 355 39.41 17.97 -6.52
N LEU A 356 40.39 17.92 -7.43
CA LEU A 356 40.31 17.08 -8.61
C LEU A 356 40.03 15.62 -8.24
N HIS A 357 40.71 15.12 -7.20
CA HIS A 357 40.52 13.75 -6.74
C HIS A 357 39.23 13.52 -5.94
N GLN A 358 38.84 14.47 -5.10
CA GLN A 358 37.60 14.22 -4.35
C GLN A 358 36.34 14.61 -5.11
N ARG A 359 36.45 15.54 -6.04
CA ARG A 359 35.28 16.02 -6.74
C ARG A 359 35.11 15.47 -8.18
N LEU A 360 36.19 14.93 -8.77
CA LEU A 360 36.15 14.36 -10.13
C LEU A 360 37.06 13.15 -10.38
N PRO A 361 36.96 12.11 -9.52
CA PRO A 361 37.94 11.02 -9.60
C PRO A 361 37.78 10.13 -10.85
N GLY A 362 36.55 10.00 -11.35
CA GLY A 362 36.25 9.02 -12.38
C GLY A 362 36.54 9.47 -13.80
N ILE A 363 36.65 10.78 -13.98
CA ILE A 363 37.11 11.36 -15.24
C ILE A 363 38.62 11.44 -15.27
N SER A 364 39.24 11.78 -14.13
CA SER A 364 40.70 11.72 -13.99
C SER A 364 41.18 10.39 -14.58
N GLU A 365 40.55 9.30 -14.17
CA GLU A 365 40.93 7.98 -14.67
C GLU A 365 40.49 7.74 -16.13
N THR A 366 39.33 8.20 -16.57
CA THR A 366 38.99 7.93 -17.95
C THR A 366 39.67 8.85 -19.00
N ALA A 367 40.07 10.05 -18.58
CA ALA A 367 40.92 10.93 -19.38
C ALA A 367 42.25 10.25 -19.68
N LYS A 368 42.84 9.67 -18.64
CA LYS A 368 44.08 8.92 -18.70
C LYS A 368 44.04 7.65 -19.57
N ILE A 369 42.97 6.86 -19.49
CA ILE A 369 42.90 5.57 -20.20
C ILE A 369 42.74 5.77 -21.71
N PHE A 370 41.91 6.77 -22.07
CA PHE A 370 41.45 7.00 -23.45
C PHE A 370 42.16 8.12 -24.20
N ALA A 371 42.54 9.17 -23.51
CA ALA A 371 43.26 10.24 -24.14
C ALA A 371 44.57 10.52 -23.43
N GLY A 372 45.32 9.47 -23.11
CA GLY A 372 46.60 9.57 -22.40
C GLY A 372 46.86 10.68 -21.37
N VAL A 373 45.83 11.43 -20.95
CA VAL A 373 46.00 12.69 -20.18
C VAL A 373 45.99 12.64 -18.62
N ASP A 374 47.03 13.22 -18.01
CA ASP A 374 47.03 13.48 -16.58
C ASP A 374 46.39 14.85 -16.31
N VAL A 375 45.21 14.86 -15.73
CA VAL A 375 44.43 16.10 -15.61
C VAL A 375 44.96 17.13 -14.62
N THR A 376 46.08 16.85 -13.95
CA THR A 376 46.70 17.86 -13.09
C THR A 376 47.80 18.64 -13.81
N LYS A 377 48.14 18.19 -15.00
CA LYS A 377 49.33 18.63 -15.68
C LYS A 377 49.04 19.03 -17.13
N GLU A 378 48.04 18.39 -17.74
CA GLU A 378 47.61 18.68 -19.12
C GLU A 378 46.08 18.79 -19.27
N PRO A 379 45.61 19.28 -20.44
CA PRO A 379 44.19 19.45 -20.68
C PRO A 379 43.57 18.24 -21.35
N ILE A 380 42.27 18.05 -21.20
CA ILE A 380 41.63 16.95 -21.90
C ILE A 380 41.22 17.46 -23.29
N PRO A 381 41.60 16.71 -24.35
CA PRO A 381 41.10 16.99 -25.70
C PRO A 381 39.63 16.66 -25.75
N VAL A 382 38.80 17.65 -26.06
CA VAL A 382 37.35 17.48 -26.12
C VAL A 382 36.72 18.13 -27.37
N ILE A 383 35.53 17.65 -27.73
CA ILE A 383 34.78 18.09 -28.90
C ILE A 383 33.32 17.70 -28.66
N PRO A 384 32.37 18.62 -28.97
CA PRO A 384 30.96 18.29 -28.78
C PRO A 384 30.55 16.91 -29.33
N THR A 385 29.73 16.21 -28.53
CA THR A 385 29.26 14.86 -28.89
C THR A 385 27.74 14.69 -28.71
N VAL A 386 27.12 13.96 -29.65
CA VAL A 386 25.68 13.66 -29.57
C VAL A 386 25.49 12.96 -28.25
N HIS A 387 24.51 13.40 -27.48
CA HIS A 387 24.53 13.06 -26.05
C HIS A 387 23.20 12.68 -25.41
N TYR A 388 22.14 13.38 -25.77
CA TYR A 388 20.89 13.23 -25.05
C TYR A 388 19.79 13.48 -26.06
N ASN A 389 18.60 12.95 -25.80
CA ASN A 389 17.49 13.13 -26.68
C ASN A 389 16.36 13.79 -25.94
N MET A 390 16.09 15.08 -26.16
CA MET A 390 14.92 15.66 -25.46
C MET A 390 13.69 14.98 -26.01
N GLY A 391 13.70 14.80 -27.34
CA GLY A 391 12.67 14.04 -28.06
C GLY A 391 12.26 12.69 -27.49
N GLY A 392 11.10 12.24 -27.93
CA GLY A 392 10.54 10.99 -27.45
C GLY A 392 9.04 10.80 -27.66
N ILE A 393 8.51 9.82 -26.95
CA ILE A 393 7.11 9.51 -27.06
C ILE A 393 6.40 10.60 -26.26
N PRO A 394 5.50 11.35 -26.92
CA PRO A 394 4.67 12.38 -26.28
C PRO A 394 3.91 11.85 -25.06
N THR A 395 3.67 12.71 -24.08
CA THR A 395 2.96 12.34 -22.85
C THR A 395 2.51 13.63 -22.16
N ASN A 396 1.37 13.57 -21.48
CA ASN A 396 0.89 14.70 -20.70
C ASN A 396 1.69 14.78 -19.41
N TYR A 397 1.39 15.77 -18.56
CA TYR A 397 2.12 15.97 -17.29
C TYR A 397 2.11 14.73 -16.41
N LYS A 398 1.17 13.83 -16.69
CA LYS A 398 0.98 12.63 -15.89
C LYS A 398 1.86 11.49 -16.34
N ALA A 399 2.52 11.69 -17.49
CA ALA A 399 3.39 10.69 -18.15
C ALA A 399 2.60 9.59 -18.85
N GLN A 400 1.46 9.95 -19.42
CA GLN A 400 0.60 9.00 -20.12
C GLN A 400 0.76 9.30 -21.60
N VAL A 401 1.11 8.29 -22.38
CA VAL A 401 1.41 8.49 -23.81
C VAL A 401 0.21 9.09 -24.55
N ILE A 402 0.47 9.97 -25.51
CA ILE A 402 -0.60 10.71 -26.19
C ILE A 402 -0.43 10.80 -27.72
N LYS A 403 -1.55 10.59 -28.43
CA LYS A 403 -1.70 10.95 -29.86
C LYS A 403 -2.41 12.31 -29.93
N TYR A 404 -2.22 13.07 -31.02
CA TYR A 404 -2.77 14.41 -31.07
C TYR A 404 -3.36 14.82 -32.42
N THR A 405 -4.63 15.24 -32.37
CA THR A 405 -5.33 15.86 -33.52
C THR A 405 -5.48 17.39 -33.36
N LYS A 406 -5.31 18.13 -34.46
CA LYS A 406 -5.64 19.55 -34.52
C LYS A 406 -7.04 19.87 -33.90
N GLU A 407 -8.09 19.22 -34.42
CA GLU A 407 -9.50 19.48 -34.05
C GLU A 407 -9.92 18.98 -32.66
N GLY A 408 -9.55 17.75 -32.30
CA GLY A 408 -10.01 17.16 -31.04
C GLY A 408 -8.96 17.00 -29.96
N GLY A 409 -8.29 18.10 -29.60
CA GLY A 409 -7.26 18.16 -28.54
C GLY A 409 -6.19 17.09 -28.63
N ASP A 410 -5.73 16.59 -27.47
CA ASP A 410 -4.85 15.41 -27.45
C ASP A 410 -5.41 14.20 -26.69
N LYS A 411 -5.61 13.12 -27.44
CA LYS A 411 -6.16 11.84 -26.92
C LYS A 411 -5.13 11.04 -26.11
N ILE A 412 -5.51 10.68 -24.88
CA ILE A 412 -4.71 9.82 -24.02
C ILE A 412 -4.64 8.47 -24.74
N VAL A 413 -3.57 7.70 -24.54
CA VAL A 413 -3.53 6.28 -25.03
C VAL A 413 -3.68 5.32 -23.84
N PRO A 414 -4.82 4.59 -23.77
CA PRO A 414 -5.17 3.90 -22.54
C PRO A 414 -4.21 2.76 -22.33
N GLY A 415 -3.79 2.59 -21.07
CA GLY A 415 -2.88 1.50 -20.70
C GLY A 415 -1.40 1.86 -20.82
N LEU A 416 -1.09 2.84 -21.68
CA LEU A 416 0.28 3.25 -21.96
C LEU A 416 0.77 4.45 -21.16
N TYR A 417 1.97 4.31 -20.62
CA TYR A 417 2.69 5.39 -19.98
C TYR A 417 4.10 5.32 -20.57
N ALA A 418 4.85 6.41 -20.51
CA ALA A 418 6.26 6.41 -20.93
C ALA A 418 7.00 7.41 -20.10
N CYS A 419 8.24 7.12 -19.72
CA CYS A 419 9.02 8.07 -18.94
C CYS A 419 10.54 7.93 -19.14
N GLY A 420 11.32 8.78 -18.47
CA GLY A 420 12.75 8.87 -18.72
C GLY A 420 13.05 9.45 -20.09
N GLU A 421 14.24 9.20 -20.61
CA GLU A 421 14.72 9.84 -21.83
C GLU A 421 13.97 9.43 -23.11
N CYS A 422 13.40 8.23 -23.14
CA CYS A 422 12.60 7.83 -24.30
C CYS A 422 11.30 8.62 -24.49
N ALA A 423 10.81 9.20 -23.38
CA ALA A 423 9.59 10.02 -23.33
C ALA A 423 9.79 11.45 -23.86
N CYS A 424 8.67 12.13 -24.13
CA CYS A 424 8.64 13.59 -24.27
C CYS A 424 7.42 14.18 -23.57
N HIS A 425 7.51 14.33 -22.25
CA HIS A 425 6.53 15.17 -21.56
C HIS A 425 6.95 16.59 -21.89
N SER A 426 8.14 16.67 -22.51
CA SER A 426 8.99 17.86 -22.66
C SER A 426 9.05 18.76 -21.46
N VAL A 427 9.85 18.27 -20.48
CA VAL A 427 10.39 19.10 -19.42
C VAL A 427 11.65 19.79 -19.98
N HIS A 428 12.03 19.41 -21.20
CA HIS A 428 13.33 19.82 -21.78
C HIS A 428 13.27 20.75 -22.99
N GLY A 429 12.07 21.00 -23.48
CA GLY A 429 11.89 21.85 -24.63
C GLY A 429 12.84 21.45 -25.74
N ALA A 430 13.71 22.40 -26.10
CA ALA A 430 14.60 22.26 -27.23
C ALA A 430 16.03 22.08 -26.77
N ASN A 431 16.22 22.04 -25.45
CA ASN A 431 17.55 21.99 -24.86
C ASN A 431 17.48 21.53 -23.40
N ARG A 432 18.07 20.36 -23.12
CA ARG A 432 18.03 19.80 -21.78
C ARG A 432 18.87 20.60 -20.78
N LEU A 433 18.49 20.58 -19.51
CA LEU A 433 19.36 21.17 -18.54
C LEU A 433 20.36 20.15 -17.97
N GLY A 434 21.59 20.58 -17.74
CA GLY A 434 22.56 19.73 -17.05
C GLY A 434 21.97 19.27 -15.73
N ALA A 435 21.98 17.96 -15.50
CA ALA A 435 21.57 17.36 -14.21
C ALA A 435 20.06 17.32 -14.00
N ASN A 436 19.32 17.55 -15.09
CA ASN A 436 17.88 17.45 -15.05
C ASN A 436 17.40 16.16 -15.64
N SER A 437 18.26 15.34 -16.25
CA SER A 437 17.73 14.07 -16.79
C SER A 437 17.66 12.92 -15.76
N LEU A 438 18.69 12.75 -14.94
CA LEU A 438 18.58 11.88 -13.77
C LEU A 438 17.35 12.21 -12.90
N LEU A 439 16.92 13.47 -12.95
CA LEU A 439 15.74 13.95 -12.23
C LEU A 439 14.45 13.59 -12.96
N ASP A 440 14.33 14.07 -14.19
CA ASP A 440 13.23 13.72 -15.09
C ASP A 440 12.92 12.22 -15.18
N ALA A 441 13.91 11.38 -14.84
CA ALA A 441 13.72 9.93 -14.82
C ALA A 441 13.14 9.51 -13.48
N VAL A 442 13.92 9.71 -12.42
CA VAL A 442 13.49 9.53 -11.04
C VAL A 442 12.10 10.12 -10.75
N VAL A 443 11.88 11.38 -11.12
CA VAL A 443 10.62 12.04 -10.77
C VAL A 443 9.39 11.48 -11.51
N PHE A 444 9.49 11.37 -12.84
CA PHE A 444 8.36 10.89 -13.66
C PHE A 444 8.15 9.39 -13.61
N GLY A 445 9.21 8.65 -13.29
CA GLY A 445 9.07 7.25 -12.90
C GLY A 445 8.16 7.18 -11.69
N ARG A 446 8.58 7.82 -10.59
CA ARG A 446 7.77 7.98 -9.38
C ARG A 446 6.37 8.47 -9.77
N ALA A 447 6.30 9.47 -10.65
CA ALA A 447 5.00 9.92 -11.16
C ALA A 447 4.22 8.89 -11.98
N CYS A 448 4.83 7.76 -12.35
CA CYS A 448 4.07 6.70 -13.05
C CYS A 448 3.29 5.84 -12.04
N SER A 449 4.00 5.39 -11.01
CA SER A 449 3.47 4.55 -9.97
C SER A 449 2.40 5.27 -9.15
N ILE A 450 2.66 6.54 -8.83
CA ILE A 450 1.71 7.42 -8.13
C ILE A 450 0.46 7.55 -8.97
N ASN A 451 0.64 7.82 -10.25
CA ASN A 451 -0.51 8.00 -11.12
C ASN A 451 -1.24 6.70 -11.48
N ILE A 452 -0.57 5.56 -11.36
CA ILE A 452 -1.29 4.30 -11.53
C ILE A 452 -2.02 3.89 -10.24
N LYS A 453 -1.29 3.81 -9.13
CA LYS A 453 -1.90 3.57 -7.81
C LYS A 453 -3.24 4.30 -7.69
N GLU A 454 -3.24 5.59 -8.03
CA GLU A 454 -4.41 6.45 -8.00
C GLU A 454 -5.58 5.89 -8.81
N GLU A 455 -5.32 5.56 -10.07
CA GLU A 455 -6.41 5.27 -11.01
C GLU A 455 -6.56 3.81 -11.51
N LEU A 456 -5.75 2.89 -10.98
CA LEU A 456 -5.95 1.48 -11.29
C LEU A 456 -6.80 0.81 -10.19
N LYS A 457 -8.10 0.71 -10.45
CA LYS A 457 -9.06 0.13 -9.53
C LYS A 457 -8.89 -1.39 -9.56
N PRO A 458 -8.86 -2.03 -8.37
CA PRO A 458 -8.63 -3.49 -8.31
C PRO A 458 -9.80 -4.35 -8.85
N ASP A 459 -10.75 -3.69 -9.55
CA ASP A 459 -11.81 -4.38 -10.31
C ASP A 459 -11.33 -4.69 -11.73
N GLU A 460 -10.87 -3.65 -12.47
CA GLU A 460 -10.42 -3.81 -13.86
C GLU A 460 -9.43 -4.95 -13.95
N LYS A 461 -9.91 -6.10 -14.44
CA LYS A 461 -9.11 -7.31 -14.60
C LYS A 461 -8.09 -7.19 -15.76
N ILE A 462 -6.96 -7.89 -15.63
CA ILE A 462 -5.94 -7.94 -16.67
C ILE A 462 -6.57 -8.13 -18.05
N PRO A 463 -6.26 -7.22 -19.01
CA PRO A 463 -6.83 -7.43 -20.33
C PRO A 463 -6.52 -8.81 -20.82
N GLU A 464 -7.43 -9.37 -21.59
CA GLU A 464 -7.14 -10.57 -22.36
C GLU A 464 -6.32 -10.13 -23.58
N LEU A 465 -5.66 -11.08 -24.24
CA LEU A 465 -4.95 -10.79 -25.47
C LEU A 465 -5.91 -11.01 -26.63
N PRO A 466 -5.80 -10.22 -27.71
CA PRO A 466 -6.60 -10.51 -28.90
C PRO A 466 -6.03 -11.69 -29.69
N GLU A 467 -6.83 -12.27 -30.58
CA GLU A 467 -6.33 -13.33 -31.45
C GLU A 467 -5.25 -12.76 -32.39
N GLY A 468 -4.29 -13.59 -32.77
CA GLY A 468 -3.17 -13.14 -33.60
C GLY A 468 -2.15 -12.32 -32.83
N ALA A 469 -2.41 -12.16 -31.53
CA ALA A 469 -1.62 -11.30 -30.62
C ALA A 469 -0.10 -11.24 -30.86
N GLY A 470 0.35 -10.17 -31.53
CA GLY A 470 1.77 -9.91 -31.79
C GLY A 470 2.45 -10.89 -32.72
N GLU A 471 1.74 -11.31 -33.76
CA GLU A 471 2.23 -12.31 -34.70
C GLU A 471 3.26 -11.74 -35.66
N GLU A 472 2.96 -10.56 -36.19
CA GLU A 472 3.82 -9.87 -37.17
C GLU A 472 5.14 -9.39 -36.53
N SER A 473 5.18 -9.44 -35.20
CA SER A 473 6.41 -9.17 -34.47
C SER A 473 7.38 -10.35 -34.54
N ILE A 474 6.85 -11.58 -34.37
CA ILE A 474 7.68 -12.79 -34.54
C ILE A 474 8.00 -13.03 -36.03
N ALA A 475 7.13 -12.52 -36.89
CA ALA A 475 7.26 -12.65 -38.35
C ALA A 475 8.38 -11.79 -38.88
N ASN A 476 8.67 -10.72 -38.14
CA ASN A 476 9.76 -9.86 -38.50
C ASN A 476 11.07 -10.50 -38.10
N LEU A 477 11.16 -10.84 -36.81
CA LEU A 477 12.27 -11.61 -36.23
C LEU A 477 12.70 -12.71 -37.21
N ASP A 478 11.75 -13.56 -37.60
CA ASP A 478 11.98 -14.70 -38.49
C ASP A 478 12.66 -14.32 -39.82
N ALA A 479 12.13 -13.27 -40.46
CA ALA A 479 12.66 -12.79 -41.72
C ALA A 479 13.98 -12.07 -41.51
N VAL A 480 14.09 -11.31 -40.42
CA VAL A 480 15.35 -10.62 -40.08
C VAL A 480 16.43 -11.63 -39.72
N ARG A 481 16.02 -12.71 -39.06
CA ARG A 481 16.88 -13.80 -38.59
C ARG A 481 17.41 -14.64 -39.76
N TYR A 482 16.55 -14.95 -40.72
CA TYR A 482 17.00 -15.65 -41.91
C TYR A 482 17.40 -14.74 -43.07
N ALA A 483 17.39 -13.43 -42.82
CA ALA A 483 17.71 -12.38 -43.80
C ALA A 483 18.92 -12.68 -44.68
N ASN A 484 18.67 -12.88 -45.98
CA ASN A 484 19.69 -13.34 -46.93
C ASN A 484 20.34 -12.28 -47.84
N GLY A 485 19.84 -11.05 -47.81
CA GLY A 485 20.35 -9.97 -48.66
C GLY A 485 21.86 -9.88 -48.86
N ASP A 486 22.32 -8.73 -49.33
CA ASP A 486 23.73 -8.55 -49.68
C ASP A 486 24.28 -7.28 -49.08
N VAL A 487 23.54 -6.71 -48.12
CA VAL A 487 24.10 -5.68 -47.26
C VAL A 487 24.00 -6.09 -45.78
N PRO A 488 25.17 -6.38 -45.16
CA PRO A 488 25.23 -6.80 -43.79
C PRO A 488 24.80 -5.68 -42.89
N THR A 489 23.89 -6.03 -41.99
CA THR A 489 23.50 -5.19 -40.88
C THR A 489 24.62 -4.19 -40.47
N ALA A 490 25.82 -4.68 -40.16
CA ALA A 490 26.98 -3.85 -39.81
C ALA A 490 27.29 -2.65 -40.69
N GLU A 491 27.01 -2.78 -41.99
CA GLU A 491 27.26 -1.74 -43.03
C GLU A 491 26.14 -0.70 -43.15
N LEU A 492 24.90 -1.18 -43.17
CA LEU A 492 23.74 -0.31 -43.20
C LEU A 492 23.82 0.72 -42.08
N ARG A 493 23.91 0.23 -40.82
CA ARG A 493 24.09 1.04 -39.60
C ARG A 493 25.20 2.06 -39.72
N LEU A 494 26.36 1.62 -40.18
CA LEU A 494 27.47 2.54 -40.28
C LEU A 494 27.08 3.75 -41.14
N THR A 495 26.57 3.51 -42.34
CA THR A 495 26.34 4.66 -43.22
C THR A 495 25.17 5.49 -42.72
N MET A 496 24.27 4.88 -41.96
CA MET A 496 23.25 5.70 -41.32
C MET A 496 23.87 6.54 -40.19
N GLN A 497 24.92 6.05 -39.55
CA GLN A 497 25.57 6.77 -38.47
C GLN A 497 26.41 7.87 -39.06
N LYS A 498 27.10 7.53 -40.14
CA LYS A 498 28.03 8.43 -40.77
C LYS A 498 27.28 9.52 -41.52
N THR A 499 26.10 9.21 -42.06
CA THR A 499 25.35 10.24 -42.75
C THR A 499 24.66 11.16 -41.78
N MET A 500 23.81 10.62 -40.91
CA MET A 500 23.19 11.39 -39.83
C MET A 500 24.11 12.42 -39.16
N GLN A 501 25.39 12.11 -39.10
CA GLN A 501 26.40 12.98 -38.50
C GLN A 501 26.78 14.17 -39.36
N LYS A 502 26.78 13.98 -40.68
CA LYS A 502 27.19 15.03 -41.63
C LYS A 502 26.05 16.00 -41.91
N HIS A 503 24.82 15.50 -41.80
CA HIS A 503 23.66 16.22 -42.27
C HIS A 503 22.78 16.75 -41.15
N ALA A 504 22.63 15.98 -40.07
CA ALA A 504 21.88 16.44 -38.91
C ALA A 504 22.86 16.85 -37.81
N GLY A 505 23.94 17.54 -38.19
CA GLY A 505 25.00 17.98 -37.28
C GLY A 505 24.61 19.07 -36.29
N VAL A 506 25.61 19.63 -35.62
CA VAL A 506 25.43 20.77 -34.71
C VAL A 506 24.79 21.97 -35.39
N PHE A 507 25.41 22.46 -36.46
CA PHE A 507 24.83 23.52 -37.30
C PHE A 507 24.25 22.92 -38.55
N ARG A 508 23.02 23.29 -38.90
CA ARG A 508 22.34 22.67 -40.04
C ARG A 508 21.86 23.69 -41.08
N ARG A 509 21.79 23.27 -42.34
CA ARG A 509 21.32 24.12 -43.45
C ARG A 509 20.41 23.30 -44.39
N GLY A 510 19.38 23.96 -44.94
CA GLY A 510 18.33 23.31 -45.73
C GLY A 510 18.76 22.50 -46.94
N ASP A 511 19.85 22.93 -47.59
CA ASP A 511 20.35 22.27 -48.80
C ASP A 511 21.15 20.99 -48.52
N ILE A 512 21.76 20.94 -47.32
CA ILE A 512 22.41 19.73 -46.77
C ILE A 512 21.36 18.82 -46.12
N LEU A 513 20.43 19.44 -45.41
CA LEU A 513 19.39 18.70 -44.72
C LEU A 513 18.51 17.94 -45.69
N ALA A 514 18.00 18.63 -46.72
CA ALA A 514 17.10 18.02 -47.71
C ALA A 514 17.87 17.04 -48.60
N GLU A 515 19.15 17.34 -48.81
CA GLU A 515 20.13 16.39 -49.34
C GLU A 515 20.08 15.13 -48.46
N GLY A 516 20.24 15.34 -47.14
CA GLY A 516 20.27 14.30 -46.11
C GLY A 516 19.02 13.47 -46.08
N VAL A 517 17.87 14.11 -45.96
CA VAL A 517 16.62 13.39 -45.96
C VAL A 517 16.52 12.44 -47.15
N LYS A 518 17.26 12.74 -48.23
CA LYS A 518 17.22 11.88 -49.43
C LYS A 518 18.00 10.60 -49.20
N LYS A 519 19.28 10.73 -48.86
CA LYS A 519 20.14 9.56 -48.54
C LYS A 519 19.47 8.62 -47.51
N MET A 520 19.03 9.24 -46.43
CA MET A 520 18.34 8.57 -45.35
C MET A 520 17.24 7.65 -45.87
N MET A 521 16.38 8.18 -46.74
CA MET A 521 15.19 7.47 -47.22
C MET A 521 15.53 6.42 -48.26
N ASP A 522 16.76 6.48 -48.75
CA ASP A 522 17.32 5.41 -49.54
C ASP A 522 17.79 4.27 -48.62
N LEU A 523 18.33 4.63 -47.46
CA LEU A 523 18.67 3.62 -46.46
C LEU A 523 17.49 2.80 -45.98
N SER A 524 16.35 3.42 -45.69
CA SER A 524 15.15 2.65 -45.32
C SER A 524 14.72 1.72 -46.47
N LYS A 525 15.27 1.95 -47.67
CA LYS A 525 15.10 1.00 -48.78
C LYS A 525 16.07 -0.17 -48.59
N GLU A 526 17.31 0.14 -48.21
CA GLU A 526 18.39 -0.85 -48.14
C GLU A 526 18.10 -1.93 -47.10
N LEU A 527 17.20 -1.63 -46.18
CA LEU A 527 16.71 -2.61 -45.22
C LEU A 527 16.13 -3.86 -45.87
N LYS A 528 15.72 -3.76 -47.13
CA LYS A 528 15.22 -4.94 -47.86
C LYS A 528 16.39 -5.82 -48.31
N ARG A 529 17.56 -5.22 -48.51
CA ARG A 529 18.76 -5.96 -48.88
C ARG A 529 19.65 -6.30 -47.67
N LEU A 530 19.00 -6.55 -46.51
CA LEU A 530 19.70 -6.80 -45.24
C LEU A 530 20.16 -8.23 -45.13
N LYS A 531 21.43 -8.42 -44.83
CA LYS A 531 21.99 -9.76 -44.70
C LYS A 531 22.38 -10.02 -43.25
N THR A 532 21.94 -11.14 -42.71
CA THR A 532 22.46 -11.59 -41.43
C THR A 532 23.15 -12.94 -41.63
N THR A 533 23.79 -13.45 -40.58
CA THR A 533 24.54 -14.70 -40.65
C THR A 533 24.13 -15.64 -39.52
N ASP A 534 24.41 -15.26 -38.28
CA ASP A 534 24.01 -16.05 -37.13
C ASP A 534 22.55 -16.34 -37.21
N ARG A 535 22.24 -17.60 -37.46
CA ARG A 535 20.89 -18.03 -37.72
C ARG A 535 20.23 -18.62 -36.47
N SER A 536 20.94 -18.59 -35.35
CA SER A 536 20.45 -19.19 -34.09
C SER A 536 19.49 -18.35 -33.25
N LEU A 537 18.87 -18.98 -32.27
CA LEU A 537 17.99 -18.27 -31.36
C LEU A 537 18.60 -17.98 -29.98
N ILE A 538 19.35 -18.94 -29.45
CA ILE A 538 19.93 -18.78 -28.11
C ILE A 538 21.03 -17.77 -28.24
N TRP A 539 20.82 -16.63 -27.57
CA TRP A 539 21.72 -15.49 -27.65
C TRP A 539 22.18 -15.21 -29.06
N ASN A 540 21.41 -14.39 -29.77
CA ASN A 540 21.85 -13.89 -31.05
C ASN A 540 22.15 -12.39 -31.09
N SER A 541 23.42 -12.06 -30.92
CA SER A 541 23.97 -10.72 -30.98
C SER A 541 23.69 -10.12 -32.35
N ASP A 542 24.09 -10.80 -33.43
CA ASP A 542 23.79 -10.39 -34.83
C ASP A 542 22.32 -9.99 -35.05
N LEU A 543 21.41 -10.84 -34.55
CA LEU A 543 19.97 -10.67 -34.70
C LEU A 543 19.42 -9.50 -33.91
N THR A 544 19.81 -9.37 -32.65
CA THR A 544 19.26 -8.27 -31.84
C THR A 544 19.79 -6.95 -32.38
N GLU A 545 21.08 -6.89 -32.66
CA GLU A 545 21.63 -5.73 -33.33
C GLU A 545 20.97 -5.35 -34.67
N SER A 546 20.46 -6.34 -35.42
CA SER A 546 19.64 -6.06 -36.63
C SER A 546 18.26 -5.54 -36.30
N LEU A 547 17.64 -6.08 -35.27
CA LEU A 547 16.37 -5.55 -34.79
C LEU A 547 16.57 -4.08 -34.41
N GLU A 548 17.74 -3.82 -33.82
CA GLU A 548 18.17 -2.51 -33.36
C GLU A 548 18.47 -1.58 -34.51
N LEU A 549 18.98 -2.11 -35.62
CA LEU A 549 19.18 -1.24 -36.78
C LEU A 549 17.84 -0.83 -37.39
N GLN A 550 16.85 -1.67 -37.17
CA GLN A 550 15.55 -1.45 -37.74
C GLN A 550 15.02 -0.30 -36.97
N ASN A 551 15.11 -0.44 -35.64
CA ASN A 551 14.62 0.55 -34.71
C ASN A 551 15.37 1.85 -34.86
N LEU A 552 16.68 1.76 -34.96
CA LEU A 552 17.45 2.98 -35.15
C LEU A 552 17.00 3.80 -36.36
N MET A 553 16.80 3.16 -37.51
CA MET A 553 16.38 3.87 -38.75
C MET A 553 15.13 4.70 -38.57
N LEU A 554 14.10 4.09 -37.97
CA LEU A 554 12.85 4.78 -37.72
C LEU A 554 13.18 6.03 -36.90
N ASN A 555 14.04 5.87 -35.91
CA ASN A 555 14.46 6.99 -35.09
C ASN A 555 15.20 8.06 -35.87
N ALA A 556 16.00 7.63 -36.83
CA ALA A 556 16.93 8.52 -37.44
C ALA A 556 16.20 9.25 -38.52
N THR A 557 15.47 8.52 -39.38
CA THR A 557 14.68 9.18 -40.43
C THR A 557 13.79 10.31 -39.89
N GLN A 558 12.84 9.98 -39.03
CA GLN A 558 11.99 10.97 -38.36
C GLN A 558 12.83 12.17 -37.85
N THR A 559 13.81 11.94 -36.98
CA THR A 559 14.83 12.97 -36.63
C THR A 559 15.20 13.89 -37.80
N ILE A 560 15.92 13.38 -38.79
CA ILE A 560 16.41 14.17 -39.94
C ILE A 560 15.37 14.99 -40.71
N VAL A 561 14.15 14.47 -40.89
CA VAL A 561 13.16 15.21 -41.67
C VAL A 561 12.51 16.31 -40.85
N ALA A 562 12.28 16.05 -39.58
CA ALA A 562 11.81 17.09 -38.68
C ALA A 562 12.91 18.15 -38.56
N ALA A 563 14.17 17.71 -38.51
CA ALA A 563 15.29 18.62 -38.44
C ALA A 563 15.25 19.52 -39.65
N GLU A 564 14.91 18.94 -40.80
CA GLU A 564 14.95 19.63 -42.09
C GLU A 564 13.85 20.71 -42.23
N ASN A 565 12.63 20.38 -41.81
CA ASN A 565 11.47 21.22 -42.07
C ASN A 565 11.32 22.36 -41.07
N ARG A 566 12.05 22.29 -39.97
CA ARG A 566 12.03 23.36 -39.00
C ARG A 566 12.95 24.44 -39.52
N LYS A 567 12.34 25.49 -40.07
CA LYS A 567 13.08 26.66 -40.52
C LYS A 567 13.22 27.69 -39.37
N GLU A 568 13.99 27.36 -38.35
CA GLU A 568 14.28 28.31 -37.30
C GLU A 568 15.51 27.86 -36.54
N SER A 569 15.87 28.60 -35.50
CA SER A 569 16.98 28.25 -34.64
C SER A 569 16.58 28.46 -33.18
N ARG A 570 16.39 27.34 -32.47
CA ARG A 570 15.92 27.27 -31.10
C ARG A 570 16.57 26.11 -30.37
N GLY A 571 16.99 26.34 -29.14
CA GLY A 571 17.73 25.33 -28.41
C GLY A 571 18.84 24.74 -29.27
N ALA A 572 18.96 23.40 -29.22
CA ALA A 572 20.01 22.67 -29.92
C ALA A 572 19.89 22.70 -31.44
N HIS A 573 18.69 22.95 -31.95
CA HIS A 573 18.46 23.09 -33.39
C HIS A 573 19.01 24.41 -33.90
N ALA A 574 20.02 24.35 -34.76
CA ALA A 574 20.59 25.58 -35.35
C ALA A 574 20.65 25.58 -36.88
N ARG A 575 19.64 26.19 -37.49
CA ARG A 575 19.67 26.48 -38.89
C ARG A 575 20.58 27.70 -39.05
N ASP A 576 21.59 27.55 -39.91
CA ASP A 576 22.43 28.66 -40.38
C ASP A 576 21.71 29.51 -41.40
N ASP A 577 20.59 29.01 -41.89
CA ASP A 577 19.84 29.69 -42.91
C ASP A 577 18.53 30.26 -42.35
N PHE A 578 18.17 29.92 -41.12
CA PHE A 578 17.05 30.59 -40.46
C PHE A 578 17.46 30.88 -39.04
N PRO A 579 18.50 31.71 -38.86
CA PRO A 579 19.23 31.90 -37.60
C PRO A 579 18.39 32.38 -36.42
N LYS A 580 17.23 32.95 -36.71
CA LYS A 580 16.36 33.51 -35.68
C LYS A 580 15.45 32.51 -34.96
N ARG A 581 14.91 32.90 -33.81
CA ARG A 581 13.92 32.08 -33.14
C ARG A 581 12.54 32.63 -33.47
N GLU A 582 11.74 31.81 -34.15
CA GLU A 582 10.44 32.24 -34.67
C GLU A 582 9.27 31.90 -33.75
N ASP A 583 8.83 32.87 -32.97
CA ASP A 583 7.70 32.67 -32.08
C ASP A 583 6.47 33.44 -32.58
N GLU A 584 5.36 33.32 -31.84
CA GLU A 584 4.12 34.05 -32.13
C GLU A 584 4.32 35.58 -32.10
N TYR A 585 5.11 36.06 -31.15
CA TYR A 585 5.52 37.45 -31.09
C TYR A 585 7.02 37.51 -31.32
N ASP A 586 7.53 38.72 -31.54
CA ASP A 586 8.99 38.95 -31.53
C ASP A 586 9.45 39.48 -30.17
N TYR A 587 9.90 38.58 -29.30
CA TYR A 587 10.16 38.93 -27.91
C TYR A 587 11.41 39.78 -27.66
N SER A 588 11.90 40.43 -28.72
CA SER A 588 13.03 41.39 -28.66
C SER A 588 12.59 42.84 -28.38
N LYS A 589 11.40 43.19 -28.90
CA LYS A 589 10.76 44.51 -28.76
C LYS A 589 9.87 44.59 -27.49
N PRO A 590 8.98 45.61 -27.39
CA PRO A 590 8.25 45.67 -26.11
C PRO A 590 6.98 44.81 -26.03
N ILE A 591 6.55 44.22 -27.15
CA ILE A 591 5.31 43.39 -27.22
C ILE A 591 4.03 44.23 -27.33
N GLU A 592 3.85 45.18 -26.42
CA GLU A 592 2.71 46.13 -26.42
C GLU A 592 2.55 46.85 -27.76
N GLY A 593 1.64 46.33 -28.59
CA GLY A 593 1.37 46.88 -29.92
C GLY A 593 1.90 45.99 -31.01
N GLN A 594 1.55 44.71 -30.94
CA GLN A 594 1.95 43.70 -31.92
C GLN A 594 0.82 42.73 -32.20
N THR A 595 0.73 42.24 -33.43
CA THR A 595 -0.21 41.16 -33.74
C THR A 595 0.42 39.79 -33.54
N LYS A 596 -0.33 38.89 -32.90
CA LYS A 596 0.03 37.48 -32.79
C LYS A 596 0.20 36.90 -34.20
N ARG A 597 1.37 36.34 -34.49
CA ARG A 597 1.51 35.58 -35.73
C ARG A 597 0.68 34.31 -35.54
N PRO A 598 -0.05 33.90 -36.59
CA PRO A 598 -0.90 32.71 -36.43
C PRO A 598 -0.09 31.41 -36.28
N PHE A 599 -0.65 30.42 -35.59
CA PHE A 599 0.02 29.14 -35.36
C PHE A 599 0.96 28.68 -36.50
N GLU A 600 0.41 28.62 -37.72
CA GLU A 600 1.11 28.06 -38.90
C GLU A 600 2.36 28.82 -39.37
N LYS A 601 2.47 30.08 -38.99
CA LYS A 601 3.58 30.92 -39.48
C LYS A 601 4.77 30.98 -38.53
N HIS A 602 4.52 30.92 -37.23
CA HIS A 602 5.61 30.79 -36.26
C HIS A 602 5.96 29.32 -35.96
N TRP A 603 7.00 29.12 -35.15
CA TRP A 603 7.54 27.78 -34.90
C TRP A 603 7.49 27.27 -33.46
N ARG A 604 7.01 28.08 -32.51
CA ARG A 604 6.91 27.63 -31.12
C ARG A 604 5.92 26.49 -30.93
N LYS A 605 6.29 25.34 -31.46
CA LYS A 605 5.42 24.18 -31.47
C LYS A 605 6.21 22.88 -31.51
N HIS A 606 5.73 21.90 -30.77
CA HIS A 606 6.28 20.56 -30.81
C HIS A 606 6.14 19.96 -32.20
N THR A 607 7.12 19.17 -32.62
CA THR A 607 7.11 18.56 -33.96
C THR A 607 6.72 17.09 -33.95
N LEU A 608 5.50 16.78 -34.37
CA LEU A 608 5.04 15.39 -34.40
C LEU A 608 5.32 14.70 -35.73
N THR A 609 6.12 13.64 -35.65
CA THR A 609 6.42 12.78 -36.79
C THR A 609 5.70 11.44 -36.65
N LYS A 610 4.72 11.26 -37.53
CA LYS A 610 4.05 9.99 -37.78
C LYS A 610 4.80 9.23 -38.89
N GLN A 611 5.07 7.95 -38.67
CA GLN A 611 5.69 7.09 -39.68
C GLN A 611 4.96 5.77 -39.90
N ASP A 612 4.94 5.32 -41.16
CA ASP A 612 4.53 3.96 -41.48
C ASP A 612 5.80 3.15 -41.51
N PRO A 613 5.89 2.14 -40.62
CA PRO A 613 7.08 1.30 -40.55
C PRO A 613 7.27 0.57 -41.87
N ARG A 614 6.23 -0.14 -42.30
CA ARG A 614 6.21 -0.81 -43.59
C ARG A 614 6.96 -0.02 -44.68
N THR A 615 6.52 1.22 -44.90
CA THR A 615 6.94 2.06 -46.03
C THR A 615 8.07 3.05 -45.73
N GLY A 616 8.17 3.46 -44.47
CA GLY A 616 9.12 4.48 -44.04
C GLY A 616 8.71 5.91 -44.35
N HIS A 617 7.43 6.13 -44.66
CA HIS A 617 6.99 7.47 -45.05
C HIS A 617 6.60 8.29 -43.82
N ILE A 618 7.16 9.50 -43.72
CA ILE A 618 6.83 10.41 -42.62
C ILE A 618 5.94 11.57 -43.07
N THR A 619 4.98 11.94 -42.22
CA THR A 619 4.23 13.17 -42.39
C THR A 619 4.34 13.98 -41.11
N LEU A 620 4.43 15.29 -41.22
CA LEU A 620 4.55 16.12 -40.02
C LEU A 620 3.21 16.54 -39.52
N ASP A 621 3.25 17.42 -38.52
CA ASP A 621 2.08 17.98 -37.84
C ASP A 621 2.68 18.68 -36.66
N TYR A 622 1.92 19.56 -36.03
CA TYR A 622 2.45 20.32 -34.92
C TYR A 622 1.47 20.45 -33.77
N ARG A 623 2.02 20.60 -32.57
CA ARG A 623 1.24 20.55 -31.33
C ARG A 623 1.62 21.72 -30.41
N PRO A 624 0.61 22.43 -29.85
CA PRO A 624 0.91 23.68 -29.15
C PRO A 624 1.68 23.46 -27.84
N VAL A 625 2.61 24.35 -27.54
CA VAL A 625 3.37 24.24 -26.31
C VAL A 625 2.54 24.70 -25.10
N ILE A 626 2.14 23.77 -24.22
CA ILE A 626 1.45 24.13 -22.97
C ILE A 626 2.20 25.18 -22.11
N ASP A 627 1.57 26.34 -21.92
CA ASP A 627 2.24 27.41 -21.20
C ASP A 627 1.77 27.53 -19.77
N LYS A 628 0.58 27.03 -19.48
CA LYS A 628 0.01 27.07 -18.13
C LYS A 628 0.91 26.34 -17.13
N THR A 629 1.04 26.83 -15.90
CA THR A 629 1.67 26.00 -14.87
C THR A 629 0.60 25.05 -14.30
N LEU A 630 0.94 24.30 -13.25
CA LEU A 630 0.01 23.32 -12.68
C LEU A 630 -0.96 23.99 -11.73
N ASP A 631 -0.45 24.99 -11.00
CA ASP A 631 -1.21 25.77 -10.02
C ASP A 631 -0.85 27.22 -10.28
N PRO A 632 -1.67 27.92 -11.08
CA PRO A 632 -1.40 29.32 -11.35
C PRO A 632 -1.26 30.10 -10.05
N ALA A 633 -1.78 29.51 -8.96
CA ALA A 633 -1.64 30.06 -7.61
C ALA A 633 -0.30 29.72 -6.93
N GLU A 634 0.25 28.54 -7.23
CA GLU A 634 1.50 28.05 -6.61
C GLU A 634 2.75 28.66 -7.25
N VAL A 635 2.70 28.84 -8.58
CA VAL A 635 3.84 29.33 -9.38
C VAL A 635 3.41 29.98 -10.72
N ASP A 636 4.12 31.04 -11.09
CA ASP A 636 3.78 31.91 -12.23
C ASP A 636 4.45 31.51 -13.55
N TRP A 637 3.63 31.14 -14.54
CA TRP A 637 4.14 30.87 -15.89
C TRP A 637 5.13 31.94 -16.36
N ILE A 638 6.17 31.49 -17.04
CA ILE A 638 7.29 32.36 -17.44
C ILE A 638 7.22 32.63 -18.94
N PRO A 639 6.73 33.83 -19.33
CA PRO A 639 6.51 34.12 -20.74
C PRO A 639 7.85 34.20 -21.50
N PRO A 640 7.86 33.78 -22.78
CA PRO A 640 9.11 33.68 -23.53
C PRO A 640 9.94 34.95 -23.42
N ILE A 641 11.27 34.80 -23.40
CA ILE A 641 12.16 35.94 -23.59
C ILE A 641 13.27 35.63 -24.62
N ILE A 642 14.15 36.57 -24.88
CA ILE A 642 15.31 36.30 -25.73
C ILE A 642 16.30 35.43 -24.96
N ARG A 643 16.88 34.42 -25.61
CA ARG A 643 17.77 33.49 -24.89
C ARG A 643 19.24 33.86 -24.97
N SER A 644 19.70 34.57 -23.94
CA SER A 644 21.09 34.92 -23.81
C SER A 644 21.61 34.31 -22.55
N TYR A 645 22.79 33.72 -22.63
CA TYR A 645 23.48 33.29 -21.41
C TYR A 645 24.66 34.21 -21.03
N LYS B 33 52.44 -4.39 -42.77
CA LYS B 33 51.40 -3.82 -41.85
C LYS B 33 51.03 -4.78 -40.69
N ARG B 34 51.10 -4.27 -39.45
CA ARG B 34 50.99 -5.11 -38.22
C ARG B 34 49.66 -5.88 -37.97
N ILE B 35 49.75 -7.21 -37.89
CA ILE B 35 48.58 -8.09 -37.74
C ILE B 35 48.58 -8.84 -36.41
N LYS B 36 47.65 -8.46 -35.51
CA LYS B 36 47.39 -9.17 -34.27
C LYS B 36 46.38 -10.31 -34.46
N THR B 37 46.78 -11.48 -34.00
CA THR B 37 45.94 -12.68 -33.97
C THR B 37 45.29 -12.87 -32.57
N PHE B 38 44.01 -13.18 -32.55
CA PHE B 38 43.35 -13.47 -31.30
C PHE B 38 42.93 -14.92 -31.27
N GLU B 39 42.78 -15.47 -30.08
CA GLU B 39 42.22 -16.79 -29.89
C GLU B 39 40.99 -16.65 -29.04
N ILE B 40 39.84 -16.77 -29.67
CA ILE B 40 38.60 -16.60 -28.93
C ILE B 40 37.92 -17.94 -28.61
N TYR B 41 37.53 -18.09 -27.35
CA TYR B 41 36.79 -19.23 -26.88
C TYR B 41 35.44 -19.27 -27.58
N ARG B 42 35.02 -20.44 -28.07
CA ARG B 42 33.76 -20.56 -28.84
C ARG B 42 32.87 -21.71 -28.40
N PHE B 43 31.56 -21.49 -28.40
CA PHE B 43 30.61 -22.56 -28.07
C PHE B 43 29.20 -22.28 -28.60
N ASN B 44 28.62 -23.27 -29.30
CA ASN B 44 27.27 -23.14 -29.83
C ASN B 44 26.33 -24.12 -29.15
N PRO B 45 25.44 -23.61 -28.28
CA PRO B 45 24.56 -24.49 -27.54
C PRO B 45 23.52 -25.10 -28.45
N GLU B 46 23.46 -24.59 -29.67
CA GLU B 46 22.36 -24.92 -30.55
C GLU B 46 22.73 -26.15 -31.36
N GLU B 47 24.03 -26.34 -31.58
CA GLU B 47 24.59 -27.49 -32.27
C GLU B 47 24.54 -28.80 -31.44
N PRO B 48 24.15 -29.95 -32.07
CA PRO B 48 24.05 -31.20 -31.30
C PRO B 48 25.41 -31.64 -30.71
N GLY B 49 25.46 -31.73 -29.37
CA GLY B 49 26.70 -32.00 -28.62
C GLY B 49 27.97 -31.32 -29.15
N ALA B 50 27.93 -30.00 -29.27
CA ALA B 50 29.13 -29.28 -29.67
C ALA B 50 30.02 -29.04 -28.45
N LYS B 51 31.33 -28.92 -28.69
CA LYS B 51 32.26 -28.68 -27.60
C LYS B 51 32.86 -27.28 -27.73
N PRO B 52 33.23 -26.66 -26.61
CA PRO B 52 33.98 -25.45 -26.73
C PRO B 52 35.18 -25.67 -27.61
N LYS B 53 35.43 -24.78 -28.55
CA LYS B 53 36.68 -24.76 -29.31
C LYS B 53 37.46 -23.45 -29.13
N LEU B 54 38.64 -23.38 -29.74
CA LEU B 54 39.41 -22.17 -29.73
C LEU B 54 39.64 -21.67 -31.14
N GLN B 55 39.14 -20.47 -31.43
CA GLN B 55 39.18 -19.89 -32.78
C GLN B 55 40.24 -18.76 -32.88
N LYS B 56 40.92 -18.72 -34.02
CA LYS B 56 41.98 -17.73 -34.23
C LYS B 56 41.45 -16.71 -35.22
N PHE B 57 41.60 -15.41 -34.93
CA PHE B 57 41.19 -14.35 -35.88
C PHE B 57 42.35 -13.39 -36.05
N ASP B 58 42.55 -12.87 -37.25
CA ASP B 58 43.59 -11.88 -37.48
C ASP B 58 42.96 -10.50 -37.60
N VAL B 59 43.59 -9.49 -36.97
CA VAL B 59 43.01 -8.16 -37.00
C VAL B 59 44.05 -7.12 -37.33
N ASP B 60 43.79 -6.32 -38.36
CA ASP B 60 44.80 -5.35 -38.77
C ASP B 60 44.85 -4.25 -37.74
N LEU B 61 45.93 -4.22 -36.96
CA LEU B 61 46.00 -3.31 -35.85
C LEU B 61 45.82 -1.84 -36.22
N ASP B 62 46.04 -1.48 -37.48
CA ASP B 62 45.94 -0.07 -37.94
C ASP B 62 44.59 0.30 -38.53
N LYS B 63 43.61 -0.58 -38.34
CA LYS B 63 42.24 -0.35 -38.78
C LYS B 63 41.31 -0.79 -37.66
N CYS B 64 41.82 -0.67 -36.44
CA CYS B 64 41.12 -1.07 -35.26
C CYS B 64 41.37 -0.03 -34.18
N GLY B 65 40.40 0.18 -33.30
CA GLY B 65 40.58 1.03 -32.11
C GLY B 65 41.66 0.48 -31.18
N THR B 66 41.88 1.16 -30.07
CA THR B 66 42.99 0.77 -29.23
C THR B 66 42.67 -0.43 -28.29
N MET B 67 41.43 -0.54 -27.84
CA MET B 67 41.06 -1.55 -26.83
C MET B 67 40.64 -2.91 -27.39
N VAL B 68 40.53 -3.90 -26.53
CA VAL B 68 40.24 -5.25 -26.99
C VAL B 68 38.84 -5.29 -27.58
N LEU B 69 37.89 -4.67 -26.89
CA LEU B 69 36.51 -4.64 -27.34
C LEU B 69 36.46 -4.19 -28.80
N ASP B 70 37.43 -3.39 -29.19
CA ASP B 70 37.41 -2.79 -30.48
C ASP B 70 37.76 -3.83 -31.52
N ALA B 71 38.74 -4.68 -31.19
CA ALA B 71 39.09 -5.82 -32.01
C ALA B 71 37.87 -6.71 -32.04
N LEU B 72 37.26 -6.87 -30.87
CA LEU B 72 36.12 -7.76 -30.70
C LEU B 72 34.91 -7.38 -31.52
N ILE B 73 34.68 -6.07 -31.65
CA ILE B 73 33.56 -5.55 -32.44
C ILE B 73 33.97 -5.50 -33.90
N LYS B 74 35.28 -5.48 -34.16
CA LYS B 74 35.75 -5.44 -35.53
C LYS B 74 35.52 -6.84 -36.11
N ILE B 75 35.92 -7.86 -35.37
CA ILE B 75 35.95 -9.18 -35.97
C ILE B 75 34.56 -9.79 -36.11
N LYS B 76 33.57 -9.12 -35.52
CA LYS B 76 32.20 -9.58 -35.61
C LYS B 76 31.50 -8.81 -36.69
N ASN B 77 32.04 -7.64 -37.00
CA ASN B 77 31.43 -6.80 -38.00
C ASN B 77 31.91 -7.22 -39.38
N GLU B 78 33.21 -7.45 -39.51
CA GLU B 78 33.86 -7.77 -40.78
C GLU B 78 34.01 -9.27 -41.12
N VAL B 79 34.52 -10.08 -40.19
CA VAL B 79 34.73 -11.54 -40.39
C VAL B 79 33.52 -12.42 -40.06
N ASP B 80 33.04 -12.35 -38.82
CA ASP B 80 32.12 -13.37 -38.30
C ASP B 80 31.07 -12.86 -37.35
N PRO B 81 29.93 -12.37 -37.87
CA PRO B 81 28.81 -11.93 -37.04
C PRO B 81 28.33 -12.90 -35.96
N THR B 82 28.87 -14.11 -35.90
CA THR B 82 28.38 -15.08 -34.92
C THR B 82 29.14 -14.93 -33.60
N LEU B 83 30.28 -14.23 -33.64
CA LEU B 83 31.05 -13.93 -32.42
C LEU B 83 30.21 -13.16 -31.45
N THR B 84 30.12 -13.64 -30.23
CA THR B 84 29.08 -13.20 -29.29
C THR B 84 29.72 -12.81 -27.96
N PHE B 85 29.37 -11.64 -27.44
CA PHE B 85 29.93 -11.15 -26.18
C PHE B 85 29.04 -10.03 -25.75
N ARG B 86 29.04 -9.74 -24.46
CA ARG B 86 28.22 -8.65 -23.94
C ARG B 86 29.01 -7.36 -24.00
N ARG B 87 28.34 -6.25 -24.27
CA ARG B 87 28.96 -4.93 -24.22
C ARG B 87 27.95 -3.78 -24.19
N SER B 88 28.25 -2.77 -23.38
CA SER B 88 27.48 -1.54 -23.40
C SER B 88 28.31 -0.26 -23.40
N CYS B 89 28.75 0.19 -22.24
CA CYS B 89 29.21 1.56 -22.12
C CYS B 89 30.41 1.97 -22.97
N ARG B 90 31.34 1.06 -23.20
CA ARG B 90 32.55 1.42 -23.98
C ARG B 90 33.54 2.39 -23.24
N GLU B 91 33.22 2.77 -22.00
CA GLU B 91 34.14 3.50 -21.11
C GLU B 91 34.45 2.76 -19.78
N GLY B 92 33.99 1.50 -19.68
CA GLY B 92 34.27 0.64 -18.54
C GLY B 92 33.60 0.98 -17.23
N ILE B 93 32.30 1.31 -17.30
CA ILE B 93 31.46 1.65 -16.14
C ILE B 93 30.21 0.74 -15.93
N CYS B 94 29.80 0.01 -16.94
CA CYS B 94 28.62 -0.81 -16.85
C CYS B 94 28.93 -2.21 -16.27
N GLY B 95 30.12 -2.72 -16.58
CA GLY B 95 30.49 -4.08 -16.22
C GLY B 95 30.26 -5.14 -17.28
N SER B 96 29.51 -4.86 -18.33
CA SER B 96 29.04 -5.94 -19.21
C SER B 96 30.14 -6.77 -19.88
N CYS B 97 31.22 -6.09 -20.24
CA CYS B 97 32.19 -6.64 -21.17
C CYS B 97 33.27 -7.41 -20.46
N ALA B 98 33.00 -7.79 -19.22
CA ALA B 98 33.97 -8.46 -18.40
C ALA B 98 34.28 -9.79 -19.09
N MET B 99 35.55 -10.20 -19.00
CA MET B 99 36.02 -11.46 -19.55
C MET B 99 37.50 -11.73 -19.24
N ASN B 100 37.98 -12.89 -19.66
CA ASN B 100 39.38 -13.26 -19.40
C ASN B 100 40.29 -13.05 -20.61
N ILE B 101 41.13 -12.01 -20.53
CA ILE B 101 41.98 -11.57 -21.62
C ILE B 101 43.43 -11.75 -21.18
N ALA B 102 44.15 -12.59 -21.91
CA ALA B 102 45.55 -12.93 -21.61
C ALA B 102 45.78 -13.37 -20.14
N GLY B 103 44.88 -14.22 -19.63
CA GLY B 103 45.05 -14.82 -18.32
C GLY B 103 44.36 -14.12 -17.17
N GLU B 104 43.90 -12.88 -17.38
CA GLU B 104 43.30 -12.09 -16.32
C GLU B 104 41.84 -11.69 -16.60
N ASN B 105 41.03 -11.69 -15.54
CA ASN B 105 39.68 -11.15 -15.66
C ASN B 105 39.75 -9.63 -15.61
N THR B 106 39.18 -9.01 -16.63
CA THR B 106 39.24 -7.58 -16.81
C THR B 106 38.14 -7.16 -17.77
N LEU B 107 37.99 -5.86 -17.98
CA LEU B 107 36.97 -5.39 -18.87
C LEU B 107 37.57 -5.20 -20.27
N ALA B 108 36.98 -5.83 -21.29
CA ALA B 108 37.42 -5.68 -22.68
C ALA B 108 37.59 -4.19 -23.12
N CYS B 109 36.48 -3.45 -23.16
CA CYS B 109 36.43 -2.00 -23.39
C CYS B 109 37.57 -1.10 -22.93
N ILE B 110 38.28 -1.46 -21.87
CA ILE B 110 39.34 -0.61 -21.37
C ILE B 110 40.59 -1.47 -21.20
N CYS B 111 40.61 -2.62 -21.88
CA CYS B 111 41.83 -3.40 -21.94
C CYS B 111 42.61 -3.12 -23.22
N ASN B 112 43.78 -2.48 -23.08
CA ASN B 112 44.65 -2.14 -24.22
C ASN B 112 45.10 -3.36 -24.98
N ILE B 113 45.04 -3.33 -26.30
CA ILE B 113 45.54 -4.46 -27.08
C ILE B 113 47.06 -4.53 -26.92
N ASP B 114 47.58 -5.75 -26.68
CA ASP B 114 49.03 -5.98 -26.64
C ASP B 114 49.58 -5.64 -28.02
N GLN B 115 50.24 -4.48 -28.08
CA GLN B 115 50.73 -3.87 -29.31
C GLN B 115 51.69 -4.75 -30.10
N ASN B 116 52.47 -5.52 -29.33
CA ASN B 116 53.38 -6.55 -29.81
C ASN B 116 52.66 -7.70 -30.54
N THR B 117 53.02 -7.95 -31.80
CA THR B 117 52.29 -8.92 -32.60
C THR B 117 52.91 -10.34 -32.71
N SER B 118 54.15 -10.51 -32.24
CA SER B 118 54.74 -11.85 -32.06
C SER B 118 53.98 -12.65 -30.97
N LYS B 119 53.44 -11.94 -29.96
CA LYS B 119 52.54 -12.51 -28.95
C LYS B 119 51.14 -12.71 -29.53
N THR B 120 50.60 -13.93 -29.37
CA THR B 120 49.17 -14.22 -29.67
C THR B 120 48.31 -14.17 -28.39
N THR B 121 47.29 -13.32 -28.39
CA THR B 121 46.43 -13.04 -27.21
C THR B 121 45.12 -13.89 -27.21
N LYS B 122 44.73 -14.41 -26.04
CA LYS B 122 43.52 -15.23 -25.98
C LYS B 122 42.44 -14.64 -25.10
N ILE B 123 41.22 -14.63 -25.64
CA ILE B 123 40.06 -14.17 -24.93
C ILE B 123 39.30 -15.44 -24.56
N TYR B 124 38.91 -15.51 -23.29
CA TYR B 124 38.19 -16.63 -22.71
C TYR B 124 37.11 -15.97 -21.87
N PRO B 125 36.02 -16.69 -21.54
CA PRO B 125 35.06 -16.08 -20.63
C PRO B 125 35.51 -16.13 -19.18
N LEU B 126 34.74 -15.47 -18.31
CA LEU B 126 34.96 -15.45 -16.85
C LEU B 126 35.16 -16.86 -16.30
N PRO B 127 36.33 -17.11 -15.65
CA PRO B 127 36.64 -18.46 -15.23
C PRO B 127 35.61 -19.08 -14.32
N HIS B 128 35.42 -20.37 -14.52
CA HIS B 128 34.46 -21.19 -13.78
C HIS B 128 32.96 -20.93 -13.93
N MET B 129 32.53 -20.10 -14.87
CA MET B 129 31.08 -19.93 -15.06
C MET B 129 30.51 -20.89 -16.10
N PHE B 130 29.22 -21.20 -15.99
CA PHE B 130 28.55 -21.97 -17.02
C PHE B 130 28.37 -21.07 -18.22
N VAL B 131 28.80 -21.49 -19.39
CA VAL B 131 28.72 -20.58 -20.53
C VAL B 131 27.35 -20.67 -21.23
N ILE B 132 26.76 -19.52 -21.55
CA ILE B 132 25.54 -19.50 -22.37
C ILE B 132 25.85 -19.70 -23.86
N LYS B 133 26.77 -18.89 -24.39
CA LYS B 133 27.23 -19.04 -25.76
C LYS B 133 28.46 -18.15 -25.90
N ASP B 134 29.52 -18.69 -26.49
CA ASP B 134 30.78 -17.95 -26.69
C ASP B 134 31.31 -17.27 -25.43
N LEU B 135 31.41 -15.96 -25.46
CA LEU B 135 32.01 -15.29 -24.36
C LEU B 135 30.98 -14.89 -23.30
N VAL B 136 29.74 -15.34 -23.46
CA VAL B 136 28.66 -14.92 -22.55
C VAL B 136 28.37 -15.95 -21.44
N PRO B 137 28.83 -15.70 -20.19
CA PRO B 137 28.51 -16.53 -18.98
C PRO B 137 27.05 -16.45 -18.51
N ASP B 138 26.53 -17.52 -17.92
CA ASP B 138 25.30 -17.41 -17.12
C ASP B 138 25.64 -16.66 -15.82
N MET B 139 25.03 -15.52 -15.67
CA MET B 139 25.49 -14.55 -14.74
C MET B 139 24.68 -14.60 -13.43
N ASN B 140 23.49 -15.21 -13.52
CA ASN B 140 22.46 -15.23 -12.48
C ASN B 140 22.79 -15.61 -11.04
N LEU B 141 23.64 -16.61 -10.83
CA LEU B 141 23.96 -17.06 -9.48
C LEU B 141 24.55 -15.90 -8.72
N PHE B 142 25.46 -15.22 -9.39
CA PHE B 142 26.16 -14.09 -8.87
C PHE B 142 25.15 -12.99 -8.60
N TYR B 143 24.14 -12.82 -9.44
CA TYR B 143 23.15 -11.76 -9.23
C TYR B 143 22.26 -12.01 -8.04
N ALA B 144 22.03 -13.28 -7.76
CA ALA B 144 21.09 -13.68 -6.73
C ALA B 144 21.83 -13.56 -5.41
N GLN B 145 23.03 -14.13 -5.34
CA GLN B 145 23.92 -13.93 -4.23
C GLN B 145 23.95 -12.43 -3.93
N TYR B 146 24.11 -11.59 -4.94
CA TYR B 146 23.96 -10.16 -4.74
C TYR B 146 22.64 -9.84 -4.06
N ALA B 147 21.54 -10.33 -4.61
CA ALA B 147 20.24 -10.06 -4.01
C ALA B 147 20.19 -10.43 -2.52
N SER B 148 20.82 -11.56 -2.19
CA SER B 148 20.79 -12.14 -0.85
C SER B 148 21.16 -11.18 0.28
N ILE B 149 22.04 -10.22 -0.01
CA ILE B 149 22.61 -9.38 1.03
C ILE B 149 21.65 -8.27 1.39
N GLN B 150 20.54 -8.20 0.66
CA GLN B 150 19.58 -7.10 0.78
C GLN B 150 20.34 -5.78 0.64
N PRO B 151 20.69 -5.38 -0.62
CA PRO B 151 21.61 -4.26 -0.84
C PRO B 151 20.88 -2.93 -0.84
N TRP B 152 20.06 -2.72 0.19
CA TRP B 152 19.28 -1.51 0.30
C TRP B 152 19.38 -1.00 1.72
N LEU B 153 18.80 0.15 2.00
CA LEU B 153 19.00 0.77 3.32
C LEU B 153 17.87 0.51 4.30
N GLN B 154 18.22 -0.04 5.44
CA GLN B 154 17.25 -0.28 6.50
C GLN B 154 17.58 0.52 7.76
N LYS B 155 16.53 0.95 8.45
CA LYS B 155 16.66 1.61 9.73
C LYS B 155 15.73 0.96 10.78
N LYS B 156 16.03 1.19 12.07
CA LYS B 156 15.23 0.62 13.19
C LYS B 156 13.92 1.39 13.45
N THR B 157 13.93 2.71 13.25
CA THR B 157 12.76 3.59 13.40
C THR B 157 12.31 4.05 12.01
N LYS B 158 11.24 3.44 11.48
CA LYS B 158 10.75 3.67 10.10
C LYS B 158 10.55 5.16 9.78
N ILE B 159 11.09 5.58 8.63
CA ILE B 159 11.22 7.00 8.30
C ILE B 159 10.09 7.48 7.39
N ASN B 160 9.66 8.74 7.55
CA ASN B 160 8.65 9.33 6.69
C ASN B 160 9.31 9.72 5.37
N LEU B 161 9.16 8.89 4.34
CA LEU B 161 10.09 8.89 3.20
C LEU B 161 10.80 10.19 2.77
N GLY B 162 10.24 11.01 1.89
CA GLY B 162 11.01 12.15 1.32
C GLY B 162 11.19 13.43 2.15
N GLU B 163 11.25 13.29 3.46
CA GLU B 163 10.97 14.43 4.36
C GLU B 163 12.22 15.16 4.88
N LYS B 164 13.30 14.41 5.11
CA LYS B 164 14.62 14.98 5.42
C LYS B 164 15.73 13.99 5.12
N GLN B 165 16.92 14.51 4.88
CA GLN B 165 18.08 13.68 4.60
C GLN B 165 18.58 13.11 5.90
N GLN B 166 19.18 11.93 5.89
CA GLN B 166 19.78 11.45 7.12
C GLN B 166 21.07 12.21 7.35
N TYR B 167 21.46 12.34 8.62
CA TYR B 167 22.77 12.88 8.92
C TYR B 167 23.81 11.81 8.69
N GLN B 168 24.79 12.17 7.86
CA GLN B 168 26.04 11.44 7.76
C GLN B 168 27.16 12.43 7.60
N SER B 169 28.21 12.26 8.41
CA SER B 169 29.31 13.21 8.40
C SER B 169 30.15 12.89 7.17
N ILE B 170 31.00 13.81 6.75
CA ILE B 170 31.82 13.53 5.57
C ILE B 170 32.73 12.35 5.91
N LYS B 171 33.32 12.39 7.10
CA LYS B 171 34.25 11.36 7.52
C LYS B 171 33.56 10.00 7.43
N GLU B 172 32.33 9.93 7.95
CA GLU B 172 31.51 8.71 7.91
C GLU B 172 31.28 8.19 6.49
N GLN B 173 31.00 9.09 5.53
CA GLN B 173 30.69 8.66 4.16
C GLN B 173 31.92 8.08 3.44
N GLU B 174 33.10 8.64 3.70
CA GLU B 174 34.32 8.20 3.00
C GLU B 174 34.72 6.78 3.34
N LYS B 175 34.06 6.22 4.36
CA LYS B 175 34.17 4.80 4.66
C LYS B 175 33.68 3.97 3.44
N LEU B 176 32.80 4.58 2.63
CA LEU B 176 32.23 3.99 1.44
C LEU B 176 33.08 4.16 0.17
N ASP B 177 34.07 5.06 0.19
CA ASP B 177 34.94 5.25 -0.97
C ASP B 177 35.71 3.98 -1.04
N GLY B 178 35.96 3.49 -2.25
CA GLY B 178 36.51 2.15 -2.45
C GLY B 178 35.45 1.04 -2.40
N LEU B 179 34.20 1.42 -2.12
CA LEU B 179 33.11 0.46 -1.95
C LEU B 179 31.87 0.70 -2.85
N TYR B 180 31.45 1.96 -3.06
CA TYR B 180 30.28 2.21 -3.91
C TYR B 180 30.69 2.09 -5.36
N GLU B 181 31.99 2.16 -5.61
CA GLU B 181 32.53 2.25 -6.96
C GLU B 181 32.30 0.98 -7.73
N CYS B 182 32.08 -0.13 -7.01
CA CYS B 182 31.90 -1.45 -7.64
C CYS B 182 30.89 -1.47 -8.79
N ILE B 183 31.28 -2.08 -9.90
CA ILE B 183 30.41 -2.13 -11.08
C ILE B 183 29.66 -3.47 -11.32
N LEU B 184 29.89 -4.42 -10.40
CA LEU B 184 29.30 -5.78 -10.40
C LEU B 184 29.70 -6.50 -11.68
N CYS B 185 30.97 -6.36 -12.01
CA CYS B 185 31.47 -6.84 -13.27
C CYS B 185 31.77 -8.32 -13.17
N ALA B 186 32.06 -8.73 -11.94
CA ALA B 186 32.29 -10.11 -11.51
C ALA B 186 33.68 -10.66 -11.76
N CYS B 187 34.65 -9.82 -12.11
CA CYS B 187 36.00 -10.34 -12.34
C CYS B 187 36.59 -10.87 -11.04
N CYS B 188 36.33 -10.17 -9.94
CA CYS B 188 36.93 -10.59 -8.68
C CYS B 188 36.45 -12.00 -8.37
N SER B 189 35.14 -12.20 -8.27
CA SER B 189 34.63 -13.53 -7.99
C SER B 189 35.21 -14.57 -8.97
N ALA B 190 35.08 -14.28 -10.26
CA ALA B 190 35.51 -15.20 -11.31
C ALA B 190 37.00 -15.50 -11.31
N SER B 191 37.73 -14.91 -10.38
CA SER B 191 39.16 -15.12 -10.34
C SER B 191 39.58 -15.84 -9.07
N CYS B 192 38.62 -16.16 -8.21
CA CYS B 192 38.93 -16.61 -6.88
C CYS B 192 38.61 -18.10 -6.72
N PRO B 193 39.67 -18.96 -6.66
CA PRO B 193 39.53 -20.40 -6.60
C PRO B 193 38.56 -20.91 -5.54
N SER B 194 38.40 -20.18 -4.43
CA SER B 194 37.39 -20.56 -3.45
C SER B 194 36.01 -20.55 -4.10
N TYR B 195 35.70 -19.45 -4.76
CA TYR B 195 34.45 -19.29 -5.47
C TYR B 195 34.37 -20.16 -6.72
N TRP B 196 35.49 -20.73 -7.15
CA TRP B 196 35.44 -21.62 -8.30
C TRP B 196 34.92 -22.95 -7.82
N TRP B 197 35.33 -23.35 -6.63
CA TRP B 197 34.93 -24.64 -6.05
C TRP B 197 33.59 -24.66 -5.29
N ASN B 198 33.01 -23.48 -5.06
CA ASN B 198 31.91 -23.33 -4.09
C ASN B 198 30.93 -22.20 -4.35
N ALA B 199 30.88 -21.78 -5.61
CA ALA B 199 30.07 -20.62 -5.99
C ALA B 199 28.66 -20.77 -5.44
N ASP B 200 28.33 -21.95 -4.93
CA ASP B 200 26.98 -22.20 -4.49
C ASP B 200 26.92 -21.88 -3.02
N LYS B 201 27.98 -22.21 -2.30
CA LYS B 201 27.96 -22.01 -0.86
C LYS B 201 28.76 -20.76 -0.38
N TYR B 202 29.96 -20.57 -0.94
CA TYR B 202 30.76 -19.35 -0.73
C TYR B 202 30.20 -18.18 -1.54
N LEU B 203 30.08 -17.01 -0.89
CA LEU B 203 29.44 -15.85 -1.50
C LEU B 203 30.36 -15.15 -2.46
N GLY B 204 31.66 -15.31 -2.31
CA GLY B 204 32.63 -14.69 -3.22
C GLY B 204 32.85 -13.19 -3.02
N PRO B 205 34.02 -12.67 -3.48
CA PRO B 205 34.52 -11.31 -3.17
C PRO B 205 33.57 -10.20 -3.54
N ALA B 206 33.00 -10.24 -4.76
CA ALA B 206 32.12 -9.18 -5.24
C ALA B 206 30.98 -8.95 -4.27
N VAL B 207 30.19 -9.99 -4.01
CA VAL B 207 29.10 -9.93 -3.01
C VAL B 207 29.49 -9.48 -1.55
N LEU B 208 30.66 -9.85 -1.06
CA LEU B 208 31.04 -9.58 0.34
C LEU B 208 31.43 -8.13 0.54
N MET B 209 32.42 -7.70 -0.22
CA MET B 209 32.75 -6.32 -0.44
C MET B 209 31.47 -5.53 -0.37
N GLN B 210 30.45 -5.96 -1.10
CA GLN B 210 29.18 -5.21 -1.12
C GLN B 210 28.41 -5.30 0.22
N ALA B 211 28.32 -6.50 0.76
CA ALA B 211 27.71 -6.69 2.05
C ALA B 211 28.35 -5.70 3.01
N TYR B 212 29.68 -5.63 2.98
CA TYR B 212 30.43 -4.68 3.83
C TYR B 212 30.14 -3.21 3.59
N ARG B 213 29.96 -2.83 2.33
CA ARG B 213 29.47 -1.50 1.97
C ARG B 213 28.20 -1.14 2.75
N TRP B 214 27.44 -2.14 3.14
CA TRP B 214 26.20 -1.90 3.88
C TRP B 214 26.30 -2.07 5.40
N ILE B 215 27.30 -2.83 5.85
CA ILE B 215 27.47 -2.93 7.28
C ILE B 215 28.32 -1.80 7.87
N ILE B 216 29.14 -1.11 7.06
CA ILE B 216 29.79 0.16 7.51
C ILE B 216 29.15 1.50 7.08
N ASP B 217 28.07 1.46 6.29
CA ASP B 217 27.33 2.68 5.96
C ASP B 217 26.63 3.12 7.23
N SER B 218 27.21 4.14 7.86
CA SER B 218 26.77 4.67 9.15
C SER B 218 25.27 5.00 9.27
N ARG B 219 24.55 4.94 8.17
CA ARG B 219 23.14 5.24 8.20
C ARG B 219 22.28 3.97 8.25
N ASP B 220 22.92 2.81 8.15
CA ASP B 220 22.20 1.53 8.16
C ASP B 220 22.12 0.90 9.57
N ASP B 221 20.94 0.42 9.96
CA ASP B 221 20.73 -0.09 11.31
C ASP B 221 20.69 -1.62 11.35
N SER B 222 21.58 -2.28 10.65
CA SER B 222 21.47 -3.75 10.49
C SER B 222 22.80 -4.46 10.56
N ALA B 223 23.87 -3.73 10.86
CA ALA B 223 25.16 -4.37 10.98
C ALA B 223 24.93 -5.77 11.56
N ALA B 224 24.20 -5.83 12.68
CA ALA B 224 23.90 -7.04 13.45
C ALA B 224 23.31 -8.20 12.67
N GLU B 225 22.14 -7.99 12.05
CA GLU B 225 21.48 -9.06 11.31
C GLU B 225 22.00 -9.24 9.90
N ARG B 226 22.86 -8.31 9.46
CA ARG B 226 23.61 -8.46 8.20
C ARG B 226 24.72 -9.46 8.45
N LEU B 227 25.57 -9.19 9.43
CA LEU B 227 26.63 -10.11 9.80
C LEU B 227 26.09 -11.53 10.12
N ALA B 228 24.89 -11.59 10.71
CA ALA B 228 24.19 -12.84 11.04
C ALA B 228 23.81 -13.70 9.84
N ARG B 229 23.61 -13.06 8.70
CA ARG B 229 23.28 -13.74 7.45
C ARG B 229 24.44 -14.55 6.88
N MET B 230 25.67 -14.26 7.31
CA MET B 230 26.87 -14.90 6.76
C MET B 230 27.85 -15.38 7.83
N GLN B 231 27.27 -16.05 8.84
CA GLN B 231 27.98 -16.45 10.05
C GLN B 231 28.60 -17.81 9.94
N ASP B 232 28.06 -18.64 9.05
CA ASP B 232 28.46 -20.04 8.92
C ASP B 232 29.87 -20.27 8.36
N GLY B 233 30.18 -21.52 8.08
CA GLY B 233 31.53 -21.92 7.71
C GLY B 233 31.90 -21.59 6.28
N PHE B 234 30.92 -21.20 5.48
CA PHE B 234 31.16 -21.02 4.07
C PHE B 234 30.98 -19.61 3.54
N SER B 235 29.77 -19.07 3.66
CA SER B 235 29.43 -17.82 2.97
C SER B 235 30.50 -16.73 3.06
N ALA B 236 31.14 -16.58 4.22
CA ALA B 236 32.25 -15.62 4.32
C ALA B 236 33.59 -16.24 4.67
N PHE B 237 33.58 -17.26 5.52
CA PHE B 237 34.84 -17.79 6.03
C PHE B 237 35.61 -18.64 5.05
N LYS B 238 34.96 -18.96 3.93
CA LYS B 238 35.64 -19.72 2.91
C LYS B 238 36.66 -18.90 2.06
N CYS B 239 36.68 -17.57 2.21
CA CYS B 239 37.81 -16.78 1.74
C CYS B 239 39.06 -17.39 2.31
N HIS B 240 39.85 -18.03 1.46
CA HIS B 240 41.16 -18.57 1.85
C HIS B 240 42.29 -17.59 1.49
N THR B 241 41.95 -16.30 1.56
CA THR B 241 42.89 -15.18 1.48
C THR B 241 43.80 -15.20 0.23
N ILE B 242 43.41 -15.93 -0.81
CA ILE B 242 44.22 -16.14 -2.00
C ILE B 242 44.77 -14.87 -2.67
N MET B 243 43.92 -13.85 -2.84
CA MET B 243 44.31 -12.46 -3.30
C MET B 243 43.97 -11.98 -4.73
N ASN B 244 43.82 -12.91 -5.65
CA ASN B 244 43.26 -12.66 -6.97
C ASN B 244 42.18 -11.57 -7.07
N CYS B 245 41.19 -11.58 -6.18
CA CYS B 245 40.09 -10.60 -6.24
C CYS B 245 40.59 -9.17 -6.37
N THR B 246 41.55 -8.82 -5.53
CA THR B 246 42.07 -7.47 -5.48
C THR B 246 43.04 -7.16 -6.61
N LYS B 247 44.01 -8.07 -6.84
CA LYS B 247 44.95 -7.96 -7.96
C LYS B 247 44.28 -7.82 -9.31
N THR B 248 43.08 -8.36 -9.47
CA THR B 248 42.49 -8.33 -10.79
C THR B 248 41.59 -7.12 -11.01
N CYS B 249 40.98 -6.60 -9.94
CA CYS B 249 39.80 -5.74 -10.07
C CYS B 249 40.05 -4.58 -10.98
N PRO B 250 39.37 -4.56 -12.13
CA PRO B 250 39.61 -3.53 -13.16
C PRO B 250 39.37 -2.10 -12.66
N LYS B 251 38.83 -1.94 -11.46
CA LYS B 251 38.57 -0.62 -10.89
C LYS B 251 39.49 -0.30 -9.74
N HIS B 252 40.46 -1.18 -9.49
CA HIS B 252 41.47 -0.92 -8.45
C HIS B 252 40.86 -0.87 -7.04
N LEU B 253 39.68 -1.48 -6.91
CA LEU B 253 38.99 -1.70 -5.65
C LEU B 253 39.64 -2.87 -4.99
N ASN B 254 39.52 -2.95 -3.66
CA ASN B 254 40.12 -4.01 -2.85
C ASN B 254 39.04 -4.70 -2.02
N PRO B 255 38.36 -5.72 -2.60
CA PRO B 255 37.37 -6.51 -1.84
C PRO B 255 37.99 -7.34 -0.72
N ALA B 256 39.20 -7.85 -0.91
CA ALA B 256 39.85 -8.60 0.17
C ALA B 256 39.89 -7.82 1.51
N ARG B 257 40.53 -6.65 1.54
CA ARG B 257 40.46 -5.74 2.69
C ARG B 257 39.04 -5.72 3.29
N ALA B 258 38.02 -5.71 2.43
CA ALA B 258 36.68 -5.79 2.95
C ALA B 258 36.39 -7.15 3.56
N ILE B 259 36.60 -8.24 2.82
CA ILE B 259 36.35 -9.56 3.41
C ILE B 259 37.04 -9.70 4.78
N GLY B 260 38.32 -9.30 4.83
CA GLY B 260 39.09 -9.37 6.07
C GLY B 260 38.45 -8.49 7.11
N GLU B 261 37.88 -7.37 6.70
CA GLU B 261 37.22 -6.51 7.65
C GLU B 261 35.94 -7.20 8.15
N ILE B 262 35.34 -8.01 7.29
CA ILE B 262 34.12 -8.73 7.63
C ILE B 262 34.41 -9.81 8.65
N LYS B 263 35.47 -10.59 8.43
CA LYS B 263 35.94 -11.60 9.39
C LYS B 263 36.11 -11.03 10.79
N MET B 264 36.76 -9.86 10.89
CA MET B 264 36.97 -9.19 12.16
C MET B 264 35.65 -8.94 12.87
N LEU B 265 34.64 -8.44 12.17
CA LEU B 265 33.36 -8.16 12.84
C LEU B 265 32.62 -9.42 13.31
N LEU B 266 32.69 -10.48 12.50
CA LEU B 266 32.15 -11.79 12.80
C LEU B 266 32.82 -12.46 14.00
N THR B 267 33.92 -11.85 14.48
CA THR B 267 34.64 -12.35 15.65
C THR B 267 34.86 -11.25 16.74
N LYS B 268 35.94 -10.47 16.61
CA LYS B 268 36.33 -9.46 17.59
C LYS B 268 35.76 -8.08 17.40
N MET B 269 36.43 -7.25 16.56
CA MET B 269 36.22 -5.78 16.47
C MET B 269 34.79 -5.28 16.14
N LYS B 270 34.49 -4.02 16.41
CA LYS B 270 33.09 -3.48 16.30
C LYS B 270 32.80 -2.35 15.28
N THR B 271 31.54 -2.30 14.88
CA THR B 271 31.05 -1.32 13.91
C THR B 271 30.80 -0.03 14.65
N LYS B 272 31.57 0.99 14.35
CA LYS B 272 31.40 2.24 15.06
C LYS B 272 29.94 2.68 14.98
N PRO B 273 29.46 3.49 15.95
CA PRO B 273 28.08 4.00 15.82
C PRO B 273 28.00 5.45 15.35
N ALA B 274 26.79 5.89 15.02
CA ALA B 274 26.57 7.19 14.42
C ALA B 274 26.94 8.39 15.34
N PRO B 275 27.78 9.36 14.86
CA PRO B 275 27.81 10.66 15.57
C PRO B 275 26.48 11.37 15.38
N LEU B 276 25.76 11.65 16.47
CA LEU B 276 24.37 12.15 16.39
C LEU B 276 24.17 13.40 15.47
N PRO B 277 23.01 13.47 14.74
CA PRO B 277 22.69 14.70 14.02
C PRO B 277 22.70 15.88 14.98
N THR B 278 23.69 16.75 14.80
CA THR B 278 23.77 17.96 15.61
C THR B 278 22.61 18.92 15.24
N PRO B 279 21.74 19.28 16.24
CA PRO B 279 20.53 20.10 16.03
C PRO B 279 20.73 21.25 15.02
N ALA B 280 19.77 21.34 14.09
CA ALA B 280 19.87 22.12 12.83
C ALA B 280 19.73 21.19 11.61
N ASN B 281 20.19 19.94 11.76
CA ASN B 281 20.06 18.90 10.72
C ASN B 281 18.77 18.11 10.85
N GLU C 34 23.71 -27.33 7.35
CA GLU C 34 22.58 -26.35 7.29
C GLU C 34 22.83 -25.16 6.34
N LYS C 35 22.07 -25.12 5.26
CA LYS C 35 22.37 -24.18 4.22
C LYS C 35 21.46 -23.00 4.45
N THR C 36 21.99 -21.79 4.20
CA THR C 36 21.20 -20.55 4.22
C THR C 36 20.23 -20.54 3.04
N PRO C 37 19.27 -19.61 3.02
CA PRO C 37 18.35 -19.73 1.88
C PRO C 37 19.03 -19.60 0.51
N ILE C 38 19.99 -18.67 0.39
CA ILE C 38 20.84 -18.53 -0.81
C ILE C 38 21.68 -19.79 -1.13
N GLN C 39 22.32 -20.41 -0.13
CA GLN C 39 23.05 -21.67 -0.33
C GLN C 39 22.17 -22.76 -0.97
N VAL C 40 20.87 -22.70 -0.69
CA VAL C 40 19.93 -23.69 -1.20
C VAL C 40 19.70 -23.29 -2.62
N TRP C 41 19.17 -22.08 -2.80
CA TRP C 41 18.94 -21.54 -4.15
C TRP C 41 20.09 -21.88 -5.08
N GLY C 42 21.30 -21.69 -4.55
CA GLY C 42 22.54 -21.87 -5.27
C GLY C 42 22.78 -23.30 -5.72
N TRP C 43 22.45 -24.28 -4.87
CA TRP C 43 22.59 -25.67 -5.28
C TRP C 43 21.61 -25.97 -6.43
N ASP C 44 20.33 -25.67 -6.25
CA ASP C 44 19.37 -25.82 -7.35
C ASP C 44 19.88 -25.15 -8.62
N TYR C 45 20.57 -24.01 -8.45
CA TYR C 45 21.16 -23.28 -9.58
C TYR C 45 22.13 -24.18 -10.29
N LEU C 46 23.05 -24.76 -9.51
CA LEU C 46 24.01 -25.70 -10.06
C LEU C 46 23.33 -26.87 -10.80
N MET C 47 22.36 -27.51 -10.14
CA MET C 47 21.59 -28.61 -10.72
C MET C 47 20.89 -28.24 -12.02
N ARG C 48 20.30 -27.02 -12.03
CA ARG C 48 19.74 -26.43 -13.25
C ARG C 48 20.82 -26.43 -14.31
N GLN C 49 21.95 -25.79 -14.00
CA GLN C 49 22.96 -25.49 -15.01
C GLN C 49 23.62 -26.77 -15.41
N ARG C 50 23.54 -27.79 -14.57
CA ARG C 50 24.09 -29.09 -14.98
C ARG C 50 23.14 -29.70 -16.00
N ALA C 51 21.83 -29.71 -15.67
CA ALA C 51 20.76 -30.19 -16.58
C ALA C 51 20.80 -29.56 -17.99
N LEU C 52 21.17 -28.28 -18.07
CA LEU C 52 21.29 -27.64 -19.36
C LEU C 52 22.61 -27.93 -20.09
N LYS C 53 23.46 -28.81 -19.57
CA LYS C 53 24.67 -29.25 -20.27
C LYS C 53 25.65 -28.13 -20.64
N ARG C 54 25.59 -27.02 -19.98
CA ARG C 54 26.48 -25.94 -20.36
C ARG C 54 27.88 -26.25 -19.85
N PRO C 55 28.92 -26.06 -20.71
CA PRO C 55 30.29 -26.27 -20.22
C PRO C 55 30.63 -25.25 -19.14
N ILE C 56 31.64 -25.55 -18.32
CA ILE C 56 32.22 -24.62 -17.33
C ILE C 56 33.40 -23.94 -17.98
N ALA C 57 33.50 -22.62 -17.85
CA ALA C 57 34.59 -21.87 -18.49
C ALA C 57 35.94 -22.22 -17.86
N PRO C 58 36.91 -22.62 -18.71
CA PRO C 58 38.32 -22.76 -18.35
C PRO C 58 38.77 -21.87 -17.17
N HIS C 59 39.53 -22.44 -16.24
CA HIS C 59 40.00 -21.72 -15.05
C HIS C 59 41.50 -21.90 -14.79
N LEU C 60 41.93 -22.92 -14.03
CA LEU C 60 43.35 -22.98 -13.64
C LEU C 60 44.33 -23.23 -14.78
N THR C 61 43.88 -23.96 -15.80
CA THR C 61 44.59 -24.06 -17.08
C THR C 61 44.87 -22.69 -17.72
N ILE C 62 43.90 -21.79 -17.72
CA ILE C 62 44.07 -20.57 -18.48
C ILE C 62 44.47 -19.38 -17.67
N TYR C 63 44.06 -19.34 -16.42
CA TYR C 63 44.34 -18.19 -15.57
C TYR C 63 45.85 -18.06 -15.43
N LYS C 64 46.33 -16.81 -15.42
CA LYS C 64 47.77 -16.48 -15.44
C LYS C 64 48.43 -16.69 -14.10
N PRO C 65 49.45 -17.54 -14.04
CA PRO C 65 50.20 -17.70 -12.81
C PRO C 65 50.61 -16.35 -12.26
N GLN C 66 50.28 -16.11 -11.00
CA GLN C 66 50.52 -14.84 -10.35
C GLN C 66 51.00 -15.12 -8.95
N MET C 67 51.69 -14.13 -8.40
CA MET C 67 52.17 -14.22 -7.04
C MET C 67 51.03 -14.37 -6.02
N THR C 68 49.82 -13.96 -6.39
CA THR C 68 48.69 -14.12 -5.47
C THR C 68 48.37 -15.59 -5.25
N TRP C 69 47.91 -16.27 -6.32
CA TRP C 69 47.42 -17.65 -6.19
C TRP C 69 48.49 -18.75 -6.20
N MET C 70 49.71 -18.42 -6.52
CA MET C 70 50.71 -19.47 -6.52
C MET C 70 51.34 -19.61 -5.15
N VAL C 71 51.47 -18.49 -4.45
CA VAL C 71 51.93 -18.52 -3.06
C VAL C 71 50.85 -19.12 -2.14
N SER C 72 49.59 -18.72 -2.33
CA SER C 72 48.48 -19.41 -1.68
C SER C 72 48.52 -20.89 -2.07
N GLY C 73 48.72 -21.14 -3.34
CA GLY C 73 48.81 -22.49 -3.82
C GLY C 73 49.89 -23.20 -3.07
N LEU C 74 50.99 -22.49 -2.86
CA LEU C 74 52.13 -23.13 -2.22
C LEU C 74 51.77 -23.40 -0.76
N HIS C 75 51.05 -22.46 -0.15
CA HIS C 75 50.77 -22.56 1.26
C HIS C 75 49.93 -23.79 1.58
N ARG C 76 48.93 -24.04 0.74
CA ARG C 76 48.21 -25.34 0.65
C ARG C 76 49.11 -26.56 0.55
N VAL C 77 49.95 -26.58 -0.49
CA VAL C 77 50.74 -27.76 -0.81
C VAL C 77 51.70 -28.09 0.33
N THR C 78 52.57 -27.15 0.69
CA THR C 78 53.49 -27.33 1.81
C THR C 78 52.70 -27.92 2.98
N GLY C 79 51.72 -27.16 3.45
CA GLY C 79 50.82 -27.58 4.53
C GLY C 79 50.31 -29.01 4.45
N CYS C 80 49.83 -29.42 3.28
CA CYS C 80 49.39 -30.79 3.03
C CYS C 80 50.54 -31.79 2.98
N ALA C 81 51.55 -31.54 2.16
CA ALA C 81 52.71 -32.43 2.06
C ALA C 81 53.32 -32.81 3.42
N MET C 82 53.48 -31.84 4.32
CA MET C 82 53.96 -32.11 5.67
C MET C 82 52.98 -33.02 6.36
N ALA C 83 51.73 -32.62 6.44
CA ALA C 83 50.73 -33.49 7.04
C ALA C 83 50.79 -34.89 6.41
N GLY C 84 50.84 -34.96 5.08
CA GLY C 84 50.93 -36.23 4.38
C GLY C 84 52.14 -37.06 4.77
N THR C 85 53.26 -36.41 5.05
CA THR C 85 54.47 -37.10 5.53
C THR C 85 54.26 -37.59 6.96
N LEU C 86 53.69 -36.72 7.79
CA LEU C 86 53.46 -37.05 9.18
C LEU C 86 52.50 -38.23 9.35
N LEU C 87 51.60 -38.42 8.38
CA LEU C 87 50.87 -39.69 8.29
C LEU C 87 51.80 -40.79 7.79
N ILE C 88 52.02 -40.93 6.47
CA ILE C 88 52.84 -42.06 5.95
C ILE C 88 54.10 -42.32 6.81
N GLY C 89 54.54 -41.31 7.54
CA GLY C 89 55.68 -41.44 8.44
C GLY C 89 55.28 -42.25 9.64
N GLY C 90 54.58 -41.63 10.58
CA GLY C 90 54.05 -42.32 11.76
C GLY C 90 53.39 -43.66 11.48
N VAL C 91 52.23 -43.63 10.84
CA VAL C 91 51.54 -44.87 10.48
C VAL C 91 52.41 -45.86 9.67
N GLY C 92 53.16 -45.39 8.68
CA GLY C 92 53.96 -46.32 7.87
C GLY C 92 55.07 -47.05 8.61
N PHE C 93 55.60 -46.45 9.67
CA PHE C 93 56.73 -47.02 10.42
C PHE C 93 56.23 -47.82 11.59
N SER C 94 54.92 -47.74 11.85
CA SER C 94 54.22 -48.70 12.70
C SER C 94 53.83 -49.93 11.89
N VAL C 95 52.87 -49.76 10.98
CA VAL C 95 52.37 -50.83 10.13
C VAL C 95 53.48 -51.62 9.37
N LEU C 96 54.72 -51.13 9.41
CA LEU C 96 55.83 -51.83 8.77
C LEU C 96 56.92 -52.22 9.78
N PRO C 97 57.70 -53.29 9.45
CA PRO C 97 58.97 -53.64 10.13
C PRO C 97 60.03 -52.52 9.98
N LEU C 98 60.97 -52.69 9.05
CA LEU C 98 61.89 -51.63 8.55
C LEU C 98 61.74 -50.26 9.25
N ASP C 99 62.27 -50.11 10.48
CA ASP C 99 62.06 -48.87 11.25
C ASP C 99 62.99 -47.71 10.81
N PHE C 100 62.87 -46.55 11.47
CA PHE C 100 63.58 -45.30 11.06
C PHE C 100 65.10 -45.34 11.19
N THR C 101 65.60 -45.93 12.28
CA THR C 101 67.05 -46.04 12.53
C THR C 101 67.71 -46.91 11.46
N THR C 102 67.10 -48.05 11.15
CA THR C 102 67.62 -48.96 10.13
C THR C 102 67.48 -48.37 8.70
N PHE C 103 66.57 -47.40 8.55
CA PHE C 103 66.26 -46.72 7.28
C PHE C 103 67.14 -45.48 7.10
N VAL C 104 67.41 -44.76 8.18
CA VAL C 104 68.35 -43.64 8.13
C VAL C 104 69.75 -44.04 7.64
N GLU C 105 70.03 -45.33 7.65
CA GLU C 105 71.26 -45.80 7.02
C GLU C 105 71.11 -46.91 5.95
N PHE C 106 69.85 -47.26 5.62
CA PHE C 106 69.55 -48.04 4.40
C PHE C 106 69.71 -47.07 3.23
N ILE C 107 70.07 -45.82 3.59
CA ILE C 107 70.30 -44.72 2.63
C ILE C 107 71.67 -44.03 2.81
N ARG C 108 72.20 -44.01 4.03
CA ARG C 108 73.58 -43.57 4.26
C ARG C 108 74.57 -44.53 3.61
N GLY C 109 74.20 -45.82 3.60
CA GLY C 109 75.00 -46.84 2.95
C GLY C 109 74.98 -46.74 1.44
N LEU C 110 74.16 -45.82 0.91
CA LEU C 110 74.08 -45.55 -0.54
C LEU C 110 74.84 -44.28 -0.96
N GLY C 111 76.15 -44.28 -0.70
CA GLY C 111 77.06 -43.16 -0.97
C GLY C 111 76.57 -42.09 -1.95
N ILE C 112 75.93 -41.06 -1.40
CA ILE C 112 75.43 -39.92 -2.23
C ILE C 112 75.97 -38.57 -1.74
N PRO C 113 76.36 -37.67 -2.70
CA PRO C 113 77.13 -36.44 -2.38
C PRO C 113 76.37 -35.42 -1.53
N TRP C 114 77.09 -34.84 -0.58
CA TRP C 114 76.54 -33.93 0.44
C TRP C 114 75.65 -32.79 -0.10
N VAL C 115 75.86 -32.38 -1.36
CA VAL C 115 74.98 -31.40 -2.01
C VAL C 115 73.61 -32.00 -2.27
N ILE C 116 73.57 -33.10 -3.01
CA ILE C 116 72.33 -33.87 -3.17
C ILE C 116 71.68 -34.11 -1.80
N LEU C 117 72.47 -34.54 -0.82
CA LEU C 117 71.97 -34.76 0.53
C LEU C 117 71.43 -33.50 1.18
N ASP C 118 72.22 -32.43 1.15
CA ASP C 118 71.80 -31.18 1.77
C ASP C 118 70.70 -30.45 0.99
N THR C 119 70.61 -30.74 -0.31
CA THR C 119 69.48 -30.25 -1.11
C THR C 119 68.19 -30.93 -0.66
N PHE C 120 68.24 -32.22 -0.35
CA PHE C 120 67.09 -32.92 0.21
C PHE C 120 66.64 -32.31 1.54
N LYS C 121 67.59 -32.08 2.45
CA LYS C 121 67.32 -31.40 3.73
C LYS C 121 66.61 -30.03 3.52
N PHE C 122 67.10 -29.26 2.56
CA PHE C 122 66.47 -27.99 2.17
C PHE C 122 65.00 -28.23 1.89
N ILE C 123 64.74 -29.17 0.96
CA ILE C 123 63.39 -29.55 0.52
C ILE C 123 62.52 -30.04 1.69
N ILE C 124 63.16 -30.64 2.70
CA ILE C 124 62.50 -30.96 3.98
C ILE C 124 62.28 -29.68 4.81
N ALA C 125 63.29 -28.82 4.84
CA ALA C 125 63.27 -27.67 5.73
C ALA C 125 62.34 -26.58 5.24
N PHE C 126 62.30 -26.41 3.91
CA PHE C 126 61.65 -25.25 3.27
C PHE C 126 60.15 -25.17 3.47
N PRO C 127 59.42 -26.23 3.15
CA PRO C 127 58.02 -26.25 3.53
C PRO C 127 57.80 -25.66 4.90
N ILE C 128 58.54 -26.11 5.90
CA ILE C 128 58.33 -25.65 7.28
C ILE C 128 58.57 -24.15 7.42
N ALA C 129 59.73 -23.68 6.96
CA ALA C 129 60.04 -22.25 6.93
C ALA C 129 58.87 -21.47 6.32
N PHE C 130 58.67 -21.70 5.02
CA PHE C 130 57.61 -21.05 4.26
C PHE C 130 56.25 -21.09 4.94
N HIS C 131 55.69 -22.30 5.14
CA HIS C 131 54.33 -22.43 5.65
C HIS C 131 54.11 -21.69 6.94
N THR C 132 55.12 -21.69 7.80
CA THR C 132 55.05 -20.92 9.04
C THR C 132 55.03 -19.43 8.72
N LEU C 133 56.11 -18.96 8.07
CA LEU C 133 56.25 -17.56 7.70
C LEU C 133 54.98 -17.03 7.04
N ASN C 134 54.62 -17.68 5.94
CA ASN C 134 53.41 -17.32 5.23
C ASN C 134 52.14 -17.41 6.08
N GLY C 135 52.01 -18.49 6.88
CA GLY C 135 50.96 -18.56 7.88
C GLY C 135 50.77 -17.30 8.73
N ILE C 136 51.87 -16.69 9.18
CA ILE C 136 51.73 -15.41 9.90
C ILE C 136 51.22 -14.31 8.95
N ARG C 137 51.69 -14.35 7.70
CA ARG C 137 51.23 -13.43 6.64
C ARG C 137 49.73 -13.52 6.51
N PHE C 138 49.24 -14.73 6.20
CA PHE C 138 47.83 -14.98 5.94
C PHE C 138 46.92 -14.63 7.10
N ILE C 139 47.40 -14.75 8.33
CA ILE C 139 46.59 -14.31 9.47
C ILE C 139 46.41 -12.80 9.42
N GLY C 140 47.48 -12.07 9.10
CA GLY C 140 47.42 -10.63 8.89
C GLY C 140 46.29 -10.25 7.93
N PHE C 141 46.31 -10.87 6.74
CA PHE C 141 45.22 -10.77 5.76
C PHE C 141 43.86 -10.90 6.47
N ASP C 142 43.69 -11.96 7.25
CA ASP C 142 42.45 -12.18 7.98
C ASP C 142 42.04 -11.03 8.91
N MET C 143 42.98 -10.18 9.26
CA MET C 143 42.66 -9.01 10.09
C MET C 143 42.57 -7.76 9.26
N ALA C 144 42.48 -7.98 7.95
CA ALA C 144 42.45 -6.94 6.93
C ALA C 144 43.79 -6.23 6.84
N LYS C 145 44.86 -6.88 7.28
CA LYS C 145 46.15 -6.17 7.36
C LYS C 145 47.09 -6.41 6.19
N GLY C 146 47.49 -5.31 5.53
CA GLY C 146 48.51 -5.33 4.47
C GLY C 146 47.93 -5.89 3.19
N THR C 147 46.72 -5.46 2.88
CA THR C 147 45.92 -6.10 1.84
C THR C 147 45.99 -5.46 0.44
N ASP C 148 46.82 -4.42 0.29
CA ASP C 148 46.94 -3.69 -0.96
C ASP C 148 48.03 -4.29 -1.80
N ILE C 149 47.94 -4.06 -3.10
CA ILE C 149 48.74 -4.78 -4.09
C ILE C 149 50.25 -4.70 -3.85
N PRO C 150 50.76 -3.51 -3.47
CA PRO C 150 52.14 -3.41 -3.01
C PRO C 150 52.43 -4.26 -1.78
N SER C 151 51.66 -4.07 -0.70
CA SER C 151 51.76 -4.92 0.49
C SER C 151 51.56 -6.41 0.22
N ILE C 152 50.64 -6.77 -0.65
CA ILE C 152 50.50 -8.18 -1.08
C ILE C 152 51.82 -8.70 -1.64
N TYR C 153 52.45 -7.91 -2.50
CA TYR C 153 53.62 -8.33 -3.24
C TYR C 153 54.96 -8.18 -2.50
N ARG C 154 55.07 -7.21 -1.60
CA ARG C 154 56.26 -7.15 -0.75
C ARG C 154 56.34 -8.45 0.07
N GLY C 155 55.29 -8.70 0.88
CA GLY C 155 55.09 -9.94 1.63
C GLY C 155 55.29 -11.22 0.83
N ALA C 156 54.66 -11.32 -0.34
CA ALA C 156 54.84 -12.51 -1.17
C ALA C 156 56.31 -12.82 -1.40
N TYR C 157 57.14 -11.77 -1.51
CA TYR C 157 58.58 -11.87 -1.76
C TYR C 157 59.40 -11.98 -0.49
N LEU C 158 59.15 -11.08 0.45
CA LEU C 158 59.80 -11.06 1.76
C LEU C 158 59.62 -12.41 2.47
N VAL C 159 58.38 -12.89 2.54
CA VAL C 159 58.03 -14.16 3.18
C VAL C 159 58.63 -15.32 2.44
N LEU C 160 58.60 -15.23 1.11
CA LEU C 160 59.10 -16.27 0.26
C LEU C 160 60.61 -16.40 0.45
N GLY C 161 61.32 -15.29 0.27
CA GLY C 161 62.78 -15.29 0.24
C GLY C 161 63.36 -15.53 1.61
N LEU C 162 62.85 -14.78 2.58
CA LEU C 162 63.15 -14.98 3.99
C LEU C 162 63.14 -16.49 4.40
N ALA C 163 62.07 -17.20 4.03
CA ALA C 163 61.95 -18.63 4.24
C ALA C 163 63.02 -19.45 3.53
N ALA C 164 63.45 -19.02 2.36
CA ALA C 164 64.47 -19.79 1.65
C ALA C 164 65.88 -19.48 2.15
N LEU C 165 66.02 -18.38 2.89
CA LEU C 165 67.28 -18.04 3.59
C LEU C 165 67.47 -18.92 4.83
N ILE C 166 66.52 -18.80 5.75
CA ILE C 166 66.36 -19.65 6.93
C ILE C 166 66.42 -21.16 6.64
N SER C 167 66.05 -21.57 5.44
CA SER C 167 66.17 -22.98 5.08
C SER C 167 67.54 -23.31 4.52
N LEU C 168 68.29 -22.27 4.18
CA LEU C 168 69.64 -22.44 3.65
C LEU C 168 70.63 -22.30 4.81
N ALA C 169 70.27 -21.43 5.75
CA ALA C 169 70.99 -21.23 7.00
C ALA C 169 71.06 -22.53 7.79
N VAL C 170 69.91 -23.15 7.95
CA VAL C 170 69.77 -24.37 8.73
C VAL C 170 70.40 -25.60 8.07
N VAL C 171 70.78 -25.49 6.80
CA VAL C 171 71.33 -26.62 6.09
C VAL C 171 72.79 -26.46 5.71
N VAL C 172 73.21 -25.24 5.38
CA VAL C 172 74.63 -25.00 5.05
C VAL C 172 75.48 -24.87 6.33
N TYR C 173 74.96 -24.19 7.35
CA TYR C 173 75.73 -23.97 8.58
C TYR C 173 76.21 -25.25 9.27
N PRO C 174 75.35 -26.27 9.41
CA PRO C 174 75.86 -27.49 10.04
C PRO C 174 76.64 -28.39 9.10
N ARG C 175 76.76 -27.99 7.84
CA ARG C 175 77.68 -28.64 6.91
C ARG C 175 78.93 -27.78 6.90
N TRP C 176 78.87 -26.61 7.53
CA TRP C 176 80.03 -25.72 7.66
C TRP C 176 80.97 -26.32 8.69
N GLU C 177 80.40 -26.66 9.85
CA GLU C 177 81.18 -27.21 10.94
C GLU C 177 81.66 -28.65 10.70
N ARG C 178 80.95 -29.41 9.87
CA ARG C 178 81.44 -30.73 9.40
C ARG C 178 82.42 -30.66 8.22
N HIS C 179 83.06 -29.49 8.07
CA HIS C 179 84.25 -29.27 7.22
C HIS C 179 85.25 -28.38 8.00
N LYS C 180 84.72 -27.45 8.77
CA LYS C 180 85.50 -26.63 9.70
C LYS C 180 86.19 -27.52 10.78
N LYS C 181 85.75 -28.79 10.89
CA LYS C 181 86.29 -29.73 11.88
C LYS C 181 86.86 -31.02 11.27
N ALA C 182 86.56 -31.27 10.00
CA ALA C 182 87.17 -32.36 9.24
C ALA C 182 88.61 -32.03 8.88
N THR C 183 88.86 -30.75 8.54
CA THR C 183 90.20 -30.27 8.21
C THR C 183 90.56 -29.01 9.04
N LEU C 184 89.93 -28.93 10.22
CA LEU C 184 90.13 -27.88 11.24
C LEU C 184 91.54 -27.30 11.39
N PRO C 185 91.63 -26.00 11.75
CA PRO C 185 92.93 -25.35 12.11
C PRO C 185 93.72 -26.00 13.28
N THR C 186 93.03 -26.45 14.34
CA THR C 186 93.67 -27.21 15.44
C THR C 186 93.53 -28.72 15.26
N THR D 28 2.39 -19.40 -35.45
CA THR D 28 1.20 -19.13 -34.61
C THR D 28 1.58 -18.67 -33.17
N SER D 29 0.61 -17.97 -32.54
CA SER D 29 0.67 -17.52 -31.16
C SER D 29 -0.24 -18.38 -30.25
N ALA D 30 -0.53 -19.61 -30.70
CA ALA D 30 -1.22 -20.65 -29.89
C ALA D 30 -0.25 -21.59 -29.08
N ALA D 31 0.27 -21.09 -27.96
CA ALA D 31 1.12 -21.90 -27.05
C ALA D 31 0.96 -21.56 -25.54
N VAL D 32 1.77 -22.17 -24.68
CA VAL D 32 1.46 -22.37 -23.25
C VAL D 32 1.65 -21.12 -22.36
N THR D 33 1.17 -21.17 -21.12
CA THR D 33 1.50 -20.14 -20.11
C THR D 33 2.71 -20.56 -19.28
N GLY D 34 3.70 -19.69 -19.19
CA GLY D 34 4.91 -19.99 -18.43
C GLY D 34 4.88 -19.26 -17.12
N ALA D 35 5.84 -19.61 -16.25
CA ALA D 35 5.97 -19.06 -14.90
C ALA D 35 7.15 -18.08 -14.74
N ALA D 36 7.18 -17.45 -13.57
CA ALA D 36 8.21 -16.48 -13.19
C ALA D 36 9.60 -17.11 -13.26
N PRO D 37 10.58 -16.38 -13.80
CA PRO D 37 11.90 -16.99 -13.95
C PRO D 37 12.55 -17.23 -12.58
N PRO D 38 13.37 -18.30 -12.46
CA PRO D 38 14.09 -18.57 -11.23
C PRO D 38 14.75 -17.30 -10.75
N GLN D 39 14.46 -16.89 -9.53
CA GLN D 39 14.88 -15.59 -9.03
C GLN D 39 14.85 -15.61 -7.52
N PHE D 40 15.88 -15.08 -6.89
CA PHE D 40 15.95 -15.13 -5.44
C PHE D 40 15.29 -13.91 -4.85
N ASP D 41 14.39 -14.13 -3.88
CA ASP D 41 13.61 -13.08 -3.27
C ASP D 41 14.00 -12.96 -1.81
N PRO D 42 14.93 -12.03 -1.49
CA PRO D 42 15.69 -12.09 -0.24
C PRO D 42 14.88 -11.77 0.99
N ILE D 43 13.65 -11.29 0.83
CA ILE D 43 12.72 -11.06 1.98
C ILE D 43 11.89 -12.31 2.29
N ALA D 44 11.20 -12.80 1.25
CA ALA D 44 10.37 -13.99 1.31
C ALA D 44 11.11 -15.24 1.79
N ALA D 45 12.28 -15.51 1.23
CA ALA D 45 13.07 -16.67 1.66
C ALA D 45 13.67 -16.44 3.06
N GLU D 46 13.78 -15.18 3.46
CA GLU D 46 14.23 -14.76 4.79
C GLU D 46 13.29 -15.20 5.94
N LYS D 47 12.00 -15.42 5.64
CA LYS D 47 10.94 -15.69 6.64
C LYS D 47 11.21 -16.74 7.73
N GLY D 48 10.93 -18.01 7.41
CA GLY D 48 11.15 -19.13 8.35
C GLY D 48 12.52 -19.79 8.19
N PHE D 49 13.57 -18.96 8.33
CA PHE D 49 14.99 -19.29 8.07
C PHE D 49 15.89 -18.25 8.80
N LYS D 50 15.67 -18.14 10.11
CA LYS D 50 16.29 -17.13 10.99
C LYS D 50 17.59 -17.59 11.74
N PRO D 51 17.83 -18.92 11.86
CA PRO D 51 19.00 -19.51 12.55
C PRO D 51 20.29 -18.68 12.71
N LEU D 52 20.84 -18.74 13.93
CA LEU D 52 22.11 -18.10 14.32
C LEU D 52 23.12 -19.14 14.88
N HIS D 53 23.78 -19.91 13.98
CA HIS D 53 24.83 -20.85 14.40
C HIS D 53 26.17 -20.45 13.81
N SER D 54 26.93 -19.71 14.62
CA SER D 54 28.09 -18.93 14.15
C SER D 54 29.43 -19.67 14.17
N HIS D 55 30.09 -19.70 13.02
CA HIS D 55 31.42 -20.33 12.89
C HIS D 55 32.46 -19.32 13.32
N GLY D 56 31.98 -18.14 13.70
CA GLY D 56 32.85 -17.02 14.06
C GLY D 56 33.82 -17.37 15.17
N THR D 57 33.26 -17.82 16.27
CA THR D 57 34.05 -18.10 17.44
C THR D 57 35.08 -19.23 17.22
N LEU D 58 34.83 -20.13 16.27
CA LEU D 58 35.77 -21.24 15.96
C LEU D 58 36.95 -20.79 15.12
N PHE D 59 36.65 -19.99 14.09
CA PHE D 59 37.65 -19.46 13.19
C PHE D 59 38.66 -18.59 13.95
N LYS D 60 38.16 -17.77 14.88
CA LYS D 60 39.00 -17.01 15.81
C LYS D 60 40.04 -17.92 16.44
N ILE D 61 39.60 -18.88 17.26
CA ILE D 61 40.55 -19.74 17.99
C ILE D 61 41.60 -20.39 17.08
N GLU D 62 41.18 -20.99 15.97
CA GLU D 62 42.13 -21.74 15.15
C GLU D 62 43.17 -20.87 14.48
N ARG D 63 43.00 -19.55 14.60
CA ARG D 63 44.02 -18.59 14.19
C ARG D 63 44.94 -18.26 15.36
N TYR D 64 44.36 -18.04 16.54
CA TYR D 64 45.13 -17.89 17.78
C TYR D 64 45.99 -19.13 17.97
N PHE D 65 45.40 -20.29 17.69
CA PHE D 65 46.14 -21.53 17.79
C PHE D 65 47.30 -21.58 16.83
N ALA D 66 47.09 -21.07 15.61
CA ALA D 66 48.18 -21.04 14.64
C ALA D 66 49.23 -20.01 15.08
N ALA D 67 48.75 -18.90 15.63
CA ALA D 67 49.61 -17.86 16.18
C ALA D 67 50.33 -18.30 17.45
N ALA D 68 49.68 -19.15 18.25
CA ALA D 68 50.33 -19.77 19.42
C ALA D 68 51.46 -20.67 18.96
N MET D 69 51.26 -21.35 17.83
CA MET D 69 52.29 -22.23 17.29
C MET D 69 53.50 -21.50 16.77
N VAL D 70 53.39 -20.19 16.57
CA VAL D 70 54.51 -19.47 15.99
C VAL D 70 55.78 -19.68 16.80
N PRO D 71 55.78 -19.34 18.11
CA PRO D 71 57.05 -19.49 18.83
C PRO D 71 57.52 -20.95 18.92
N LEU D 72 56.57 -21.90 19.06
CA LEU D 72 56.88 -23.32 19.17
C LEU D 72 57.72 -23.90 18.01
N ILE D 73 57.49 -23.49 16.78
CA ILE D 73 58.28 -24.08 15.73
C ILE D 73 59.78 -23.82 15.89
N PRO D 74 60.19 -22.56 16.15
CA PRO D 74 61.63 -22.33 16.33
C PRO D 74 62.19 -22.92 17.63
N ALA D 75 61.38 -22.94 18.69
CA ALA D 75 61.71 -23.72 19.88
C ALA D 75 62.07 -25.19 19.53
N ALA D 76 61.28 -25.84 18.67
CA ALA D 76 61.59 -27.22 18.29
C ALA D 76 62.87 -27.37 17.50
N TYR D 77 63.43 -26.26 17.01
CA TYR D 77 64.73 -26.35 16.38
C TYR D 77 65.82 -26.38 17.42
N PHE D 78 65.57 -25.70 18.54
CA PHE D 78 66.58 -25.63 19.58
C PHE D 78 66.38 -26.72 20.64
N ILE D 79 65.33 -26.62 21.44
CA ILE D 79 65.10 -27.56 22.55
C ILE D 79 64.46 -28.86 22.02
N HIS D 80 65.18 -29.97 22.13
CA HIS D 80 64.71 -31.24 21.62
C HIS D 80 64.27 -32.25 22.72
N GLY D 81 64.33 -33.55 22.40
CA GLY D 81 64.03 -34.59 23.37
C GLY D 81 62.62 -35.14 23.31
N ARG D 82 62.16 -35.73 24.42
CA ARG D 82 60.95 -36.57 24.41
C ARG D 82 59.66 -35.80 24.74
N GLU D 83 59.78 -34.63 25.36
CA GLU D 83 58.58 -33.86 25.71
C GLU D 83 58.12 -32.92 24.59
N MET D 84 59.05 -32.30 23.87
CA MET D 84 58.67 -31.52 22.69
C MET D 84 58.00 -32.45 21.70
N ASP D 85 58.70 -33.53 21.34
CA ASP D 85 58.17 -34.60 20.49
C ASP D 85 56.67 -34.84 20.70
N LEU D 86 56.24 -34.83 21.96
CA LEU D 86 54.82 -35.06 22.33
C LEU D 86 53.90 -33.88 22.02
N CYS D 87 54.33 -32.65 22.24
CA CYS D 87 53.44 -31.54 21.90
C CYS D 87 53.63 -31.00 20.46
N LEU D 88 54.70 -31.38 19.79
CA LEU D 88 54.70 -31.25 18.35
C LEU D 88 53.54 -32.12 17.85
N ALA D 89 53.64 -33.43 18.07
CA ALA D 89 52.56 -34.38 17.77
C ALA D 89 51.20 -33.86 18.19
N LEU D 90 51.07 -33.41 19.43
CA LEU D 90 49.78 -32.95 19.92
C LEU D 90 49.27 -31.78 19.08
N ALA D 91 49.89 -30.60 19.26
CA ALA D 91 49.50 -29.37 18.56
C ALA D 91 49.46 -29.49 17.04
N LEU D 92 50.38 -30.25 16.44
CA LEU D 92 50.34 -30.50 14.98
C LEU D 92 49.12 -31.30 14.51
N THR D 93 48.72 -32.31 15.30
CA THR D 93 47.51 -33.10 15.04
C THR D 93 46.28 -32.20 14.93
N LEU D 94 46.05 -31.39 15.97
CA LEU D 94 44.91 -30.50 16.04
C LEU D 94 44.87 -29.41 14.97
N HIS D 95 46.02 -28.82 14.63
CA HIS D 95 46.12 -27.81 13.56
C HIS D 95 45.76 -28.48 12.25
N VAL D 96 46.49 -29.54 11.90
CA VAL D 96 46.21 -30.37 10.72
C VAL D 96 44.77 -30.89 10.61
N HIS D 97 44.14 -31.14 11.76
CA HIS D 97 42.72 -31.49 11.82
C HIS D 97 41.79 -30.40 11.24
N TRP D 98 41.89 -29.18 11.78
CA TRP D 98 41.16 -28.04 11.27
C TRP D 98 41.64 -27.66 9.87
N GLY D 99 42.81 -28.14 9.51
CA GLY D 99 43.40 -27.85 8.22
C GLY D 99 42.86 -28.70 7.10
N VAL D 100 43.00 -30.03 7.20
CA VAL D 100 42.56 -30.91 6.10
C VAL D 100 41.05 -30.84 5.93
N TRP D 101 40.37 -30.43 7.00
CA TRP D 101 38.91 -30.25 6.94
C TRP D 101 38.48 -29.16 5.96
N GLY D 102 39.30 -28.11 5.84
CA GLY D 102 38.98 -27.02 4.93
C GLY D 102 39.38 -27.37 3.53
N VAL D 103 40.45 -28.14 3.39
CA VAL D 103 40.94 -28.58 2.07
C VAL D 103 40.01 -29.62 1.52
N VAL D 104 39.27 -30.27 2.41
CA VAL D 104 38.36 -31.30 1.99
C VAL D 104 36.98 -30.73 1.60
N ASN D 105 36.40 -29.86 2.41
CA ASN D 105 35.25 -29.07 1.95
C ASN D 105 35.42 -28.54 0.52
N ASP D 106 36.63 -28.09 0.20
CA ASP D 106 37.02 -27.55 -1.12
C ASP D 106 37.01 -28.55 -2.25
N TYR D 107 37.86 -29.56 -2.18
CA TYR D 107 38.02 -30.50 -3.29
C TYR D 107 37.02 -31.68 -3.27
N GLY D 108 36.38 -31.88 -2.12
CA GLY D 108 35.39 -32.93 -1.97
C GLY D 108 33.98 -32.38 -1.93
N ARG D 109 33.66 -31.47 -2.84
CA ARG D 109 32.32 -30.93 -2.90
C ARG D 109 31.36 -31.88 -3.60
N PRO D 110 30.09 -31.92 -3.14
CA PRO D 110 29.11 -32.90 -3.55
C PRO D 110 28.67 -32.71 -4.99
N PHE D 111 28.87 -31.51 -5.56
CA PHE D 111 28.58 -31.30 -6.99
C PHE D 111 29.31 -32.32 -7.85
N VAL D 112 30.57 -32.55 -7.55
CA VAL D 112 31.42 -33.37 -8.41
C VAL D 112 31.64 -34.80 -7.92
N LEU D 113 31.17 -35.14 -6.73
CA LEU D 113 31.39 -36.47 -6.16
C LEU D 113 30.09 -37.22 -5.93
N GLY D 114 28.98 -36.55 -6.15
CA GLY D 114 27.69 -37.08 -5.71
C GLY D 114 27.57 -36.90 -4.21
N ASP D 115 26.34 -36.78 -3.72
CA ASP D 115 26.05 -36.48 -2.31
C ASP D 115 26.68 -37.39 -1.23
N THR D 116 26.72 -38.70 -1.46
CA THR D 116 27.16 -39.67 -0.43
C THR D 116 28.66 -40.01 -0.47
N LEU D 117 29.27 -40.01 -1.66
CA LEU D 117 30.72 -40.18 -1.75
C LEU D 117 31.45 -38.99 -1.11
N ALA D 118 30.74 -37.87 -1.04
CA ALA D 118 31.27 -36.62 -0.53
C ALA D 118 31.22 -36.59 0.97
N ALA D 119 30.13 -37.12 1.54
CA ALA D 119 29.97 -37.24 2.98
C ALA D 119 31.03 -38.18 3.52
N ALA D 120 31.36 -39.20 2.72
CA ALA D 120 32.48 -40.08 3.03
C ALA D 120 33.81 -39.30 3.19
N VAL D 121 34.11 -38.39 2.26
CA VAL D 121 35.33 -37.57 2.36
C VAL D 121 35.37 -36.65 3.60
N ARG D 122 34.26 -36.05 3.96
CA ARG D 122 34.11 -35.44 5.30
C ARG D 122 34.50 -36.40 6.45
N VAL D 123 34.00 -37.64 6.41
CA VAL D 123 34.26 -38.61 7.48
C VAL D 123 35.70 -39.09 7.33
N GLY D 124 36.17 -39.15 6.09
CA GLY D 124 37.57 -39.44 5.78
C GLY D 124 38.45 -38.52 6.57
N ALA D 125 38.07 -37.25 6.63
CA ALA D 125 38.82 -36.24 7.34
C ALA D 125 39.14 -36.70 8.75
N TYR D 126 38.12 -36.98 9.57
CA TYR D 126 38.37 -37.48 10.94
C TYR D 126 39.34 -38.67 10.97
N ILE D 127 39.06 -39.71 10.17
CA ILE D 127 39.95 -40.88 10.10
C ILE D 127 41.41 -40.46 9.91
N PHE D 128 41.62 -39.49 9.02
CA PHE D 128 42.95 -38.90 8.77
C PHE D 128 43.53 -38.19 10.01
N THR D 129 42.75 -37.32 10.66
CA THR D 129 43.17 -36.64 11.90
C THR D 129 43.49 -37.68 12.95
N ALA D 130 42.67 -38.73 13.01
CA ALA D 130 42.84 -39.72 14.05
C ALA D 130 43.96 -40.74 13.81
N CYS D 131 44.18 -41.15 12.57
CA CYS D 131 45.34 -42.00 12.28
C CYS D 131 46.62 -41.19 12.36
N LEU D 132 46.51 -39.87 12.16
CA LEU D 132 47.69 -39.00 12.26
C LEU D 132 48.31 -39.17 13.65
N LEU D 133 47.49 -38.92 14.68
CA LEU D 133 47.94 -39.01 16.06
C LEU D 133 48.42 -40.41 16.43
N ALA D 134 47.57 -41.41 16.24
CA ALA D 134 47.93 -42.82 16.45
C ALA D 134 49.34 -43.03 15.98
N GLY D 135 49.56 -42.77 14.69
CA GLY D 135 50.86 -42.92 14.03
C GLY D 135 52.01 -42.11 14.61
N LEU D 136 51.77 -40.83 14.88
CA LEU D 136 52.74 -40.04 15.62
C LEU D 136 52.98 -40.59 17.03
N LEU D 137 51.93 -40.69 17.84
CA LEU D 137 52.09 -41.25 19.16
C LEU D 137 53.02 -42.44 19.08
N TYR D 138 52.60 -43.45 18.35
CA TYR D 138 53.44 -44.59 18.11
C TYR D 138 54.92 -44.22 17.90
N PHE D 139 55.22 -43.44 16.86
CA PHE D 139 56.60 -43.05 16.51
C PHE D 139 57.38 -42.38 17.66
N ASN D 140 56.68 -41.59 18.47
CA ASN D 140 57.27 -40.99 19.67
C ASN D 140 57.51 -42.05 20.72
N GLU D 141 56.64 -43.03 20.79
CA GLU D 141 56.72 -44.04 21.82
C GLU D 141 57.65 -45.21 21.48
N HIS D 142 57.85 -45.52 20.20
CA HIS D 142 58.62 -46.71 19.86
C HIS D 142 59.81 -46.48 19.00
N ASP D 143 59.71 -45.55 18.07
CA ASP D 143 60.92 -45.15 17.36
C ASP D 143 61.58 -43.93 18.01
N VAL D 144 62.49 -43.30 17.27
CA VAL D 144 63.36 -42.27 17.81
C VAL D 144 62.70 -40.95 18.23
N GLY D 145 61.44 -40.74 17.85
CA GLY D 145 60.73 -39.48 18.11
C GLY D 145 60.93 -38.51 16.96
N LEU D 146 60.04 -37.53 16.83
CA LEU D 146 60.16 -36.54 15.75
C LEU D 146 61.50 -35.85 15.78
N THR D 147 61.88 -35.32 16.93
CA THR D 147 63.05 -34.48 16.98
C THR D 147 64.34 -35.26 16.72
N ARG D 148 64.48 -36.48 17.26
CA ARG D 148 65.68 -37.28 16.95
C ARG D 148 65.67 -37.69 15.48
N ALA D 149 64.47 -37.98 14.96
CA ALA D 149 64.29 -38.27 13.55
C ALA D 149 64.89 -37.16 12.70
N PHE D 150 64.53 -35.91 13.00
CA PHE D 150 65.15 -34.74 12.38
C PHE D 150 66.67 -34.76 12.44
N GLU D 151 67.20 -34.98 13.65
CA GLU D 151 68.65 -35.01 13.86
C GLU D 151 69.29 -36.01 12.91
N MET D 152 68.79 -37.23 12.91
CA MET D 152 69.45 -38.33 12.21
C MET D 152 69.51 -38.20 10.69
N VAL D 153 68.47 -37.60 10.10
CA VAL D 153 68.48 -37.28 8.68
C VAL D 153 69.41 -36.11 8.41
N TRP D 154 69.48 -35.17 9.37
CA TRP D 154 70.39 -34.03 9.26
C TRP D 154 71.86 -34.37 9.52
N GLU D 155 72.13 -35.59 9.98
CA GLU D 155 73.50 -36.02 10.28
C GLU D 155 74.23 -36.54 9.04
N LEU D 156 73.48 -36.85 7.98
CA LEU D 156 74.05 -37.51 6.78
C LEU D 156 74.35 -36.55 5.64
N ALA E 33 -32.62 -31.65 1.82
CA ALA E 33 -32.85 -30.87 0.54
C ALA E 33 -31.52 -30.52 -0.19
N GLN E 34 -31.62 -29.70 -1.23
CA GLN E 34 -30.40 -29.28 -1.96
C GLN E 34 -29.91 -27.83 -1.66
N TYR E 35 -28.64 -27.56 -1.97
CA TYR E 35 -27.95 -26.39 -1.49
C TYR E 35 -27.15 -25.71 -2.59
N LYS E 36 -27.44 -24.45 -2.85
CA LYS E 36 -26.60 -23.68 -3.77
C LYS E 36 -25.27 -23.23 -3.13
N VAL E 37 -24.17 -23.58 -3.76
CA VAL E 37 -22.89 -23.10 -3.31
C VAL E 37 -22.34 -22.07 -4.30
N ILE E 38 -22.16 -20.85 -3.80
CA ILE E 38 -21.62 -19.75 -4.57
C ILE E 38 -20.18 -19.53 -4.10
N ASP E 39 -19.28 -19.24 -5.04
CA ASP E 39 -17.87 -19.09 -4.72
C ASP E 39 -17.30 -17.75 -5.15
N HIS E 40 -16.41 -17.22 -4.31
CA HIS E 40 -15.80 -15.90 -4.52
C HIS E 40 -14.31 -15.99 -4.23
N ALA E 41 -13.58 -14.94 -4.63
CA ALA E 41 -12.12 -14.88 -4.45
C ALA E 41 -11.59 -13.50 -4.05
N TYR E 42 -11.11 -13.39 -2.81
CA TYR E 42 -10.60 -12.11 -2.29
C TYR E 42 -9.16 -12.23 -1.75
N ASP E 43 -8.44 -11.10 -1.80
CA ASP E 43 -7.19 -10.94 -1.08
C ASP E 43 -7.43 -11.14 0.40
N VAL E 44 -8.34 -10.35 0.92
CA VAL E 44 -8.70 -10.52 2.31
C VAL E 44 -10.23 -10.62 2.49
N VAL E 45 -10.64 -11.45 3.44
CA VAL E 45 -12.04 -11.54 3.87
C VAL E 45 -12.13 -11.22 5.35
N ILE E 46 -12.95 -10.24 5.70
CA ILE E 46 -13.09 -9.80 7.10
C ILE E 46 -14.41 -10.21 7.74
N ILE E 47 -14.39 -11.01 8.81
CA ILE E 47 -15.68 -11.37 9.40
C ILE E 47 -16.04 -10.36 10.47
N GLY E 48 -16.97 -9.46 10.12
CA GLY E 48 -17.48 -8.48 11.05
C GLY E 48 -17.24 -7.03 10.66
N ALA E 49 -18.28 -6.21 10.79
CA ALA E 49 -18.22 -4.79 10.45
C ALA E 49 -18.53 -3.83 11.62
N GLY E 50 -17.88 -4.05 12.74
CA GLY E 50 -18.05 -3.15 13.87
C GLY E 50 -16.77 -2.38 13.91
N GLY E 51 -16.61 -1.48 14.86
CA GLY E 51 -15.35 -0.73 15.02
C GLY E 51 -14.18 -1.36 14.28
N ALA E 52 -13.65 -2.44 14.83
CA ALA E 52 -12.49 -3.13 14.26
C ALA E 52 -12.70 -3.62 12.80
N GLY E 53 -13.52 -4.64 12.61
CA GLY E 53 -13.82 -5.08 11.26
C GLY E 53 -13.71 -3.97 10.23
N LEU E 54 -14.37 -2.83 10.52
CA LEU E 54 -14.35 -1.67 9.62
C LEU E 54 -13.00 -0.93 9.57
N ARG E 55 -12.41 -0.59 10.72
CA ARG E 55 -11.11 0.06 10.66
C ARG E 55 -10.18 -0.72 9.73
N ALA E 56 -10.23 -2.06 9.82
CA ALA E 56 -9.37 -2.91 8.99
C ALA E 56 -9.77 -2.75 7.52
N ALA E 57 -11.05 -3.00 7.25
CA ALA E 57 -11.55 -2.88 5.91
C ALA E 57 -11.03 -1.62 5.20
N MET E 58 -10.88 -0.49 5.92
CA MET E 58 -10.40 0.74 5.26
C MET E 58 -8.88 0.85 5.09
N GLY E 59 -8.15 0.28 6.05
CA GLY E 59 -6.71 0.15 5.90
C GLY E 59 -6.41 -0.65 4.65
N LEU E 60 -7.00 -1.83 4.58
CA LEU E 60 -6.79 -2.80 3.50
C LEU E 60 -7.25 -2.29 2.15
N GLY E 61 -8.38 -1.60 2.15
CA GLY E 61 -8.93 -0.98 0.95
C GLY E 61 -7.98 0.01 0.33
N GLU E 62 -7.57 1.01 1.14
CA GLU E 62 -6.60 2.04 0.74
C GLU E 62 -5.26 1.46 0.26
N ALA E 63 -4.67 0.59 1.09
CA ALA E 63 -3.56 -0.29 0.70
C ALA E 63 -3.82 -1.18 -0.53
N GLY E 64 -5.00 -1.03 -1.14
CA GLY E 64 -5.28 -1.60 -2.46
C GLY E 64 -5.71 -3.06 -2.60
N PHE E 65 -5.92 -3.77 -1.50
CA PHE E 65 -6.35 -5.17 -1.54
C PHE E 65 -7.82 -5.35 -1.89
N LYS E 66 -8.14 -6.45 -2.56
CA LYS E 66 -9.54 -6.79 -2.92
C LYS E 66 -10.17 -7.51 -1.73
N THR E 67 -11.13 -6.84 -1.10
CA THR E 67 -11.47 -7.18 0.29
C THR E 67 -12.93 -7.44 0.39
N ALA E 68 -13.31 -8.52 1.05
CA ALA E 68 -14.73 -8.72 1.32
C ALA E 68 -15.05 -8.55 2.82
N VAL E 69 -16.15 -7.84 3.11
CA VAL E 69 -16.65 -7.79 4.49
C VAL E 69 -17.90 -8.65 4.68
N VAL E 70 -17.75 -9.67 5.49
CA VAL E 70 -18.83 -10.60 5.78
C VAL E 70 -19.39 -10.27 7.16
N THR E 71 -20.70 -10.01 7.20
CA THR E 71 -21.29 -9.46 8.43
C THR E 71 -22.75 -9.87 8.54
N LYS E 72 -23.10 -10.47 9.67
CA LYS E 72 -24.45 -11.03 9.84
C LYS E 72 -25.53 -9.96 9.96
N MET E 73 -25.12 -8.72 10.15
CA MET E 73 -26.02 -7.57 10.14
C MET E 73 -25.41 -6.33 9.44
N PHE E 74 -26.28 -5.41 8.99
CA PHE E 74 -25.83 -4.10 8.53
C PHE E 74 -24.89 -3.53 9.59
N PRO E 75 -23.71 -3.07 9.17
CA PRO E 75 -22.62 -2.79 10.11
C PRO E 75 -23.03 -1.82 11.22
N THR E 76 -23.77 -0.78 10.86
CA THR E 76 -24.20 0.23 11.80
C THR E 76 -24.85 -0.36 13.09
N ARG E 77 -25.47 -1.53 12.94
CA ARG E 77 -26.23 -2.11 14.02
C ARG E 77 -25.33 -2.84 15.00
N SER E 78 -24.05 -2.80 14.72
CA SER E 78 -23.09 -3.59 15.47
C SER E 78 -22.91 -3.06 16.88
N HIS E 79 -22.33 -3.84 17.77
CA HIS E 79 -22.39 -3.43 19.16
C HIS E 79 -21.59 -2.16 19.46
N THR E 80 -20.43 -2.03 18.82
CA THR E 80 -19.67 -0.80 18.81
C THR E 80 -20.61 0.40 18.86
N THR E 81 -21.65 0.37 18.03
CA THR E 81 -22.68 1.44 18.01
C THR E 81 -23.31 1.73 19.39
N ALA E 82 -23.40 0.70 20.23
CA ALA E 82 -24.05 0.85 21.52
C ALA E 82 -23.12 1.51 22.55
N ALA E 83 -21.87 1.74 22.16
CA ALA E 83 -20.87 2.21 23.12
C ALA E 83 -21.09 3.69 23.44
N GLN E 84 -20.92 4.02 24.71
CA GLN E 84 -21.28 5.34 25.19
C GLN E 84 -20.09 6.15 25.61
N GLY E 85 -19.32 5.64 26.57
CA GLY E 85 -18.55 6.50 27.44
C GLY E 85 -17.52 7.40 26.82
N GLY E 86 -16.70 6.81 25.97
CA GLY E 86 -15.57 7.50 25.39
C GLY E 86 -14.48 6.57 24.86
N ILE E 87 -13.30 7.13 24.59
CA ILE E 87 -12.17 6.40 24.02
C ILE E 87 -10.87 7.06 24.47
N ASN E 88 -9.91 6.24 24.91
CA ASN E 88 -8.74 6.79 25.60
C ASN E 88 -7.63 7.11 24.65
N ALA E 89 -7.11 8.33 24.76
CA ALA E 89 -5.79 8.71 24.22
C ALA E 89 -5.29 9.95 24.95
N ALA E 90 -3.98 10.02 25.14
CA ALA E 90 -3.38 11.08 25.93
C ALA E 90 -3.28 12.36 25.10
N LEU E 91 -4.43 12.85 24.62
CA LEU E 91 -4.47 13.99 23.70
C LEU E 91 -3.96 15.25 24.38
N GLY E 92 -4.22 15.34 25.68
CA GLY E 92 -3.74 16.45 26.47
C GLY E 92 -4.64 17.66 26.35
N SER E 93 -5.90 17.43 25.97
CA SER E 93 -6.83 18.55 25.78
C SER E 93 -7.27 19.33 27.03
N MET E 94 -7.27 18.70 28.18
CA MET E 94 -7.82 19.32 29.37
C MET E 94 -6.75 19.54 30.42
N ASN E 95 -5.61 18.86 30.25
CA ASN E 95 -4.46 18.91 31.16
C ASN E 95 -3.29 18.11 30.55
N PRO E 96 -2.03 18.50 30.83
CA PRO E 96 -0.97 17.77 30.09
C PRO E 96 -1.04 16.29 30.38
N ASP E 97 -0.43 15.46 29.53
CA ASP E 97 -0.61 14.02 29.63
C ASP E 97 0.34 13.28 28.74
N ASP E 98 0.90 12.21 29.27
CA ASP E 98 1.86 11.40 28.56
C ASP E 98 1.17 10.08 28.20
N TRP E 99 1.52 9.52 27.05
CA TRP E 99 0.97 8.24 26.64
C TRP E 99 1.42 7.11 27.55
N LYS E 100 2.66 7.21 28.03
CA LYS E 100 3.20 6.24 28.97
C LYS E 100 2.40 6.17 30.29
N TRP E 101 1.74 7.26 30.69
CA TRP E 101 0.82 7.21 31.82
C TRP E 101 -0.38 6.28 31.51
N HIS E 102 -0.81 6.34 30.26
CA HIS E 102 -1.94 5.57 29.80
C HIS E 102 -1.55 4.11 29.59
N PHE E 103 -0.28 3.90 29.29
CA PHE E 103 0.30 2.58 29.28
C PHE E 103 0.38 1.97 30.67
N TYR E 104 0.87 2.76 31.63
CA TYR E 104 0.95 2.30 33.01
C TYR E 104 -0.42 1.90 33.51
N ASP E 105 -1.38 2.78 33.27
CA ASP E 105 -2.73 2.64 33.75
C ASP E 105 -3.40 1.42 33.20
N THR E 106 -3.03 1.07 31.97
CA THR E 106 -3.44 -0.16 31.34
C THR E 106 -2.73 -1.41 31.93
N ALA E 107 -1.39 -1.42 32.01
CA ALA E 107 -0.67 -2.59 32.57
C ALA E 107 -1.32 -2.99 33.87
N LYS E 108 -1.20 -2.13 34.89
CA LYS E 108 -1.87 -2.30 36.17
C LYS E 108 -3.29 -2.89 36.05
N GLY E 109 -4.24 -2.10 35.56
CA GLY E 109 -5.63 -2.54 35.39
C GLY E 109 -5.88 -3.95 34.88
N SER E 110 -4.88 -4.55 34.24
CA SER E 110 -4.96 -5.93 33.73
C SER E 110 -4.44 -6.92 34.75
N ASP E 111 -4.00 -6.39 35.89
CA ASP E 111 -3.54 -7.18 37.04
C ASP E 111 -2.31 -7.96 36.64
N TRP E 112 -1.59 -7.42 35.66
CA TRP E 112 -0.38 -8.03 35.17
C TRP E 112 -0.57 -9.37 34.47
N LEU E 113 -1.76 -9.60 33.93
CA LEU E 113 -1.95 -10.73 33.05
C LEU E 113 -1.95 -10.21 31.63
N GLY E 114 -1.86 -8.89 31.50
CA GLY E 114 -1.73 -8.24 30.21
C GLY E 114 -0.36 -8.51 29.61
N ASP E 115 -0.33 -8.85 28.32
CA ASP E 115 0.92 -8.87 27.57
C ASP E 115 1.28 -7.43 27.39
N GLN E 116 2.47 -7.07 27.87
CA GLN E 116 2.93 -5.69 27.90
C GLN E 116 3.34 -5.17 26.53
N ASN E 117 4.04 -5.97 25.77
CA ASN E 117 4.34 -5.59 24.42
C ASN E 117 3.09 -5.09 23.67
N ALA E 118 1.93 -5.67 23.94
CA ALA E 118 0.71 -5.31 23.21
C ALA E 118 0.00 -4.09 23.81
N MET E 119 0.07 -3.94 25.13
CA MET E 119 -0.42 -2.73 25.77
C MET E 119 0.53 -1.58 25.50
N HIS E 120 1.76 -1.92 25.12
CA HIS E 120 2.73 -0.93 24.65
C HIS E 120 2.21 -0.35 23.37
N TYR E 121 2.05 -1.24 22.40
CA TYR E 121 1.51 -0.93 21.07
C TYR E 121 0.21 -0.17 21.12
N LEU E 122 -0.60 -0.49 22.12
CA LEU E 122 -1.97 -0.02 22.18
C LEU E 122 -1.96 1.43 22.57
N THR E 123 -1.32 1.68 23.69
CA THR E 123 -1.35 2.98 24.31
C THR E 123 -0.48 3.90 23.49
N ARG E 124 0.56 3.33 22.86
CA ARG E 124 1.43 4.10 21.96
C ARG E 124 0.62 4.75 20.84
N ASN E 125 0.15 3.94 19.90
CA ASN E 125 -0.58 4.41 18.74
C ASN E 125 -1.97 4.99 18.99
N ALA E 126 -2.28 5.34 20.25
CA ALA E 126 -3.61 5.81 20.64
C ALA E 126 -3.98 7.21 20.11
N VAL E 127 -3.07 8.17 20.27
CA VAL E 127 -3.34 9.54 19.81
C VAL E 127 -3.49 9.64 18.30
N GLU E 128 -2.56 9.01 17.58
CA GLU E 128 -2.71 8.87 16.15
C GLU E 128 -4.09 8.23 15.78
N ALA E 129 -4.43 7.10 16.43
CA ALA E 129 -5.73 6.49 16.16
C ALA E 129 -6.91 7.41 16.47
N VAL E 130 -6.92 8.05 17.64
CA VAL E 130 -8.01 8.98 18.00
C VAL E 130 -8.02 10.20 17.07
N THR E 131 -6.83 10.65 16.66
CA THR E 131 -6.74 11.76 15.75
C THR E 131 -7.37 11.31 14.44
N GLU E 132 -6.86 10.23 13.84
CA GLU E 132 -7.42 9.74 12.56
C GLU E 132 -8.94 9.77 12.53
N LEU E 133 -9.54 9.43 13.66
CA LEU E 133 -10.97 9.47 13.81
C LEU E 133 -11.57 10.86 13.74
N GLU E 134 -10.98 11.85 14.44
CA GLU E 134 -11.43 13.26 14.39
C GLU E 134 -11.23 13.69 12.97
N ASN E 135 -10.10 13.25 12.42
CA ASN E 135 -9.79 13.46 11.00
C ASN E 135 -10.67 12.76 9.96
N PHE E 136 -11.43 11.72 10.33
CA PHE E 136 -12.44 11.13 9.42
C PHE E 136 -13.80 11.82 9.52
N GLY E 137 -13.93 12.75 10.46
CA GLY E 137 -15.15 13.50 10.63
C GLY E 137 -15.95 13.09 11.83
N MET E 138 -15.40 12.22 12.66
CA MET E 138 -16.12 11.89 13.90
C MET E 138 -16.35 13.16 14.73
N PRO E 139 -17.61 13.58 14.82
CA PRO E 139 -18.04 14.85 15.43
C PRO E 139 -17.87 14.91 16.93
N PHE E 140 -16.64 14.78 17.38
CA PHE E 140 -16.26 14.92 18.78
C PHE E 140 -16.79 16.16 19.50
N SER E 141 -17.17 15.95 20.77
CA SER E 141 -17.49 17.02 21.73
C SER E 141 -16.27 17.96 21.89
N ARG E 142 -16.46 19.17 22.41
CA ARG E 142 -15.39 20.16 22.24
C ARG E 142 -14.95 21.10 23.38
N THR E 143 -13.65 21.34 23.44
CA THR E 143 -13.07 22.28 24.41
C THR E 143 -13.12 23.70 23.86
N PRO E 144 -13.28 24.72 24.72
CA PRO E 144 -13.19 26.13 24.29
C PRO E 144 -12.02 26.41 23.33
N GLU E 145 -10.84 25.88 23.63
CA GLU E 145 -9.69 25.99 22.73
C GLU E 145 -9.93 25.25 21.38
N GLY E 146 -11.00 24.46 21.32
CA GLY E 146 -11.37 23.71 20.10
C GLY E 146 -10.77 22.31 19.85
N LYS E 147 -10.10 21.74 20.85
CA LYS E 147 -9.61 20.35 20.78
C LYS E 147 -10.67 19.36 21.27
N ILE E 148 -10.39 18.08 21.09
CA ILE E 148 -11.36 17.04 21.42
C ILE E 148 -11.59 17.07 22.93
N TYR E 149 -12.84 17.00 23.37
CA TYR E 149 -13.14 17.01 24.80
C TYR E 149 -12.90 15.65 25.45
N GLN E 150 -12.15 15.65 26.54
CA GLN E 150 -11.89 14.43 27.27
C GLN E 150 -12.58 14.44 28.63
N ARG E 151 -12.97 13.24 29.09
CA ARG E 151 -13.59 13.11 30.42
C ARG E 151 -12.80 12.16 31.34
N SER E 152 -13.27 12.07 32.58
CA SER E 152 -12.64 11.15 33.48
C SER E 152 -13.37 9.81 33.53
N PHE E 153 -12.60 8.75 33.70
CA PHE E 153 -13.18 7.43 33.76
C PHE E 153 -12.74 6.69 35.00
N GLY E 154 -13.28 5.49 35.16
CA GLY E 154 -12.78 4.57 36.14
C GLY E 154 -11.42 4.05 35.72
N GLY E 155 -10.48 4.16 36.66
CA GLY E 155 -9.22 3.45 36.62
C GLY E 155 -8.03 4.18 36.06
N GLN E 156 -8.05 5.51 36.05
CA GLN E 156 -6.98 6.22 35.36
C GLN E 156 -6.30 7.34 36.13
N SER E 157 -5.05 7.59 35.79
CA SER E 157 -4.21 8.46 36.59
C SER E 157 -3.13 9.11 35.76
N ASN E 158 -2.88 10.37 36.07
CA ASN E 158 -1.68 11.04 35.59
C ASN E 158 -0.48 10.55 36.39
N ASN E 159 0.71 10.65 35.80
CA ASN E 159 1.94 10.51 36.56
C ASN E 159 2.21 9.13 37.17
N TYR E 160 2.10 8.08 36.33
CA TYR E 160 2.35 6.71 36.73
C TYR E 160 1.71 6.36 38.08
N GLY E 161 0.47 6.78 38.29
CA GLY E 161 -0.24 6.44 39.51
C GLY E 161 -0.25 7.51 40.58
N LYS E 162 0.80 8.32 40.62
CA LYS E 162 0.99 9.25 41.73
C LYS E 162 0.51 10.67 41.44
N GLY E 163 0.11 10.91 40.19
CA GLY E 163 -0.43 12.20 39.73
C GLY E 163 -1.86 12.36 40.21
N GLY E 164 -2.72 12.97 39.39
CA GLY E 164 -4.13 13.05 39.76
C GLY E 164 -4.98 11.97 39.09
N VAL E 165 -6.27 12.28 38.94
CA VAL E 165 -7.20 11.51 38.12
C VAL E 165 -7.03 11.91 36.66
N ALA E 166 -6.51 11.03 35.82
CA ALA E 166 -6.43 11.30 34.38
C ALA E 166 -7.73 11.75 33.73
N LYS E 167 -7.60 12.52 32.66
CA LYS E 167 -8.71 12.91 31.77
C LYS E 167 -8.34 12.64 30.31
N ARG E 168 -8.58 11.42 29.85
CA ARG E 168 -8.09 10.99 28.55
C ARG E 168 -9.20 10.42 27.73
N THR E 169 -10.41 10.45 28.27
CA THR E 169 -11.48 9.82 27.56
C THR E 169 -12.07 10.83 26.59
N CYS E 170 -11.68 10.67 25.32
CA CYS E 170 -12.23 11.46 24.22
C CYS E 170 -13.67 10.96 23.99
N CYS E 171 -14.56 11.80 23.48
CA CYS E 171 -15.95 11.40 23.39
C CYS E 171 -16.86 12.31 22.56
N VAL E 172 -17.86 11.69 21.94
CA VAL E 172 -18.95 12.38 21.24
C VAL E 172 -20.09 12.47 22.26
N ALA E 173 -19.79 13.09 23.39
CA ALA E 173 -20.69 13.11 24.53
C ALA E 173 -21.01 11.69 24.98
N ASP E 174 -22.25 11.33 24.75
CA ASP E 174 -22.80 10.15 25.32
C ASP E 174 -22.87 9.01 24.31
N ARG E 175 -22.44 9.31 23.08
CA ARG E 175 -22.76 8.49 21.92
C ARG E 175 -21.49 8.17 21.12
N THR E 176 -20.39 8.00 21.85
CA THR E 176 -19.07 7.88 21.24
C THR E 176 -18.99 6.67 20.35
N GLY E 177 -19.34 5.49 20.89
CA GLY E 177 -19.38 4.27 20.07
C GLY E 177 -20.26 4.44 18.84
N HIS E 178 -21.45 5.00 19.05
CA HIS E 178 -22.41 5.25 17.98
C HIS E 178 -21.85 6.10 16.88
N SER E 179 -21.14 7.14 17.30
CA SER E 179 -20.58 8.12 16.39
C SER E 179 -19.34 7.61 15.71
N MET E 180 -18.44 7.00 16.49
CA MET E 180 -17.26 6.35 15.93
C MET E 180 -17.66 5.37 14.83
N LEU E 181 -18.61 4.48 15.13
CA LEU E 181 -19.01 3.44 14.19
C LEU E 181 -19.60 3.99 12.90
N HIS E 182 -20.40 5.05 12.99
CA HIS E 182 -21.02 5.64 11.80
C HIS E 182 -19.99 6.37 10.98
N THR E 183 -18.96 6.89 11.65
CA THR E 183 -17.86 7.55 10.94
C THR E 183 -17.07 6.50 10.19
N LEU E 184 -16.62 5.49 10.92
CA LEU E 184 -15.98 4.37 10.31
C LEU E 184 -16.81 3.85 9.15
N TYR E 185 -18.13 3.69 9.33
CA TYR E 185 -18.91 3.11 8.20
C TYR E 185 -18.93 4.00 6.94
N GLY E 186 -19.32 5.26 7.11
CA GLY E 186 -19.20 6.25 6.05
C GLY E 186 -17.84 6.22 5.38
N ASN E 187 -16.78 6.22 6.17
CA ASN E 187 -15.45 6.28 5.60
C ASN E 187 -15.04 5.00 4.90
N SER E 188 -15.58 3.86 5.36
CA SER E 188 -15.33 2.58 4.71
C SER E 188 -15.98 2.50 3.35
N LEU E 189 -16.99 3.33 3.09
CA LEU E 189 -17.67 3.33 1.79
C LEU E 189 -16.79 3.92 0.69
N ARG E 190 -15.90 4.83 1.10
CA ARG E 190 -14.83 5.42 0.27
C ARG E 190 -13.76 4.43 -0.29
N CYS E 191 -13.66 3.20 0.22
CA CYS E 191 -12.52 2.38 -0.20
C CYS E 191 -12.77 1.00 -0.89
N HIS E 192 -13.76 0.99 -1.80
CA HIS E 192 -14.07 -0.16 -2.68
C HIS E 192 -14.05 -1.54 -1.97
N CYS E 193 -14.37 -1.56 -0.67
CA CYS E 193 -14.55 -2.81 0.05
C CYS E 193 -15.86 -3.37 -0.41
N THR E 194 -15.86 -4.51 -1.09
CA THR E 194 -17.14 -5.14 -1.42
C THR E 194 -17.82 -5.79 -0.17
N PHE E 195 -19.00 -5.28 0.20
CA PHE E 195 -19.73 -5.67 1.41
C PHE E 195 -20.71 -6.81 1.19
N PHE E 196 -20.67 -7.81 2.07
CA PHE E 196 -21.62 -8.95 2.11
C PHE E 196 -22.47 -8.90 3.38
N ILE E 197 -23.65 -8.30 3.22
CA ILE E 197 -24.49 -7.88 4.36
C ILE E 197 -25.56 -8.87 4.75
N GLU E 198 -25.61 -9.21 6.04
CA GLU E 198 -26.54 -10.20 6.59
C GLU E 198 -26.16 -11.53 6.03
N TYR E 199 -24.93 -11.93 6.35
CA TYR E 199 -24.32 -13.15 5.90
C TYR E 199 -23.74 -13.82 7.11
N PHE E 200 -24.30 -14.98 7.46
CA PHE E 200 -23.91 -15.68 8.68
C PHE E 200 -22.68 -16.52 8.41
N ALA E 201 -21.65 -16.41 9.26
CA ALA E 201 -20.40 -17.14 9.05
C ALA E 201 -20.52 -18.46 9.76
N LEU E 202 -20.58 -19.51 8.93
CA LEU E 202 -20.58 -20.87 9.39
C LEU E 202 -19.19 -21.28 9.87
N ASP E 203 -18.21 -21.31 8.98
CA ASP E 203 -16.91 -21.82 9.39
C ASP E 203 -15.71 -21.22 8.70
N LEU E 204 -14.58 -21.27 9.40
CA LEU E 204 -13.30 -20.85 8.86
C LEU E 204 -12.82 -21.92 7.90
N LEU E 205 -12.73 -21.60 6.60
CA LEU E 205 -12.18 -22.51 5.59
C LEU E 205 -10.70 -22.83 5.83
N MET E 206 -10.47 -24.06 6.30
CA MET E 206 -9.16 -24.58 6.73
C MET E 206 -8.56 -25.62 5.79
N ASP E 207 -7.24 -25.64 5.77
CA ASP E 207 -6.49 -26.49 4.86
C ASP E 207 -5.08 -26.73 5.42
N LYS E 208 -4.86 -27.95 5.91
CA LYS E 208 -3.56 -28.40 6.47
C LYS E 208 -2.86 -27.34 7.33
N GLY E 209 -3.63 -26.71 8.20
CA GLY E 209 -3.10 -25.73 9.16
C GLY E 209 -3.08 -24.28 8.69
N ARG E 210 -3.73 -23.99 7.56
CA ARG E 210 -3.80 -22.64 7.01
C ARG E 210 -5.25 -22.23 6.83
N CYS E 211 -5.50 -20.92 6.88
CA CYS E 211 -6.81 -20.37 6.65
C CYS E 211 -6.91 -19.84 5.23
N VAL E 212 -7.89 -20.32 4.50
CA VAL E 212 -8.05 -19.95 3.09
C VAL E 212 -9.34 -19.15 2.88
N GLY E 213 -10.07 -18.96 3.97
CA GLY E 213 -11.29 -18.16 3.95
C GLY E 213 -12.35 -18.60 4.93
N VAL E 214 -13.60 -18.33 4.55
CA VAL E 214 -14.83 -18.46 5.34
C VAL E 214 -15.93 -18.99 4.42
N ILE E 215 -16.78 -19.88 4.96
CA ILE E 215 -18.04 -20.26 4.31
C ILE E 215 -19.22 -19.64 5.08
N ALA E 216 -20.22 -19.13 4.37
CA ALA E 216 -21.27 -18.42 5.08
C ALA E 216 -22.64 -18.53 4.42
N LEU E 217 -23.67 -18.45 5.24
CA LEU E 217 -25.02 -18.55 4.76
C LEU E 217 -25.48 -17.16 4.42
N CYS E 218 -25.94 -16.98 3.19
CA CYS E 218 -26.56 -15.74 2.79
C CYS E 218 -28.03 -15.73 3.17
N LEU E 219 -28.37 -14.89 4.15
CA LEU E 219 -29.74 -14.78 4.67
C LEU E 219 -30.81 -14.32 3.66
N GLU E 220 -30.42 -13.53 2.66
CA GLU E 220 -31.40 -12.92 1.78
C GLU E 220 -32.12 -13.95 0.95
N ASP E 221 -31.39 -15.00 0.54
CA ASP E 221 -31.92 -16.02 -0.38
C ASP E 221 -31.54 -17.49 -0.12
N GLY E 222 -30.72 -17.76 0.89
CA GLY E 222 -30.42 -19.15 1.25
C GLY E 222 -29.16 -19.76 0.64
N THR E 223 -28.53 -19.07 -0.29
CA THR E 223 -27.33 -19.58 -0.91
C THR E 223 -26.23 -19.70 0.12
N ILE E 224 -25.33 -20.67 -0.08
CA ILE E 224 -24.14 -20.80 0.75
C ILE E 224 -22.94 -20.15 0.03
N HIS E 225 -22.02 -19.55 0.79
CA HIS E 225 -20.90 -18.86 0.18
C HIS E 225 -19.58 -19.34 0.69
N ARG E 226 -18.67 -19.56 -0.26
CA ARG E 226 -17.29 -19.86 0.06
C ARG E 226 -16.43 -18.76 -0.51
N PHE E 227 -15.59 -18.19 0.38
CA PHE E 227 -14.77 -17.04 0.07
C PHE E 227 -13.36 -17.52 0.22
N ARG E 228 -12.72 -17.79 -0.92
CA ARG E 228 -11.31 -18.15 -0.93
C ARG E 228 -10.58 -16.82 -0.81
N SER E 229 -9.64 -16.71 0.14
CA SER E 229 -8.91 -15.45 0.36
C SER E 229 -7.51 -15.69 0.90
N LYS E 230 -6.53 -14.92 0.42
CA LYS E 230 -5.15 -14.91 0.97
C LYS E 230 -5.15 -14.83 2.51
N ARG E 231 -5.78 -13.78 3.05
CA ARG E 231 -5.90 -13.61 4.50
C ARG E 231 -7.35 -13.53 5.00
N THR E 232 -7.58 -13.84 6.28
CA THR E 232 -8.90 -13.73 6.91
C THR E 232 -8.78 -13.04 8.27
N ILE E 233 -9.48 -11.91 8.48
CA ILE E 233 -9.47 -11.25 9.81
C ILE E 233 -10.76 -11.54 10.56
N VAL E 234 -10.66 -12.20 11.72
CA VAL E 234 -11.88 -12.52 12.48
C VAL E 234 -12.09 -11.39 13.47
N ALA E 235 -13.15 -10.60 13.25
CA ALA E 235 -13.43 -9.41 14.05
C ALA E 235 -14.90 -9.32 14.39
N THR E 236 -15.34 -10.27 15.23
CA THR E 236 -16.76 -10.66 15.41
C THR E 236 -17.39 -10.30 16.77
N GLY E 237 -16.60 -9.72 17.69
CA GLY E 237 -17.14 -9.19 18.96
C GLY E 237 -17.37 -10.26 20.00
N GLY E 238 -17.81 -9.86 21.20
CA GLY E 238 -18.00 -10.79 22.35
C GLY E 238 -19.13 -11.83 22.41
N TYR E 239 -19.28 -12.42 23.61
CA TYR E 239 -20.38 -13.34 23.91
C TYR E 239 -21.09 -12.99 25.21
N GLY E 240 -21.70 -11.82 25.25
CA GLY E 240 -22.40 -11.43 26.47
C GLY E 240 -23.61 -12.31 26.67
N ARG E 241 -24.16 -12.79 25.56
CA ARG E 241 -25.38 -13.55 25.55
C ARG E 241 -25.21 -15.00 26.06
N ALA E 242 -24.00 -15.36 26.50
CA ALA E 242 -23.82 -16.56 27.31
C ALA E 242 -24.62 -16.41 28.59
N TYR E 243 -24.53 -15.24 29.22
CA TYR E 243 -25.19 -14.97 30.52
C TYR E 243 -26.66 -14.55 30.40
N PHE E 244 -27.41 -14.80 31.48
CA PHE E 244 -28.83 -14.46 31.56
C PHE E 244 -29.01 -12.98 31.32
N SER E 245 -28.23 -12.17 32.03
CA SER E 245 -28.36 -10.73 31.92
C SER E 245 -27.04 -10.10 31.51
N CYS E 246 -27.06 -9.35 30.41
CA CYS E 246 -25.85 -8.69 29.93
C CYS E 246 -26.14 -7.33 29.37
N THR E 247 -25.09 -6.56 29.13
CA THR E 247 -25.25 -5.22 28.55
C THR E 247 -25.14 -5.30 27.03
N THR E 248 -24.63 -6.42 26.53
CA THR E 248 -24.45 -6.65 25.11
C THR E 248 -25.72 -6.90 24.26
N ALA E 249 -25.53 -7.03 22.96
CA ALA E 249 -26.64 -7.14 22.03
C ALA E 249 -27.21 -8.55 21.99
N HIS E 250 -28.43 -8.70 21.51
CA HIS E 250 -28.95 -10.03 21.17
C HIS E 250 -28.02 -10.69 20.19
N MET E 251 -26.99 -9.95 19.80
CA MET E 251 -26.11 -10.38 18.71
C MET E 251 -24.72 -10.82 19.13
N ASN E 252 -24.41 -10.71 20.41
CA ASN E 252 -23.12 -11.07 20.92
C ASN E 252 -23.07 -12.55 21.32
N THR E 253 -22.73 -13.39 20.36
CA THR E 253 -22.96 -14.83 20.51
C THR E 253 -21.71 -15.64 20.23
N GLY E 254 -20.55 -15.08 20.61
CA GLY E 254 -19.23 -15.66 20.31
C GLY E 254 -19.03 -16.49 19.04
N ASP E 255 -19.65 -16.08 17.94
CA ASP E 255 -19.46 -16.78 16.69
C ASP E 255 -17.98 -16.85 16.24
N GLY E 256 -17.22 -15.79 16.44
CA GLY E 256 -15.82 -15.80 16.01
C GLY E 256 -15.06 -16.84 16.77
N THR E 257 -15.11 -16.78 18.10
CA THR E 257 -14.39 -17.69 19.02
C THR E 257 -14.82 -19.15 18.88
N ALA E 258 -16.08 -19.38 18.54
CA ALA E 258 -16.50 -20.68 18.04
C ALA E 258 -15.76 -20.99 16.72
N LEU E 259 -16.02 -20.23 15.66
CA LEU E 259 -15.33 -20.46 14.38
C LEU E 259 -13.88 -20.83 14.67
N ALA E 260 -13.28 -20.16 15.65
CA ALA E 260 -11.91 -20.45 16.01
C ALA E 260 -11.82 -21.89 16.58
N THR E 261 -12.48 -22.14 17.72
CA THR E 261 -12.53 -23.47 18.34
C THR E 261 -12.72 -24.55 17.30
N ARG E 262 -13.79 -24.40 16.53
CA ARG E 262 -14.24 -25.31 15.47
C ARG E 262 -13.18 -25.64 14.41
N ALA E 263 -12.29 -24.70 14.11
CA ALA E 263 -11.21 -24.93 13.17
C ALA E 263 -9.92 -25.39 13.89
N GLY E 264 -10.05 -25.66 15.19
CA GLY E 264 -8.96 -26.25 15.95
C GLY E 264 -7.98 -25.33 16.66
N ILE E 265 -8.35 -24.05 16.80
CA ILE E 265 -7.55 -23.08 17.59
C ILE E 265 -8.09 -23.07 19.02
N ALA E 266 -7.21 -23.02 20.01
CA ALA E 266 -7.69 -22.86 21.40
C ALA E 266 -7.81 -21.40 21.77
N LEU E 267 -8.75 -21.13 22.66
CA LEU E 267 -9.13 -19.77 23.08
C LEU E 267 -8.51 -19.45 24.43
N GLU E 268 -8.29 -18.16 24.73
CA GLU E 268 -7.64 -17.83 26.02
C GLU E 268 -8.30 -16.79 26.95
N ASP E 269 -7.84 -16.81 28.20
CA ASP E 269 -8.44 -16.07 29.31
C ASP E 269 -9.96 -16.08 29.42
N LEU E 270 -10.61 -17.02 28.73
CA LEU E 270 -12.09 -17.13 28.72
C LEU E 270 -12.77 -17.06 30.09
N GLU E 271 -11.98 -17.06 31.17
CA GLU E 271 -12.53 -16.91 32.52
C GLU E 271 -12.70 -15.46 32.93
N PHE E 272 -12.11 -14.54 32.18
CA PHE E 272 -12.07 -13.12 32.62
C PHE E 272 -13.23 -12.25 32.10
N ILE E 273 -14.41 -12.42 32.70
CA ILE E 273 -15.59 -11.76 32.18
C ILE E 273 -15.80 -10.51 33.00
N GLN E 274 -15.64 -9.38 32.30
CA GLN E 274 -15.88 -8.06 32.87
C GLN E 274 -17.35 -7.86 33.18
N PHE E 275 -17.62 -7.63 34.47
CA PHE E 275 -18.93 -7.13 34.91
C PHE E 275 -18.83 -5.61 34.97
N HIS E 276 -19.74 -4.93 34.26
CA HIS E 276 -19.78 -3.48 34.28
C HIS E 276 -20.56 -3.09 35.51
N PRO E 277 -20.00 -2.18 36.33
CA PRO E 277 -20.60 -1.82 37.61
C PRO E 277 -22.04 -1.36 37.49
N THR E 278 -22.33 -0.52 36.50
CA THR E 278 -23.65 0.13 36.47
C THR E 278 -24.49 -0.17 35.24
N GLY E 279 -25.13 -1.34 35.24
CA GLY E 279 -26.08 -1.71 34.21
C GLY E 279 -27.48 -1.65 34.81
N ILE E 280 -28.37 -0.86 34.20
CA ILE E 280 -29.73 -0.69 34.71
C ILE E 280 -30.35 -1.98 35.25
N TYR E 281 -31.08 -1.87 36.35
CA TYR E 281 -31.38 -3.02 37.22
C TYR E 281 -32.27 -4.12 36.62
N GLY E 282 -33.40 -3.75 36.06
CA GLY E 282 -34.26 -4.79 35.53
C GLY E 282 -33.71 -5.28 34.20
N VAL E 283 -33.31 -4.31 33.39
CA VAL E 283 -33.14 -4.51 31.95
C VAL E 283 -31.71 -4.86 31.56
N GLY E 284 -30.75 -4.25 32.25
CA GLY E 284 -29.33 -4.44 31.93
C GLY E 284 -28.81 -3.57 30.80
N CYS E 285 -29.54 -2.49 30.47
CA CYS E 285 -29.05 -1.44 29.61
C CYS E 285 -27.82 -0.86 30.24
N LEU E 286 -26.87 -0.38 29.45
CA LEU E 286 -25.74 0.30 30.05
C LEU E 286 -26.05 1.73 30.57
N ILE E 287 -25.53 2.07 31.74
CA ILE E 287 -25.33 3.45 32.08
C ILE E 287 -23.83 3.57 32.22
N THR E 288 -23.27 4.53 31.51
CA THR E 288 -21.82 4.67 31.34
C THR E 288 -21.02 4.93 32.62
N GLU E 289 -19.72 4.64 32.53
CA GLU E 289 -18.75 4.98 33.57
C GLU E 289 -18.56 6.47 33.42
N GLY E 290 -18.89 6.96 32.23
CA GLY E 290 -18.96 8.38 31.95
C GLY E 290 -19.72 9.11 33.01
N SER E 291 -20.82 8.55 33.49
CA SER E 291 -21.66 9.25 34.45
C SER E 291 -20.96 9.43 35.79
N ARG E 292 -20.28 8.39 36.24
CA ARG E 292 -19.44 8.51 37.42
C ARG E 292 -18.28 9.45 37.12
N GLY E 293 -17.73 9.31 35.90
CA GLY E 293 -16.66 10.16 35.37
C GLY E 293 -16.94 11.65 35.39
N GLU E 294 -18.17 12.03 35.02
CA GLU E 294 -18.64 13.42 35.07
C GLU E 294 -18.84 13.95 36.50
N GLY E 295 -18.98 13.03 37.46
CA GLY E 295 -19.19 13.44 38.84
C GLY E 295 -20.25 12.64 39.60
N GLY E 296 -20.96 11.76 38.92
CA GLY E 296 -21.96 10.97 39.60
C GLY E 296 -21.27 9.98 40.52
N PHE E 297 -22.00 9.50 41.53
CA PHE E 297 -21.47 8.45 42.40
C PHE E 297 -22.48 7.38 42.79
N LEU E 298 -21.97 6.36 43.46
CA LEU E 298 -22.74 5.22 44.00
C LEU E 298 -23.18 5.38 45.47
N VAL E 299 -24.44 5.03 45.72
CA VAL E 299 -25.17 5.23 46.97
C VAL E 299 -25.73 3.89 47.39
N ASN E 300 -25.80 3.63 48.70
CA ASN E 300 -26.49 2.43 49.25
C ASN E 300 -27.65 2.77 50.17
N SER E 301 -28.32 1.76 50.73
CA SER E 301 -29.53 1.96 51.53
C SER E 301 -29.35 2.81 52.82
N GLU E 302 -28.14 2.82 53.38
CA GLU E 302 -27.82 3.79 54.44
C GLU E 302 -27.62 5.18 53.84
N GLY E 303 -27.40 5.24 52.52
CA GLY E 303 -27.28 6.53 51.83
C GLY E 303 -25.89 7.10 51.93
N GLU E 304 -24.91 6.25 51.63
CA GLU E 304 -23.50 6.60 51.77
C GLU E 304 -22.73 6.30 50.48
N ARG E 305 -21.90 7.25 50.05
CA ARG E 305 -20.88 7.00 49.01
C ARG E 305 -19.93 5.87 49.43
N PHE E 306 -20.43 4.64 49.38
CA PHE E 306 -19.72 3.54 49.96
C PHE E 306 -18.36 3.30 49.30
N MET E 307 -18.17 3.88 48.12
CA MET E 307 -16.92 3.71 47.41
C MET E 307 -15.76 4.37 48.12
N GLU E 308 -16.04 5.32 49.02
CA GLU E 308 -14.99 5.96 49.85
C GLU E 308 -14.22 4.95 50.73
N ARG E 309 -14.93 3.91 51.17
CA ARG E 309 -14.39 2.78 51.93
C ARG E 309 -13.58 1.81 51.08
N TYR E 310 -14.28 1.04 50.24
CA TYR E 310 -13.68 0.03 49.38
C TYR E 310 -12.53 0.54 48.52
N ALA E 311 -12.56 1.83 48.19
CA ALA E 311 -11.44 2.44 47.47
C ALA E 311 -11.28 3.92 47.84
N PRO E 312 -10.49 4.19 48.89
CA PRO E 312 -10.42 5.58 49.39
C PRO E 312 -9.69 6.56 48.46
N LYS E 313 -8.89 6.07 47.52
CA LYS E 313 -8.26 6.98 46.54
C LYS E 313 -9.19 7.32 45.36
N ALA E 314 -9.43 6.34 44.48
CA ALA E 314 -10.24 6.55 43.24
C ALA E 314 -11.74 6.47 43.49
N LYS E 315 -12.15 5.93 44.63
CA LYS E 315 -13.54 5.93 45.01
C LYS E 315 -14.38 5.34 43.89
N ASP E 316 -15.42 6.05 43.48
CA ASP E 316 -16.33 5.57 42.44
C ASP E 316 -15.69 5.46 41.06
N LEU E 317 -14.42 5.84 40.95
CA LEU E 317 -13.68 5.71 39.69
C LEU E 317 -12.53 4.71 39.80
N ALA E 318 -12.64 3.75 40.70
CA ALA E 318 -11.78 2.57 40.65
C ALA E 318 -12.08 1.71 39.38
N SER E 319 -11.30 0.67 39.16
CA SER E 319 -11.50 -0.18 38.00
C SER E 319 -12.81 -0.96 38.11
N ARG E 320 -13.26 -1.55 37.02
CA ARG E 320 -14.58 -2.16 37.02
C ARG E 320 -14.64 -3.42 37.91
N ASP E 321 -13.56 -4.21 37.92
CA ASP E 321 -13.52 -5.43 38.74
C ASP E 321 -13.80 -5.15 40.22
N VAL E 322 -13.02 -4.19 40.77
CA VAL E 322 -13.15 -3.66 42.13
C VAL E 322 -14.55 -3.08 42.43
N VAL E 323 -15.04 -2.19 41.56
CA VAL E 323 -16.29 -1.49 41.87
C VAL E 323 -17.46 -2.44 41.85
N SER E 324 -17.38 -3.45 40.99
CA SER E 324 -18.44 -4.46 40.89
C SER E 324 -18.47 -5.37 42.14
N ARG E 325 -17.30 -5.81 42.60
CA ARG E 325 -17.19 -6.59 43.83
C ARG E 325 -17.76 -5.73 44.92
N ALA E 326 -17.09 -4.62 45.20
CA ALA E 326 -17.58 -3.62 46.14
C ALA E 326 -19.11 -3.58 46.20
N GLU E 327 -19.71 -3.33 45.03
CA GLU E 327 -21.16 -3.29 44.87
C GLU E 327 -21.86 -4.61 45.26
N THR E 328 -21.24 -5.74 44.93
CA THR E 328 -21.88 -7.02 45.16
C THR E 328 -21.74 -7.45 46.64
N ILE E 329 -20.65 -7.06 47.29
CA ILE E 329 -20.55 -7.22 48.74
C ILE E 329 -21.59 -6.32 49.42
N GLU E 330 -21.60 -5.05 49.03
CA GLU E 330 -22.58 -4.08 49.53
C GLU E 330 -24.02 -4.60 49.59
N ILE E 331 -24.42 -5.43 48.61
CA ILE E 331 -25.74 -6.06 48.62
C ILE E 331 -25.84 -7.02 49.81
N MET E 332 -25.07 -8.11 49.73
CA MET E 332 -25.05 -9.21 50.71
C MET E 332 -25.08 -8.73 52.15
N GLU E 333 -24.19 -7.80 52.49
CA GLU E 333 -24.08 -7.27 53.85
C GLU E 333 -25.23 -6.31 54.19
N GLY E 334 -26.45 -6.67 53.77
CA GLY E 334 -27.69 -5.96 54.15
C GLY E 334 -28.06 -4.74 53.31
N ARG E 335 -27.05 -3.94 52.95
CA ARG E 335 -27.24 -2.65 52.28
C ARG E 335 -27.59 -2.66 50.78
N GLY E 336 -28.37 -3.65 50.34
CA GLY E 336 -28.99 -3.62 49.02
C GLY E 336 -29.91 -2.41 48.87
N VAL E 337 -30.65 -2.33 47.78
CA VAL E 337 -31.59 -1.20 47.59
C VAL E 337 -32.81 -1.62 46.75
N GLY E 338 -33.86 -0.80 46.79
CA GLY E 338 -35.16 -1.13 46.20
C GLY E 338 -35.90 -2.25 46.93
N PRO E 339 -37.11 -2.59 46.44
CA PRO E 339 -38.00 -3.62 47.00
C PRO E 339 -37.36 -4.93 47.51
N GLU E 340 -36.40 -5.50 46.77
CA GLU E 340 -35.82 -6.81 47.13
C GLU E 340 -34.40 -6.68 47.68
N LYS E 341 -34.02 -5.42 48.01
CA LYS E 341 -32.70 -5.04 48.54
C LYS E 341 -31.55 -5.75 47.78
N ASP E 342 -31.51 -5.52 46.46
CA ASP E 342 -30.73 -6.39 45.57
C ASP E 342 -29.95 -5.65 44.48
N HIS E 343 -30.09 -4.33 44.45
CA HIS E 343 -29.26 -3.50 43.59
C HIS E 343 -28.84 -2.23 44.34
N ILE E 344 -28.41 -1.21 43.61
CA ILE E 344 -27.91 0.02 44.22
C ILE E 344 -28.22 1.23 43.34
N TYR E 345 -28.29 2.41 43.96
CA TYR E 345 -28.58 3.63 43.22
C TYR E 345 -27.31 4.24 42.65
N LEU E 346 -27.36 4.66 41.38
CA LEU E 346 -26.38 5.55 40.79
C LEU E 346 -26.95 6.97 40.87
N GLN E 347 -26.27 7.87 41.57
CA GLN E 347 -26.79 9.23 41.76
C GLN E 347 -26.16 10.18 40.77
N LEU E 348 -27.00 10.91 40.06
CA LEU E 348 -26.54 12.00 39.24
C LEU E 348 -27.32 13.27 39.55
N HIS E 349 -28.53 13.13 40.08
CA HIS E 349 -29.40 14.30 40.31
C HIS E 349 -28.66 15.54 40.85
N HIS E 350 -27.77 15.33 41.81
CA HIS E 350 -26.93 16.38 42.42
C HIS E 350 -26.11 17.25 41.44
N LEU E 351 -25.63 16.64 40.35
CA LEU E 351 -24.92 17.35 39.27
C LEU E 351 -25.81 18.43 38.66
N PRO E 352 -25.20 19.53 38.18
CA PRO E 352 -25.86 20.52 37.33
C PRO E 352 -26.66 19.88 36.18
N ALA E 353 -27.84 20.45 35.90
CA ALA E 353 -28.77 19.95 34.88
C ALA E 353 -28.32 20.28 33.46
N GLU E 354 -27.60 21.40 33.31
CA GLU E 354 -26.91 21.77 32.06
C GLU E 354 -25.93 20.69 31.65
N GLN E 355 -25.07 20.32 32.60
CA GLN E 355 -24.04 19.32 32.41
C GLN E 355 -24.64 17.96 32.04
N LEU E 356 -25.63 17.49 32.80
CA LEU E 356 -26.33 16.26 32.48
C LEU E 356 -26.77 16.21 31.01
N HIS E 357 -27.25 17.32 30.46
CA HIS E 357 -27.71 17.34 29.06
C HIS E 357 -26.59 17.37 28.03
N GLN E 358 -25.61 18.26 28.18
CA GLN E 358 -24.57 18.26 27.15
C GLN E 358 -23.46 17.24 27.40
N ARG E 359 -23.55 16.46 28.46
CA ARG E 359 -22.57 15.40 28.71
C ARG E 359 -23.12 13.95 28.73
N LEU E 360 -24.31 13.73 29.31
CA LEU E 360 -24.90 12.39 29.32
C LEU E 360 -26.35 12.35 28.76
N PRO E 361 -26.57 12.85 27.52
CA PRO E 361 -27.95 13.05 27.07
C PRO E 361 -28.71 11.75 26.83
N GLY E 362 -28.01 10.74 26.33
CA GLY E 362 -28.65 9.46 25.95
C GLY E 362 -29.01 8.56 27.11
N ILE E 363 -28.05 8.35 28.00
CA ILE E 363 -28.30 7.76 29.31
C ILE E 363 -29.34 8.55 30.14
N SER E 364 -29.26 9.89 30.12
CA SER E 364 -30.37 10.69 30.64
C SER E 364 -31.66 10.12 30.09
N GLU E 365 -31.75 10.06 28.77
CA GLU E 365 -33.01 9.66 28.13
C GLU E 365 -33.29 8.22 28.47
N THR E 366 -32.36 7.29 28.25
CA THR E 366 -32.72 5.87 28.43
C THR E 366 -32.94 5.49 29.88
N ALA E 367 -32.59 6.37 30.81
CA ALA E 367 -33.04 6.18 32.18
C ALA E 367 -34.55 6.39 32.24
N LYS E 368 -35.02 7.50 31.63
CA LYS E 368 -36.46 7.80 31.45
C LYS E 368 -37.19 6.63 30.77
N ILE E 369 -36.66 6.17 29.63
CA ILE E 369 -37.34 5.19 28.79
C ILE E 369 -37.49 3.84 29.47
N PHE E 370 -36.56 3.52 30.38
CA PHE E 370 -36.35 2.13 30.81
C PHE E 370 -36.51 1.83 32.27
N ALA E 371 -36.22 2.83 33.10
CA ALA E 371 -36.46 2.69 34.53
C ALA E 371 -37.23 3.92 35.02
N GLY E 372 -37.98 4.54 34.13
CA GLY E 372 -38.73 5.78 34.43
C GLY E 372 -38.07 6.80 35.36
N VAL E 373 -36.83 7.17 35.10
CA VAL E 373 -36.08 7.98 36.05
C VAL E 373 -35.71 9.33 35.44
N ASP E 374 -36.15 10.41 36.07
CA ASP E 374 -35.60 11.70 35.74
C ASP E 374 -34.23 11.77 36.41
N VAL E 375 -33.17 11.87 35.61
CA VAL E 375 -31.81 11.80 36.16
C VAL E 375 -31.44 13.06 36.95
N THR E 376 -32.10 14.18 36.67
CA THR E 376 -31.82 15.42 37.38
C THR E 376 -32.48 15.45 38.74
N LYS E 377 -33.48 14.60 38.92
CA LYS E 377 -34.25 14.59 40.15
C LYS E 377 -34.12 13.30 40.95
N GLU E 378 -33.97 12.15 40.26
CA GLU E 378 -33.82 10.86 40.96
C GLU E 378 -32.51 10.09 40.63
N PRO E 379 -32.21 9.04 41.43
CA PRO E 379 -31.09 8.13 41.16
C PRO E 379 -31.51 6.93 40.33
N ILE E 380 -30.57 6.38 39.57
CA ILE E 380 -30.84 5.28 38.63
C ILE E 380 -30.51 3.94 39.32
N PRO E 381 -31.48 3.00 39.32
CA PRO E 381 -31.23 1.66 39.88
C PRO E 381 -30.35 0.85 38.92
N VAL E 382 -29.21 0.37 39.42
CA VAL E 382 -28.21 -0.29 38.59
C VAL E 382 -27.55 -1.43 39.35
N ILE E 383 -27.09 -2.43 38.61
CA ILE E 383 -26.51 -3.63 39.20
C ILE E 383 -25.31 -4.02 38.34
N PRO E 384 -24.25 -4.60 38.94
CA PRO E 384 -23.18 -5.08 38.09
C PRO E 384 -23.69 -6.02 36.95
N THR E 385 -23.20 -5.79 35.73
CA THR E 385 -23.76 -6.49 34.59
C THR E 385 -22.72 -6.98 33.59
N VAL E 386 -22.91 -8.23 33.10
CA VAL E 386 -21.93 -8.86 32.17
C VAL E 386 -21.73 -7.99 30.93
N HIS E 387 -20.48 -7.69 30.57
CA HIS E 387 -20.26 -6.60 29.64
C HIS E 387 -19.27 -6.79 28.48
N TYR E 388 -18.10 -7.32 28.83
CA TYR E 388 -16.96 -7.32 27.96
C TYR E 388 -16.15 -8.61 28.16
N ASN E 389 -15.53 -9.10 27.10
CA ASN E 389 -14.78 -10.34 27.17
C ASN E 389 -13.27 -10.12 26.96
N MET E 390 -12.50 -10.05 28.05
CA MET E 390 -11.05 -9.94 27.79
C MET E 390 -10.56 -11.15 27.05
N GLY E 391 -11.18 -12.30 27.29
CA GLY E 391 -10.89 -13.48 26.47
C GLY E 391 -11.22 -13.42 24.98
N GLY E 392 -10.64 -14.37 24.26
CA GLY E 392 -11.03 -14.68 22.87
C GLY E 392 -9.93 -15.44 22.15
N ILE E 393 -9.83 -15.20 20.85
CA ILE E 393 -8.81 -15.82 20.03
C ILE E 393 -7.45 -15.19 20.39
N PRO E 394 -6.45 -16.01 20.73
CA PRO E 394 -5.12 -15.46 21.03
C PRO E 394 -4.29 -15.01 19.80
N THR E 395 -3.53 -13.94 19.98
CA THR E 395 -2.73 -13.35 18.90
C THR E 395 -1.46 -12.68 19.42
N ASN E 396 -0.42 -12.55 18.57
CA ASN E 396 0.75 -11.72 18.86
C ASN E 396 0.40 -10.22 18.72
N TYR E 397 1.35 -9.31 19.01
CA TYR E 397 1.11 -7.82 18.84
C TYR E 397 0.75 -7.44 17.41
N LYS E 398 1.11 -8.30 16.47
CA LYS E 398 0.76 -8.10 15.07
C LYS E 398 -0.67 -8.58 14.79
N ALA E 399 -1.32 -9.16 15.81
CA ALA E 399 -2.68 -9.68 15.76
C ALA E 399 -2.85 -10.89 14.84
N GLN E 400 -1.90 -11.81 14.93
CA GLN E 400 -1.92 -13.03 14.14
C GLN E 400 -2.34 -14.22 15.02
N VAL E 401 -3.34 -15.01 14.55
CA VAL E 401 -3.93 -16.10 15.36
C VAL E 401 -2.83 -17.09 15.75
N ILE E 402 -2.82 -17.56 17.01
CA ILE E 402 -1.76 -18.49 17.44
C ILE E 402 -2.22 -19.78 18.11
N LYS E 403 -1.40 -20.82 17.97
CA LYS E 403 -1.47 -22.02 18.80
C LYS E 403 -0.21 -22.06 19.66
N TYR E 404 -0.31 -22.60 20.88
CA TYR E 404 0.85 -22.65 21.77
C TYR E 404 1.10 -24.01 22.44
N THR E 405 2.35 -24.46 22.39
CA THR E 405 2.83 -25.67 23.10
C THR E 405 4.00 -25.29 23.99
N LYS E 406 4.20 -25.98 25.12
CA LYS E 406 5.38 -25.69 25.95
C LYS E 406 6.66 -25.93 25.16
N GLU E 407 6.74 -27.09 24.51
CA GLU E 407 7.95 -27.50 23.82
C GLU E 407 8.15 -26.74 22.49
N GLY E 408 7.07 -26.46 21.77
CA GLY E 408 7.19 -25.76 20.48
C GLY E 408 7.04 -24.24 20.41
N GLY E 409 7.02 -23.54 21.56
CA GLY E 409 6.75 -22.07 21.64
C GLY E 409 5.40 -21.72 21.01
N ASP E 410 5.16 -20.45 20.68
CA ASP E 410 3.87 -20.13 20.00
C ASP E 410 4.00 -19.79 18.52
N LYS E 411 3.01 -20.20 17.73
CA LYS E 411 3.15 -20.30 16.27
C LYS E 411 1.94 -19.79 15.48
N ILE E 412 2.19 -18.86 14.58
CA ILE E 412 1.13 -18.19 13.81
C ILE E 412 0.31 -19.22 13.02
N VAL E 413 -1.01 -19.09 13.04
CA VAL E 413 -1.81 -19.76 12.04
C VAL E 413 -1.68 -18.94 10.75
N PRO E 414 -1.20 -19.59 9.64
CA PRO E 414 -1.09 -18.97 8.34
C PRO E 414 -2.44 -18.48 7.85
N GLY E 415 -2.47 -17.23 7.41
CA GLY E 415 -3.62 -16.68 6.73
C GLY E 415 -4.68 -16.10 7.63
N LEU E 416 -4.44 -16.13 8.94
CA LEU E 416 -5.49 -15.77 9.89
C LEU E 416 -5.15 -14.65 10.93
N TYR E 417 -5.85 -13.53 10.83
CA TYR E 417 -5.72 -12.46 11.79
C TYR E 417 -7.02 -12.28 12.58
N ALA E 418 -6.91 -11.85 13.83
CA ALA E 418 -8.11 -11.52 14.62
C ALA E 418 -7.92 -10.31 15.53
N CYS E 419 -8.94 -9.46 15.58
CA CYS E 419 -8.93 -8.25 16.43
C CYS E 419 -10.33 -7.96 17.01
N GLY E 420 -10.39 -6.89 17.79
CA GLY E 420 -11.62 -6.45 18.43
C GLY E 420 -11.77 -6.95 19.85
N GLU E 421 -12.94 -7.44 20.19
CA GLU E 421 -13.19 -7.94 21.52
C GLU E 421 -12.96 -9.44 21.51
N CYS E 422 -13.31 -10.02 20.34
CA CYS E 422 -13.26 -11.44 20.07
C CYS E 422 -11.85 -11.96 20.03
N ALA E 423 -10.89 -11.06 20.05
CA ALA E 423 -9.49 -11.45 20.11
C ALA E 423 -9.01 -11.31 21.52
N CYS E 424 -7.85 -11.89 21.76
CA CYS E 424 -7.13 -11.78 22.98
C CYS E 424 -5.69 -11.67 22.50
N HIS E 425 -5.19 -10.42 22.40
CA HIS E 425 -3.74 -10.18 22.24
C HIS E 425 -3.19 -9.95 23.64
N SER E 426 -4.03 -10.29 24.63
CA SER E 426 -4.33 -9.51 25.85
C SER E 426 -3.74 -8.12 25.98
N VAL E 427 -4.46 -7.14 25.41
CA VAL E 427 -4.22 -5.77 25.84
C VAL E 427 -4.87 -5.53 27.19
N HIS E 428 -5.80 -6.41 27.61
CA HIS E 428 -6.57 -6.19 28.85
C HIS E 428 -6.29 -7.19 29.98
N GLY E 429 -5.50 -8.20 29.72
CA GLY E 429 -5.25 -9.22 30.74
C GLY E 429 -6.49 -9.66 31.48
N ALA E 430 -6.54 -9.32 32.78
CA ALA E 430 -7.58 -9.80 33.67
C ALA E 430 -8.79 -8.84 33.80
N ASN E 431 -8.72 -7.68 33.17
CA ASN E 431 -9.66 -6.61 33.45
C ASN E 431 -9.57 -5.48 32.45
N ARG E 432 -10.59 -5.33 31.62
CA ARG E 432 -10.61 -4.22 30.66
C ARG E 432 -10.60 -2.87 31.35
N LEU E 433 -9.96 -1.91 30.69
CA LEU E 433 -9.95 -0.58 31.25
C LEU E 433 -11.11 0.24 30.67
N GLY E 434 -11.54 1.24 31.46
CA GLY E 434 -12.60 2.14 31.05
C GLY E 434 -12.20 2.82 29.75
N ALA E 435 -13.06 2.76 28.73
CA ALA E 435 -12.78 3.38 27.44
C ALA E 435 -11.41 3.04 26.84
N ASN E 436 -11.04 1.77 26.92
CA ASN E 436 -9.87 1.23 26.22
C ASN E 436 -10.24 0.24 25.12
N SER E 437 -11.50 0.12 24.78
CA SER E 437 -11.87 -1.02 23.94
C SER E 437 -12.18 -0.65 22.50
N LEU E 438 -12.99 0.39 22.35
CA LEU E 438 -13.16 1.06 21.07
C LEU E 438 -11.76 1.35 20.60
N LEU E 439 -10.98 2.01 21.45
CA LEU E 439 -9.53 2.23 21.19
C LEU E 439 -8.85 0.96 20.65
N ASP E 440 -9.03 -0.14 21.37
CA ASP E 440 -8.44 -1.43 21.01
C ASP E 440 -8.99 -2.01 19.67
N ALA E 441 -10.26 -1.76 19.35
CA ALA E 441 -10.80 -2.22 18.11
C ALA E 441 -10.10 -1.46 17.00
N VAL E 442 -9.93 -0.15 17.18
CA VAL E 442 -9.34 0.71 16.12
C VAL E 442 -7.82 0.54 15.97
N VAL E 443 -7.07 0.64 17.07
CA VAL E 443 -5.62 0.53 17.00
C VAL E 443 -5.27 -0.78 16.34
N PHE E 444 -5.86 -1.87 16.81
CA PHE E 444 -5.49 -3.18 16.30
C PHE E 444 -6.19 -3.57 15.01
N GLY E 445 -7.35 -2.97 14.78
CA GLY E 445 -7.96 -2.96 13.45
C GLY E 445 -6.94 -2.44 12.45
N ARG E 446 -6.58 -1.15 12.58
CA ARG E 446 -5.50 -0.48 11.81
C ARG E 446 -4.30 -1.37 11.66
N ALA E 447 -3.75 -1.81 12.80
CA ALA E 447 -2.71 -2.85 12.85
C ALA E 447 -2.93 -4.00 11.87
N CYS E 448 -4.10 -4.62 11.87
CA CYS E 448 -4.31 -5.77 10.97
C CYS E 448 -4.02 -5.50 9.50
N SER E 449 -4.38 -4.31 9.06
CA SER E 449 -4.19 -3.93 7.67
C SER E 449 -2.73 -3.57 7.43
N ILE E 450 -2.14 -2.76 8.32
CA ILE E 450 -0.71 -2.43 8.27
C ILE E 450 0.11 -3.71 8.10
N ASN E 451 -0.16 -4.71 8.93
CA ASN E 451 0.61 -5.95 8.93
C ASN E 451 0.30 -6.86 7.75
N ILE E 452 -0.92 -6.82 7.23
CA ILE E 452 -1.13 -7.49 5.96
C ILE E 452 -0.35 -6.71 4.90
N LYS E 453 -0.68 -5.43 4.69
CA LYS E 453 0.12 -4.57 3.80
C LYS E 453 1.59 -4.99 3.88
N GLU E 454 2.10 -5.12 5.11
CA GLU E 454 3.51 -5.36 5.30
C GLU E 454 3.97 -6.71 4.83
N GLU E 455 3.22 -7.76 5.11
CA GLU E 455 3.73 -9.08 4.77
C GLU E 455 3.08 -9.82 3.59
N LEU E 456 2.03 -9.27 3.00
CA LEU E 456 1.31 -9.97 1.94
C LEU E 456 1.86 -9.63 0.54
N LYS E 457 2.47 -10.62 -0.11
CA LYS E 457 3.15 -10.36 -1.36
C LYS E 457 2.28 -10.63 -2.57
N PRO E 458 2.28 -9.69 -3.54
CA PRO E 458 1.28 -9.76 -4.62
C PRO E 458 1.43 -11.03 -5.46
N ASP E 459 2.52 -11.76 -5.22
CA ASP E 459 2.89 -12.95 -6.02
C ASP E 459 2.56 -14.28 -5.29
N GLU E 460 2.01 -14.17 -4.09
CA GLU E 460 1.33 -15.27 -3.40
C GLU E 460 -0.13 -15.26 -3.89
N LYS E 461 -0.52 -16.30 -4.63
CA LYS E 461 -1.85 -16.33 -5.25
C LYS E 461 -2.94 -16.92 -4.34
N ILE E 462 -4.20 -16.74 -4.75
CA ILE E 462 -5.34 -17.00 -3.86
C ILE E 462 -5.54 -18.47 -3.54
N PRO E 463 -5.19 -18.87 -2.31
CA PRO E 463 -5.30 -20.22 -1.84
C PRO E 463 -6.36 -20.99 -2.57
N GLU E 464 -5.99 -22.18 -3.03
CA GLU E 464 -6.94 -23.08 -3.65
C GLU E 464 -7.80 -23.72 -2.57
N LEU E 465 -9.08 -23.89 -2.85
CA LEU E 465 -9.96 -24.56 -1.90
C LEU E 465 -9.83 -26.05 -2.07
N PRO E 466 -9.48 -26.76 -0.98
CA PRO E 466 -9.35 -28.22 -1.02
C PRO E 466 -10.69 -28.89 -1.35
N GLU E 467 -10.65 -30.19 -1.63
CA GLU E 467 -11.82 -30.86 -2.17
C GLU E 467 -12.94 -30.99 -1.12
N GLY E 468 -14.18 -30.70 -1.53
CA GLY E 468 -15.34 -30.71 -0.64
C GLY E 468 -15.26 -29.82 0.60
N ALA E 469 -14.43 -28.77 0.56
CA ALA E 469 -14.23 -27.87 1.71
C ALA E 469 -15.49 -27.11 2.09
N GLY E 470 -15.72 -27.01 3.40
CA GLY E 470 -16.92 -26.43 3.98
C GLY E 470 -18.06 -27.40 4.18
N GLU E 471 -17.92 -28.59 3.60
CA GLU E 471 -19.01 -29.56 3.52
C GLU E 471 -19.52 -30.03 4.88
N GLU E 472 -18.64 -30.07 5.88
CA GLU E 472 -19.04 -30.42 7.25
C GLU E 472 -19.94 -29.31 7.86
N SER E 473 -19.61 -28.04 7.56
CA SER E 473 -20.39 -26.88 7.97
C SER E 473 -21.74 -26.97 7.34
N ILE E 474 -21.77 -27.04 6.03
CA ILE E 474 -23.03 -27.17 5.30
C ILE E 474 -23.84 -28.45 5.67
N ALA E 475 -23.16 -29.47 6.19
CA ALA E 475 -23.86 -30.66 6.70
C ALA E 475 -24.60 -30.32 7.99
N ASN E 476 -23.85 -29.82 8.98
CA ASN E 476 -24.38 -29.28 10.26
C ASN E 476 -25.49 -28.23 10.13
N LEU E 477 -25.44 -27.42 9.08
CA LEU E 477 -26.53 -26.48 8.78
C LEU E 477 -27.83 -27.23 8.45
N ASP E 478 -27.71 -28.35 7.72
CA ASP E 478 -28.87 -29.15 7.32
C ASP E 478 -29.43 -29.83 8.55
N ALA E 479 -28.51 -30.28 9.39
CA ALA E 479 -28.80 -30.92 10.67
C ALA E 479 -29.64 -30.01 11.55
N VAL E 480 -29.14 -28.79 11.79
CA VAL E 480 -29.74 -27.83 12.71
C VAL E 480 -31.06 -27.31 12.17
N ARG E 481 -31.08 -27.06 10.87
CA ARG E 481 -32.28 -26.61 10.20
C ARG E 481 -33.41 -27.60 10.47
N TYR E 482 -33.13 -28.89 10.23
CA TYR E 482 -34.14 -29.96 10.30
C TYR E 482 -34.33 -30.63 11.66
N ALA E 483 -33.40 -30.35 12.59
CA ALA E 483 -33.45 -30.85 13.97
C ALA E 483 -34.88 -31.19 14.42
N ASN E 484 -35.08 -32.45 14.85
CA ASN E 484 -36.42 -32.93 15.22
C ASN E 484 -36.76 -33.21 16.69
N GLY E 485 -35.77 -33.60 17.50
CA GLY E 485 -35.88 -33.88 18.96
C GLY E 485 -36.82 -33.05 19.83
N ASP E 486 -36.53 -32.91 21.12
CA ASP E 486 -37.54 -32.37 22.06
C ASP E 486 -37.18 -31.16 22.94
N VAL E 487 -35.97 -30.63 22.77
CA VAL E 487 -35.58 -29.38 23.43
C VAL E 487 -35.63 -28.16 22.49
N PRO E 488 -36.59 -27.24 22.75
CA PRO E 488 -36.65 -25.98 22.01
C PRO E 488 -35.44 -25.12 22.36
N THR E 489 -34.64 -24.86 21.33
CA THR E 489 -33.48 -23.99 21.38
C THR E 489 -33.70 -22.75 22.28
N ALA E 490 -34.86 -22.13 22.17
CA ALA E 490 -35.25 -21.05 23.09
C ALA E 490 -35.03 -21.38 24.57
N GLU E 491 -35.25 -22.63 24.96
CA GLU E 491 -35.22 -23.07 26.37
C GLU E 491 -33.86 -23.62 26.75
N LEU E 492 -33.16 -24.12 25.73
CA LEU E 492 -31.84 -24.67 25.88
C LEU E 492 -30.83 -23.55 26.11
N ARG E 493 -31.08 -22.40 25.46
CA ARG E 493 -30.31 -21.18 25.66
C ARG E 493 -30.60 -20.63 27.04
N LEU E 494 -31.88 -20.53 27.39
CA LEU E 494 -32.25 -19.91 28.67
C LEU E 494 -31.63 -20.60 29.89
N THR E 495 -31.47 -21.92 29.86
CA THR E 495 -30.86 -22.60 31.00
C THR E 495 -29.36 -22.32 31.00
N MET E 496 -28.79 -22.15 29.82
CA MET E 496 -27.37 -22.00 29.76
C MET E 496 -27.00 -20.58 30.09
N GLN E 497 -27.90 -19.63 29.79
CA GLN E 497 -27.77 -18.26 30.30
C GLN E 497 -27.85 -18.25 31.84
N LYS E 498 -28.81 -18.98 32.38
CA LYS E 498 -29.10 -18.99 33.80
C LYS E 498 -28.04 -19.73 34.65
N THR E 499 -27.56 -20.86 34.13
CA THR E 499 -26.60 -21.71 34.86
C THR E 499 -25.26 -21.04 34.86
N MET E 500 -25.06 -20.16 33.89
CA MET E 500 -23.81 -19.40 33.78
C MET E 500 -23.83 -18.25 34.78
N GLN E 501 -24.99 -17.61 34.86
CA GLN E 501 -25.21 -16.46 35.71
C GLN E 501 -25.06 -16.87 37.16
N LYS E 502 -25.43 -18.12 37.46
CA LYS E 502 -25.35 -18.63 38.83
C LYS E 502 -23.90 -19.00 39.25
N HIS E 503 -23.21 -19.71 38.37
CA HIS E 503 -21.94 -20.35 38.73
C HIS E 503 -20.66 -19.58 38.42
N ALA E 504 -20.78 -18.63 37.49
CA ALA E 504 -19.65 -17.92 36.91
C ALA E 504 -19.84 -16.43 37.13
N GLY E 505 -20.46 -16.10 38.26
CA GLY E 505 -20.86 -14.71 38.59
C GLY E 505 -19.72 -13.85 39.11
N VAL E 506 -20.07 -12.70 39.67
CA VAL E 506 -19.07 -11.79 40.25
C VAL E 506 -18.13 -12.55 41.16
N PHE E 507 -18.69 -13.16 42.20
CA PHE E 507 -17.91 -13.96 43.16
C PHE E 507 -18.05 -15.46 42.89
N ARG E 508 -16.94 -16.20 42.87
CA ARG E 508 -16.94 -17.64 42.55
C ARG E 508 -16.35 -18.53 43.68
N ARG E 509 -16.77 -19.80 43.70
CA ARG E 509 -16.20 -20.78 44.64
C ARG E 509 -15.96 -22.15 44.02
N GLY E 510 -14.90 -22.82 44.49
CA GLY E 510 -14.57 -24.20 44.12
C GLY E 510 -15.73 -25.18 43.92
N ASP E 511 -16.70 -25.16 44.83
CA ASP E 511 -17.83 -26.10 44.76
C ASP E 511 -18.86 -25.72 43.71
N ILE E 512 -19.33 -24.47 43.77
CA ILE E 512 -20.35 -23.97 42.85
C ILE E 512 -19.84 -24.04 41.40
N LEU E 513 -18.58 -23.62 41.21
CA LEU E 513 -17.89 -23.73 39.92
C LEU E 513 -17.90 -25.12 39.41
N ALA E 514 -17.34 -26.03 40.22
CA ALA E 514 -17.20 -27.45 39.87
C ALA E 514 -18.56 -28.07 39.54
N GLU E 515 -19.59 -27.50 40.14
CA GLU E 515 -20.97 -27.96 39.96
C GLU E 515 -21.60 -27.42 38.65
N GLY E 516 -21.38 -26.14 38.34
CA GLY E 516 -21.77 -25.58 37.05
C GLY E 516 -21.12 -26.29 35.87
N VAL E 517 -19.86 -26.67 36.06
CA VAL E 517 -19.14 -27.42 35.04
C VAL E 517 -19.86 -28.72 34.66
N LYS E 518 -20.41 -29.40 35.67
CA LYS E 518 -21.21 -30.59 35.40
C LYS E 518 -22.55 -30.26 34.75
N LYS E 519 -23.25 -29.21 35.23
CA LYS E 519 -24.54 -28.82 34.67
C LYS E 519 -24.36 -28.32 33.26
N MET E 520 -23.24 -27.64 33.03
CA MET E 520 -22.90 -27.08 31.74
C MET E 520 -22.52 -28.15 30.70
N MET E 521 -21.75 -29.15 31.13
CA MET E 521 -21.39 -30.30 30.27
C MET E 521 -22.58 -31.20 29.93
N ASP E 522 -23.60 -31.18 30.80
CA ASP E 522 -24.94 -31.76 30.58
C ASP E 522 -25.64 -31.17 29.33
N LEU E 523 -25.62 -29.84 29.19
CA LEU E 523 -26.18 -29.18 28.00
C LEU E 523 -25.41 -29.46 26.71
N SER E 524 -24.08 -29.59 26.76
CA SER E 524 -23.35 -29.92 25.51
C SER E 524 -23.87 -31.26 24.97
N LYS E 525 -24.35 -32.12 25.88
CA LYS E 525 -25.07 -33.34 25.51
C LYS E 525 -26.45 -32.96 25.00
N GLU E 526 -27.17 -32.17 25.79
CA GLU E 526 -28.55 -31.79 25.47
C GLU E 526 -28.71 -31.22 24.07
N LEU E 527 -27.66 -30.55 23.57
CA LEU E 527 -27.59 -30.01 22.20
C LEU E 527 -28.08 -30.97 21.13
N LYS E 528 -27.85 -32.27 21.34
CA LYS E 528 -28.24 -33.33 20.42
C LYS E 528 -29.76 -33.52 20.35
N ARG E 529 -30.44 -33.12 21.43
CA ARG E 529 -31.89 -33.21 21.51
C ARG E 529 -32.61 -31.95 21.01
N LEU E 530 -31.90 -31.17 20.21
CA LEU E 530 -32.38 -29.85 19.79
C LEU E 530 -33.58 -29.94 18.82
N LYS E 531 -34.59 -29.12 19.06
CA LYS E 531 -35.76 -29.03 18.20
C LYS E 531 -35.91 -27.64 17.63
N THR E 532 -36.04 -27.57 16.30
CA THR E 532 -36.32 -26.33 15.58
C THR E 532 -37.64 -26.44 14.84
N THR E 533 -38.16 -25.32 14.37
CA THR E 533 -39.47 -25.28 13.77
C THR E 533 -39.40 -24.79 12.33
N ASP E 534 -38.63 -23.73 12.12
CA ASP E 534 -38.57 -23.07 10.81
C ASP E 534 -37.65 -23.79 9.84
N ARG E 535 -38.21 -24.22 8.71
CA ARG E 535 -37.48 -25.13 7.83
C ARG E 535 -36.88 -24.44 6.59
N SER E 536 -37.41 -23.26 6.27
CA SER E 536 -36.99 -22.50 5.09
C SER E 536 -35.55 -22.01 5.15
N LEU E 537 -35.05 -21.44 4.05
CA LEU E 537 -33.68 -20.89 4.04
C LEU E 537 -33.64 -19.35 3.99
N ILE E 538 -34.48 -18.76 3.14
CA ILE E 538 -34.64 -17.32 3.08
C ILE E 538 -34.93 -16.84 4.51
N TRP E 539 -34.18 -15.83 4.94
CA TRP E 539 -34.23 -15.29 6.32
C TRP E 539 -34.77 -16.26 7.37
N ASN E 540 -33.98 -17.27 7.66
CA ASN E 540 -34.30 -18.18 8.76
C ASN E 540 -33.65 -17.74 10.07
N SER E 541 -34.40 -16.88 10.72
CA SER E 541 -34.14 -16.38 12.04
C SER E 541 -33.98 -17.54 13.04
N ASP E 542 -34.85 -18.54 12.94
CA ASP E 542 -34.83 -19.66 13.89
C ASP E 542 -33.54 -20.46 13.74
N LEU E 543 -33.20 -20.80 12.50
CA LEU E 543 -31.96 -21.51 12.19
C LEU E 543 -30.67 -20.79 12.72
N THR E 544 -30.48 -19.51 12.37
CA THR E 544 -29.26 -18.75 12.77
C THR E 544 -29.11 -18.53 14.29
N GLU E 545 -30.23 -18.34 14.99
CA GLU E 545 -30.17 -18.30 16.43
C GLU E 545 -29.78 -19.67 17.04
N SER E 546 -30.16 -20.78 16.39
CA SER E 546 -29.76 -22.13 16.84
C SER E 546 -28.30 -22.37 16.52
N LEU E 547 -27.91 -21.98 15.31
CA LEU E 547 -26.50 -21.82 14.97
C LEU E 547 -25.75 -21.03 16.01
N GLU E 548 -26.30 -19.90 16.43
CA GLU E 548 -25.69 -19.13 17.53
C GLU E 548 -25.65 -19.87 18.85
N LEU E 549 -26.72 -20.61 19.18
CA LEU E 549 -26.74 -21.41 20.40
C LEU E 549 -25.54 -22.36 20.53
N GLN E 550 -25.23 -23.08 19.46
CA GLN E 550 -24.07 -23.96 19.49
C GLN E 550 -22.78 -23.20 19.85
N ASN E 551 -22.64 -21.99 19.29
CA ASN E 551 -21.43 -21.16 19.45
C ASN E 551 -21.32 -20.60 20.85
N LEU E 552 -22.43 -20.02 21.28
CA LEU E 552 -22.58 -19.65 22.64
C LEU E 552 -22.16 -20.79 23.59
N MET E 553 -22.55 -22.02 23.26
CA MET E 553 -22.27 -23.19 24.10
C MET E 553 -20.81 -23.59 24.21
N LEU E 554 -20.07 -23.52 23.09
CA LEU E 554 -18.61 -23.69 23.09
C LEU E 554 -17.93 -22.50 23.82
N ASN E 555 -18.40 -21.29 23.56
CA ASN E 555 -17.97 -20.20 24.40
C ASN E 555 -18.33 -20.47 25.85
N ALA E 556 -19.58 -20.85 26.12
CA ALA E 556 -20.04 -20.94 27.48
C ALA E 556 -19.30 -21.97 28.35
N THR E 557 -19.17 -23.19 27.82
CA THR E 557 -18.48 -24.31 28.52
C THR E 557 -17.02 -24.00 28.83
N GLN E 558 -16.25 -23.70 27.78
CA GLN E 558 -14.88 -23.18 27.89
C GLN E 558 -14.73 -22.08 28.95
N THR E 559 -15.58 -21.06 28.89
CA THR E 559 -15.62 -20.05 29.94
C THR E 559 -15.56 -20.68 31.34
N ILE E 560 -16.56 -21.50 31.64
CA ILE E 560 -16.73 -22.11 32.96
C ILE E 560 -15.60 -23.03 33.38
N VAL E 561 -15.12 -23.91 32.48
CA VAL E 561 -14.16 -24.92 32.91
C VAL E 561 -12.83 -24.28 33.21
N ALA E 562 -12.53 -23.21 32.47
CA ALA E 562 -11.34 -22.40 32.71
C ALA E 562 -11.50 -21.60 34.00
N ALA E 563 -12.71 -21.05 34.21
CA ALA E 563 -13.03 -20.34 35.45
C ALA E 563 -12.89 -21.26 36.65
N GLU E 564 -13.35 -22.49 36.48
CA GLU E 564 -13.25 -23.52 37.50
C GLU E 564 -11.82 -23.67 38.00
N ASN E 565 -10.93 -24.04 37.08
CA ASN E 565 -9.56 -24.49 37.36
C ASN E 565 -8.58 -23.47 37.94
N ARG E 566 -8.86 -22.17 37.72
CA ARG E 566 -7.98 -21.06 38.11
C ARG E 566 -8.12 -20.71 39.60
N LYS E 567 -7.23 -21.27 40.42
CA LYS E 567 -7.35 -21.22 41.89
C LYS E 567 -6.68 -19.96 42.50
N GLU E 568 -7.22 -18.80 42.10
CA GLU E 568 -6.69 -17.46 42.47
C GLU E 568 -7.72 -16.38 42.22
N SER E 569 -7.41 -15.15 42.65
CA SER E 569 -8.23 -13.99 42.36
C SER E 569 -7.45 -12.96 41.55
N ARG E 570 -8.01 -12.52 40.43
CA ARG E 570 -7.29 -11.59 39.54
C ARG E 570 -8.28 -10.92 38.61
N GLY E 571 -8.19 -9.59 38.51
CA GLY E 571 -9.18 -8.80 37.80
C GLY E 571 -10.59 -9.28 38.06
N ALA E 572 -11.28 -9.58 36.96
CA ALA E 572 -12.68 -10.04 36.95
C ALA E 572 -12.90 -11.30 37.78
N HIS E 573 -11.91 -12.18 37.77
CA HIS E 573 -12.03 -13.49 38.35
C HIS E 573 -11.77 -13.45 39.86
N ALA E 574 -12.84 -13.69 40.63
CA ALA E 574 -12.76 -13.64 42.08
C ALA E 574 -13.14 -14.99 42.68
N ARG E 575 -12.14 -15.74 43.12
CA ARG E 575 -12.35 -17.00 43.83
C ARG E 575 -12.38 -16.70 45.30
N ASP E 576 -13.55 -16.91 45.90
CA ASP E 576 -13.70 -16.80 47.35
C ASP E 576 -12.82 -17.80 48.12
N ASP E 577 -12.60 -18.96 47.52
CA ASP E 577 -11.74 -20.00 48.09
C ASP E 577 -10.24 -19.73 47.94
N PHE E 578 -9.88 -18.70 47.19
CA PHE E 578 -8.48 -18.33 47.02
C PHE E 578 -8.35 -16.83 46.84
N PRO E 579 -8.69 -16.04 47.87
CA PRO E 579 -8.90 -14.58 47.73
C PRO E 579 -7.68 -13.74 47.33
N LYS E 580 -6.56 -14.38 47.02
CA LYS E 580 -5.37 -13.65 46.64
C LYS E 580 -4.78 -14.02 45.28
N ARG E 581 -4.03 -13.08 44.72
CA ARG E 581 -3.39 -13.22 43.43
C ARG E 581 -2.19 -14.15 43.53
N GLU E 582 -1.99 -14.99 42.51
CA GLU E 582 -0.94 -16.01 42.62
C GLU E 582 0.17 -15.88 41.59
N ASP E 583 1.13 -15.00 41.90
CA ASP E 583 2.22 -14.64 40.98
C ASP E 583 3.46 -15.57 41.13
N GLU E 584 4.46 -15.37 40.26
CA GLU E 584 5.71 -16.12 40.33
C GLU E 584 6.54 -15.74 41.55
N TYR E 585 6.50 -14.49 41.97
CA TYR E 585 6.94 -14.16 43.33
C TYR E 585 5.70 -13.77 44.11
N ASP E 586 5.90 -13.35 45.36
CA ASP E 586 4.85 -12.72 46.16
C ASP E 586 5.20 -11.25 46.34
N TYR E 587 4.47 -10.40 45.63
CA TYR E 587 4.87 -9.00 45.46
C TYR E 587 4.34 -8.08 46.53
N SER E 588 3.89 -8.64 47.65
CA SER E 588 3.57 -7.84 48.82
C SER E 588 4.84 -7.60 49.62
N LYS E 589 5.80 -8.52 49.44
CA LYS E 589 7.13 -8.52 50.08
C LYS E 589 8.22 -8.17 49.05
N PRO E 590 9.42 -7.76 49.52
CA PRO E 590 10.29 -6.94 48.65
C PRO E 590 11.18 -7.65 47.59
N ILE E 591 10.95 -8.95 47.34
CA ILE E 591 11.50 -9.66 46.15
C ILE E 591 13.01 -9.96 46.20
N GLU E 592 13.72 -9.20 47.03
CA GLU E 592 15.13 -9.50 47.32
C GLU E 592 15.22 -10.55 48.44
N GLY E 593 15.73 -11.72 48.05
CA GLY E 593 15.80 -12.87 48.95
C GLY E 593 14.77 -13.93 48.62
N GLN E 594 13.84 -13.59 47.73
CA GLN E 594 12.80 -14.52 47.33
C GLN E 594 13.27 -15.32 46.14
N THR E 595 12.77 -16.55 46.03
CA THR E 595 12.98 -17.34 44.81
C THR E 595 11.65 -17.56 44.07
N LYS E 596 11.77 -17.73 42.76
CA LYS E 596 10.64 -17.86 41.83
C LYS E 596 9.93 -19.20 42.03
N ARG E 597 8.61 -19.18 42.23
CA ARG E 597 7.79 -20.38 42.11
C ARG E 597 7.82 -20.80 40.64
N PRO E 598 7.76 -22.11 40.38
CA PRO E 598 7.74 -22.57 38.98
C PRO E 598 6.43 -22.31 38.26
N PHE E 599 6.52 -22.24 36.94
CA PHE E 599 5.40 -21.91 36.07
C PHE E 599 4.14 -22.69 36.42
N GLU E 600 4.34 -23.90 36.91
CA GLU E 600 3.23 -24.78 37.25
C GLU E 600 2.71 -24.45 38.63
N LYS E 601 3.51 -23.74 39.43
CA LYS E 601 3.12 -23.44 40.82
C LYS E 601 2.32 -22.18 41.03
N HIS E 602 2.47 -21.20 40.13
CA HIS E 602 1.72 -19.93 40.23
C HIS E 602 0.69 -19.75 39.10
N TRP E 603 0.03 -18.59 39.07
CA TRP E 603 -1.08 -18.36 38.15
C TRP E 603 -0.94 -17.17 37.17
N ARG E 604 0.22 -16.51 37.16
CA ARG E 604 0.45 -15.46 36.18
C ARG E 604 0.74 -16.10 34.84
N LYS E 605 -0.28 -16.79 34.35
CA LYS E 605 -0.24 -17.43 33.07
C LYS E 605 -1.60 -17.32 32.42
N HIS E 606 -1.58 -17.21 31.10
CA HIS E 606 -2.79 -17.27 30.31
C HIS E 606 -3.39 -18.68 30.35
N THR E 607 -4.70 -18.76 30.10
CA THR E 607 -5.49 -20.00 30.16
C THR E 607 -5.90 -20.51 28.75
N LEU E 608 -5.10 -21.35 28.11
CA LEU E 608 -5.55 -21.93 26.82
C LEU E 608 -6.56 -23.09 26.94
N THR E 609 -7.82 -22.86 26.56
CA THR E 609 -8.85 -23.90 26.58
C THR E 609 -9.05 -24.51 25.19
N LYS E 610 -8.66 -25.77 25.04
CA LYS E 610 -8.86 -26.51 23.81
C LYS E 610 -10.13 -27.35 23.95
N GLN E 611 -10.90 -27.46 22.88
CA GLN E 611 -12.22 -28.07 22.97
C GLN E 611 -12.56 -28.83 21.71
N ASP E 612 -13.15 -30.01 21.88
CA ASP E 612 -13.64 -30.75 20.75
C ASP E 612 -15.06 -30.32 20.48
N PRO E 613 -15.30 -29.66 19.31
CA PRO E 613 -16.67 -29.27 18.97
C PRO E 613 -17.61 -30.46 19.10
N ARG E 614 -17.15 -31.64 18.68
CA ARG E 614 -18.02 -32.82 18.64
C ARG E 614 -18.23 -33.40 20.06
N THR E 615 -17.17 -33.88 20.68
CA THR E 615 -17.25 -34.53 22.02
C THR E 615 -17.63 -33.55 23.14
N GLY E 616 -17.34 -32.28 22.92
CA GLY E 616 -17.52 -31.23 23.90
C GLY E 616 -16.33 -31.14 24.82
N HIS E 617 -15.35 -32.02 24.62
CA HIS E 617 -14.29 -32.19 25.62
C HIS E 617 -13.22 -31.11 25.57
N ILE E 618 -12.97 -30.57 26.76
CA ILE E 618 -12.05 -29.47 27.02
C ILE E 618 -10.78 -29.96 27.75
N THR E 619 -9.60 -29.68 27.17
CA THR E 619 -8.30 -29.91 27.82
C THR E 619 -7.81 -28.54 28.31
N LEU E 620 -6.84 -28.50 29.21
CA LEU E 620 -6.25 -27.21 29.61
C LEU E 620 -4.76 -27.08 29.27
N ASP E 621 -4.33 -25.84 29.06
CA ASP E 621 -2.91 -25.55 28.94
C ASP E 621 -2.60 -24.13 29.41
N TYR E 622 -1.33 -23.85 29.68
CA TYR E 622 -0.99 -22.54 30.20
C TYR E 622 0.19 -21.85 29.53
N ARG E 623 -0.13 -20.72 28.90
CA ARG E 623 0.80 -19.89 28.14
C ARG E 623 1.34 -18.75 29.00
N PRO E 624 2.67 -18.50 28.93
CA PRO E 624 3.25 -17.52 29.83
C PRO E 624 2.98 -16.09 29.37
N VAL E 625 2.81 -15.18 30.32
CA VAL E 625 2.46 -13.81 29.98
C VAL E 625 3.69 -12.96 29.63
N ILE E 626 3.69 -12.43 28.41
CA ILE E 626 4.75 -11.59 27.88
C ILE E 626 4.88 -10.31 28.69
N ASP E 627 6.09 -9.99 29.13
CA ASP E 627 6.34 -8.79 29.93
C ASP E 627 7.18 -7.70 29.24
N LYS E 628 8.12 -8.15 28.40
CA LYS E 628 8.92 -7.26 27.58
C LYS E 628 7.99 -6.32 26.82
N THR E 629 8.26 -5.01 26.86
CA THR E 629 7.60 -4.07 25.92
C THR E 629 8.24 -4.17 24.54
N LEU E 630 7.65 -3.51 23.55
CA LEU E 630 8.13 -3.64 22.16
C LEU E 630 9.58 -3.19 21.99
N ASP E 631 10.01 -2.24 22.81
CA ASP E 631 11.36 -1.70 22.78
C ASP E 631 11.70 -1.09 24.16
N PRO E 632 12.62 -1.74 24.91
CA PRO E 632 13.19 -1.31 26.20
C PRO E 632 13.58 0.17 26.28
N ALA E 633 14.10 0.71 25.18
CA ALA E 633 14.51 2.13 25.10
C ALA E 633 13.31 3.08 25.17
N GLU E 634 12.30 2.83 24.33
CA GLU E 634 11.09 3.69 24.24
C GLU E 634 10.32 3.81 25.55
N VAL E 635 9.92 2.65 26.11
CA VAL E 635 9.25 2.56 27.41
C VAL E 635 9.56 1.30 28.23
N ASP E 636 9.33 1.40 29.54
CA ASP E 636 9.75 0.37 30.51
C ASP E 636 8.67 -0.67 30.84
N TRP E 637 9.09 -1.94 30.84
CA TRP E 637 8.24 -3.03 31.35
C TRP E 637 7.92 -2.73 32.80
N ILE E 638 6.62 -2.75 33.12
CA ILE E 638 6.15 -2.57 34.49
C ILE E 638 6.08 -3.91 35.24
N PRO E 639 6.91 -4.07 36.31
CA PRO E 639 6.87 -5.27 37.12
C PRO E 639 5.65 -5.20 38.06
N PRO E 640 4.97 -6.34 38.29
CA PRO E 640 3.74 -6.34 39.06
C PRO E 640 3.89 -5.70 40.42
N ILE E 641 2.80 -5.14 40.95
CA ILE E 641 2.68 -4.75 42.35
C ILE E 641 1.30 -5.21 42.84
N ILE E 642 0.99 -4.99 44.12
CA ILE E 642 -0.37 -5.23 44.64
C ILE E 642 -1.34 -4.17 44.10
N ARG E 643 -2.55 -4.61 43.74
CA ARG E 643 -3.49 -3.83 42.94
C ARG E 643 -4.55 -3.16 43.79
N SER E 644 -4.27 -1.95 44.27
CA SER E 644 -5.20 -1.18 45.17
C SER E 644 -5.64 0.16 44.56
N TYR E 645 -6.89 0.56 44.79
CA TYR E 645 -7.40 1.75 44.10
C TYR E 645 -7.88 2.90 44.97
N LYS F 33 -56.25 -13.60 33.69
CA LYS F 33 -54.92 -13.04 33.32
C LYS F 33 -54.96 -12.06 32.14
N ARG F 34 -53.96 -11.16 32.11
CA ARG F 34 -53.86 -10.05 31.14
C ARG F 34 -53.38 -10.51 29.76
N ILE F 35 -54.32 -10.81 28.87
CA ILE F 35 -54.03 -11.37 27.56
C ILE F 35 -54.12 -10.26 26.52
N LYS F 36 -52.94 -9.84 26.02
CA LYS F 36 -52.81 -8.85 24.94
C LYS F 36 -52.64 -9.57 23.62
N THR F 37 -53.34 -9.09 22.62
CA THR F 37 -53.49 -9.87 21.40
C THR F 37 -52.93 -9.12 20.20
N PHE F 38 -51.94 -9.76 19.55
CA PHE F 38 -51.13 -9.10 18.54
C PHE F 38 -51.52 -9.52 17.17
N GLU F 39 -51.44 -8.58 16.24
CA GLU F 39 -51.71 -8.83 14.84
C GLU F 39 -50.48 -8.49 14.05
N ILE F 40 -49.88 -9.49 13.44
CA ILE F 40 -48.62 -9.32 12.77
C ILE F 40 -48.78 -9.72 11.32
N TYR F 41 -48.52 -8.79 10.42
CA TYR F 41 -48.28 -9.08 9.02
C TYR F 41 -47.42 -10.33 8.91
N ARG F 42 -47.76 -11.22 8.00
CA ARG F 42 -46.94 -12.39 7.74
C ARG F 42 -46.62 -12.50 6.27
N PHE F 43 -45.47 -13.07 5.95
CA PHE F 43 -45.16 -13.40 4.56
C PHE F 43 -44.06 -14.44 4.50
N ASN F 44 -44.29 -15.48 3.70
CA ASN F 44 -43.29 -16.50 3.45
C ASN F 44 -42.98 -16.65 1.96
N PRO F 45 -41.75 -16.35 1.57
CA PRO F 45 -41.48 -16.32 0.13
C PRO F 45 -41.25 -17.73 -0.39
N GLU F 46 -41.05 -18.66 0.54
CA GLU F 46 -40.67 -20.04 0.27
C GLU F 46 -41.89 -20.70 -0.36
N GLU F 47 -43.05 -20.47 0.26
CA GLU F 47 -44.33 -20.94 -0.26
C GLU F 47 -44.56 -20.66 -1.77
N PRO F 48 -45.31 -21.58 -2.45
CA PRO F 48 -45.92 -21.29 -3.77
C PRO F 48 -46.90 -20.09 -3.73
N GLY F 49 -46.63 -19.06 -4.54
CA GLY F 49 -47.43 -17.82 -4.62
C GLY F 49 -48.21 -17.40 -3.38
N ALA F 50 -47.58 -17.49 -2.20
CA ALA F 50 -48.25 -17.13 -0.95
C ALA F 50 -48.53 -15.63 -0.97
N LYS F 51 -49.79 -15.27 -0.72
CA LYS F 51 -50.15 -13.88 -0.51
C LYS F 51 -49.81 -13.55 0.93
N PRO F 52 -49.52 -12.26 1.24
CA PRO F 52 -49.31 -11.87 2.64
C PRO F 52 -50.57 -11.99 3.50
N LYS F 53 -50.43 -12.50 4.72
CA LYS F 53 -51.56 -12.73 5.59
C LYS F 53 -51.42 -11.87 6.84
N LEU F 54 -52.51 -11.72 7.58
CA LEU F 54 -52.49 -11.06 8.90
C LEU F 54 -52.76 -12.04 10.06
N GLN F 55 -51.74 -12.36 10.86
CA GLN F 55 -51.84 -13.44 11.86
C GLN F 55 -51.92 -12.93 13.31
N LYS F 56 -52.69 -13.64 14.13
CA LYS F 56 -53.04 -13.21 15.49
C LYS F 56 -52.35 -14.05 16.55
N PHE F 57 -51.69 -13.40 17.50
CA PHE F 57 -51.00 -14.11 18.58
C PHE F 57 -51.49 -13.56 19.91
N ASP F 58 -51.70 -14.44 20.89
CA ASP F 58 -52.21 -14.00 22.20
C ASP F 58 -51.10 -14.10 23.26
N VAL F 59 -50.80 -12.96 23.89
CA VAL F 59 -49.65 -12.85 24.80
C VAL F 59 -50.10 -12.44 26.19
N ASP F 60 -49.68 -13.20 27.19
CA ASP F 60 -50.00 -12.89 28.59
C ASP F 60 -49.06 -11.79 29.07
N LEU F 61 -49.55 -10.56 29.16
CA LEU F 61 -48.68 -9.43 29.52
C LEU F 61 -47.91 -9.61 30.82
N ASP F 62 -48.34 -10.55 31.66
CA ASP F 62 -47.71 -10.78 32.99
C ASP F 62 -46.53 -11.73 32.95
N LYS F 63 -46.29 -12.30 31.77
CA LYS F 63 -45.12 -13.15 31.57
C LYS F 63 -44.35 -12.62 30.37
N CYS F 64 -44.52 -11.33 30.09
CA CYS F 64 -43.84 -10.68 28.98
C CYS F 64 -43.14 -9.37 29.40
N GLY F 65 -42.23 -8.88 28.56
CA GLY F 65 -41.58 -7.61 28.80
C GLY F 65 -42.56 -6.47 28.67
N THR F 66 -42.08 -5.26 28.81
CA THR F 66 -42.94 -4.11 28.65
C THR F 66 -42.95 -3.65 27.18
N MET F 67 -41.79 -3.67 26.51
CA MET F 67 -41.63 -3.18 25.11
C MET F 67 -42.19 -4.13 24.05
N VAL F 68 -42.66 -3.61 22.93
CA VAL F 68 -43.22 -4.49 21.89
C VAL F 68 -42.26 -5.61 21.45
N LEU F 69 -40.99 -5.28 21.22
CA LEU F 69 -39.99 -6.29 20.88
C LEU F 69 -40.07 -7.47 21.83
N ASP F 70 -40.27 -7.24 23.12
CA ASP F 70 -40.41 -8.32 24.10
C ASP F 70 -41.56 -9.26 23.73
N ALA F 71 -42.71 -8.70 23.38
CA ALA F 71 -43.79 -9.50 22.89
C ALA F 71 -43.30 -10.24 21.65
N LEU F 72 -42.80 -9.51 20.63
CA LEU F 72 -42.24 -10.13 19.44
C LEU F 72 -41.35 -11.35 19.73
N ILE F 73 -40.37 -11.20 20.64
CA ILE F 73 -39.41 -12.28 20.96
C ILE F 73 -40.09 -13.45 21.66
N LYS F 74 -40.95 -13.14 22.65
CA LYS F 74 -41.67 -14.14 23.45
C LYS F 74 -42.42 -15.04 22.52
N ILE F 75 -43.23 -14.43 21.66
CA ILE F 75 -44.08 -15.17 20.74
C ILE F 75 -43.28 -15.98 19.73
N LYS F 76 -42.00 -15.64 19.56
CA LYS F 76 -41.11 -16.44 18.74
C LYS F 76 -40.45 -17.54 19.53
N ASN F 77 -40.18 -17.27 20.80
CA ASN F 77 -39.50 -18.22 21.68
C ASN F 77 -40.40 -19.35 22.19
N GLU F 78 -41.70 -19.07 22.29
CA GLU F 78 -42.69 -20.04 22.76
C GLU F 78 -43.77 -20.29 21.72
N VAL F 79 -44.46 -19.24 21.30
CA VAL F 79 -45.66 -19.43 20.50
C VAL F 79 -45.49 -19.98 19.06
N ASP F 80 -44.38 -19.67 18.39
CA ASP F 80 -44.20 -19.80 16.90
C ASP F 80 -42.81 -19.33 16.42
N PRO F 81 -41.86 -20.24 16.23
CA PRO F 81 -40.54 -19.70 15.93
C PRO F 81 -40.30 -19.25 14.48
N THR F 82 -41.28 -19.43 13.60
CA THR F 82 -41.13 -18.98 12.21
C THR F 82 -41.32 -17.47 12.07
N LEU F 83 -41.62 -16.80 13.19
CA LEU F 83 -41.84 -15.35 13.17
C LEU F 83 -40.52 -14.60 13.12
N THR F 84 -40.43 -13.72 12.13
CA THR F 84 -39.15 -13.25 11.64
C THR F 84 -39.17 -11.74 11.60
N PHE F 85 -38.20 -11.15 12.30
CA PHE F 85 -38.07 -9.71 12.42
C PHE F 85 -36.61 -9.47 12.76
N ARG F 86 -36.09 -8.28 12.46
CA ARG F 86 -34.71 -7.97 12.88
C ARG F 86 -34.68 -7.31 14.22
N ARG F 87 -33.63 -7.56 14.99
CA ARG F 87 -33.38 -6.82 16.25
C ARG F 87 -31.94 -6.99 16.70
N SER F 88 -31.43 -6.04 17.49
CA SER F 88 -30.14 -6.25 18.16
C SER F 88 -29.94 -5.61 19.56
N CYS F 89 -30.01 -4.29 19.64
CA CYS F 89 -29.49 -3.59 20.83
C CYS F 89 -30.38 -3.61 22.06
N ARG F 90 -31.69 -3.70 21.85
CA ARG F 90 -32.67 -3.82 22.93
C ARG F 90 -32.84 -2.52 23.83
N GLU F 91 -32.06 -1.47 23.53
CA GLU F 91 -32.18 -0.15 24.16
C GLU F 91 -32.37 0.99 23.14
N GLY F 92 -32.88 0.59 21.96
CA GLY F 92 -33.17 1.44 20.80
C GLY F 92 -32.03 2.25 20.21
N ILE F 93 -30.97 1.58 19.78
CA ILE F 93 -29.77 2.32 19.41
C ILE F 93 -29.11 1.92 18.10
N CYS F 94 -29.25 0.66 17.71
CA CYS F 94 -28.65 0.17 16.46
C CYS F 94 -29.49 0.50 15.22
N GLY F 95 -30.81 0.51 15.40
CA GLY F 95 -31.74 0.92 14.35
C GLY F 95 -32.46 -0.29 13.77
N SER F 96 -32.15 -1.44 14.35
CA SER F 96 -32.51 -2.71 13.79
C SER F 96 -33.98 -3.03 13.69
N CYS F 97 -34.70 -2.72 14.76
CA CYS F 97 -35.96 -3.34 15.01
C CYS F 97 -37.11 -2.50 14.50
N ALA F 98 -36.84 -1.62 13.51
CA ALA F 98 -37.84 -0.61 13.05
C ALA F 98 -39.00 -1.26 12.31
N MET F 99 -40.20 -0.70 12.45
CA MET F 99 -41.44 -1.31 11.92
C MET F 99 -42.63 -0.47 12.28
N ASN F 100 -43.77 -0.73 11.65
CA ASN F 100 -44.95 0.07 11.88
C ASN F 100 -45.86 -0.54 12.94
N ILE F 101 -45.70 -0.06 14.19
CA ILE F 101 -46.50 -0.50 15.35
C ILE F 101 -47.70 0.40 15.59
N ALA F 102 -48.87 -0.21 15.70
CA ALA F 102 -50.15 0.51 15.77
C ALA F 102 -50.15 1.71 14.85
N GLY F 103 -49.95 1.44 13.56
CA GLY F 103 -50.06 2.46 12.51
C GLY F 103 -48.97 3.52 12.44
N GLU F 104 -47.93 3.38 13.27
CA GLU F 104 -46.83 4.34 13.33
C GLU F 104 -45.46 3.66 13.26
N ASN F 105 -44.50 4.31 12.59
CA ASN F 105 -43.15 3.80 12.55
C ASN F 105 -42.41 4.13 13.84
N THR F 106 -41.54 3.21 14.24
CA THR F 106 -40.85 3.31 15.51
C THR F 106 -40.05 2.05 15.79
N LEU F 107 -39.37 2.08 16.93
CA LEU F 107 -38.46 1.05 17.29
C LEU F 107 -39.19 0.14 18.27
N ALA F 108 -39.49 -1.07 17.81
CA ALA F 108 -40.17 -2.07 18.64
C ALA F 108 -39.56 -2.18 20.02
N CYS F 109 -38.26 -1.93 20.14
CA CYS F 109 -37.53 -2.19 21.40
C CYS F 109 -37.75 -1.11 22.47
N ILE F 110 -38.22 0.06 22.04
CA ILE F 110 -38.51 1.13 22.96
C ILE F 110 -39.91 1.59 22.70
N CYS F 111 -40.77 0.64 22.37
CA CYS F 111 -42.19 0.93 22.18
C CYS F 111 -42.97 0.16 23.22
N ASN F 112 -43.50 0.89 24.22
CA ASN F 112 -44.28 0.26 25.28
C ASN F 112 -45.39 -0.60 24.70
N ILE F 113 -45.56 -1.81 25.20
CA ILE F 113 -46.79 -2.53 24.87
C ILE F 113 -47.93 -1.65 25.39
N ASP F 114 -49.04 -1.66 24.66
CA ASP F 114 -50.28 -0.99 25.07
C ASP F 114 -51.06 -1.96 25.95
N GLN F 115 -51.16 -1.60 27.22
CA GLN F 115 -51.62 -2.51 28.26
C GLN F 115 -53.10 -2.82 28.13
N ASN F 116 -53.78 -1.90 27.44
CA ASN F 116 -55.22 -1.89 27.19
C ASN F 116 -55.66 -3.09 26.33
N THR F 117 -55.90 -4.20 27.01
CA THR F 117 -56.11 -5.53 26.43
C THR F 117 -57.35 -5.65 25.53
N SER F 118 -58.16 -4.58 25.50
CA SER F 118 -59.40 -4.54 24.74
C SER F 118 -59.23 -3.96 23.34
N LYS F 119 -58.16 -3.22 23.11
CA LYS F 119 -57.73 -2.89 21.76
C LYS F 119 -56.76 -3.98 21.33
N THR F 120 -56.79 -4.37 20.05
CA THR F 120 -55.74 -5.21 19.48
C THR F 120 -54.66 -4.32 18.88
N THR F 121 -53.40 -4.72 19.02
CA THR F 121 -52.26 -3.90 18.55
C THR F 121 -51.66 -4.52 17.29
N LYS F 122 -51.59 -3.75 16.22
CA LYS F 122 -51.13 -4.30 14.97
C LYS F 122 -49.79 -3.78 14.40
N ILE F 123 -48.88 -4.74 14.27
CA ILE F 123 -47.52 -4.62 13.76
C ILE F 123 -47.44 -4.96 12.26
N TYR F 124 -46.70 -4.12 11.51
CA TYR F 124 -46.53 -4.24 10.07
C TYR F 124 -45.09 -3.90 9.70
N PRO F 125 -44.63 -4.27 8.49
CA PRO F 125 -43.28 -3.86 8.12
C PRO F 125 -43.27 -2.38 7.75
N LEU F 126 -42.06 -1.80 7.59
CA LEU F 126 -41.91 -0.41 7.16
C LEU F 126 -42.67 -0.11 5.88
N PRO F 127 -43.63 0.80 5.96
CA PRO F 127 -44.48 1.07 4.83
C PRO F 127 -43.76 1.22 3.46
N HIS F 128 -44.21 0.39 2.53
CA HIS F 128 -43.90 0.53 1.10
C HIS F 128 -42.55 -0.01 0.71
N MET F 129 -41.91 -0.78 1.57
CA MET F 129 -40.66 -1.46 1.21
C MET F 129 -40.95 -2.89 0.79
N PHE F 130 -40.26 -3.38 -0.23
CA PHE F 130 -40.40 -4.78 -0.65
C PHE F 130 -40.00 -5.65 0.52
N VAL F 131 -40.76 -6.74 0.76
CA VAL F 131 -40.56 -7.53 1.96
C VAL F 131 -39.73 -8.80 1.68
N ILE F 132 -38.56 -8.91 2.29
CA ILE F 132 -37.79 -10.13 2.18
C ILE F 132 -38.60 -11.29 2.78
N LYS F 133 -39.06 -11.11 4.02
CA LYS F 133 -39.86 -12.11 4.74
C LYS F 133 -40.38 -11.50 6.07
N ASP F 134 -41.61 -11.87 6.40
CA ASP F 134 -42.31 -11.41 7.58
C ASP F 134 -42.12 -9.93 7.81
N LEU F 135 -41.41 -9.56 8.86
CA LEU F 135 -41.26 -8.15 9.17
C LEU F 135 -39.92 -7.56 8.67
N VAL F 136 -39.14 -8.35 7.95
CA VAL F 136 -37.85 -7.90 7.43
C VAL F 136 -38.01 -7.31 6.02
N PRO F 137 -37.88 -5.97 5.84
CA PRO F 137 -38.03 -5.41 4.50
C PRO F 137 -36.73 -5.57 3.75
N ASP F 138 -36.65 -5.14 2.51
CA ASP F 138 -35.36 -5.08 1.82
C ASP F 138 -34.88 -3.64 1.85
N MET F 139 -33.70 -3.48 2.38
CA MET F 139 -33.30 -2.22 2.95
C MET F 139 -32.24 -1.58 2.08
N ASN F 140 -31.88 -2.29 1.01
CA ASN F 140 -30.74 -1.92 0.19
C ASN F 140 -30.81 -0.66 -0.68
N LEU F 141 -32.00 -0.25 -1.14
CA LEU F 141 -32.08 1.05 -1.79
C LEU F 141 -31.64 2.13 -0.78
N PHE F 142 -32.22 2.02 0.41
CA PHE F 142 -32.02 3.00 1.47
C PHE F 142 -30.55 3.14 1.79
N TYR F 143 -29.81 2.04 1.85
CA TYR F 143 -28.37 2.10 2.11
C TYR F 143 -27.57 2.70 0.94
N ALA F 144 -28.09 2.51 -0.27
CA ALA F 144 -27.40 2.97 -1.47
C ALA F 144 -27.47 4.49 -1.59
N GLN F 145 -28.68 5.04 -1.39
CA GLN F 145 -28.87 6.47 -1.25
C GLN F 145 -28.03 7.02 -0.11
N TYR F 146 -27.88 6.25 0.96
CA TYR F 146 -27.02 6.69 2.01
C TYR F 146 -25.60 6.86 1.49
N ALA F 147 -25.10 5.86 0.76
CA ALA F 147 -23.72 5.95 0.27
C ALA F 147 -23.58 7.13 -0.67
N SER F 148 -24.68 7.48 -1.33
CA SER F 148 -24.68 8.43 -2.43
C SER F 148 -24.25 9.82 -2.00
N ILE F 149 -24.51 10.15 -0.75
CA ILE F 149 -24.15 11.45 -0.22
C ILE F 149 -22.66 11.58 0.14
N GLN F 150 -21.90 10.50 -0.02
CA GLN F 150 -20.52 10.40 0.49
C GLN F 150 -20.49 10.87 1.92
N PRO F 151 -20.83 9.97 2.89
CA PRO F 151 -20.87 10.35 4.34
C PRO F 151 -19.52 10.23 5.04
N TRP F 152 -18.54 11.00 4.58
CA TRP F 152 -17.19 10.96 5.10
C TRP F 152 -16.62 12.33 4.90
N LEU F 153 -15.65 12.73 5.71
CA LEU F 153 -15.18 14.12 5.68
C LEU F 153 -14.15 14.30 4.59
N GLN F 154 -14.39 15.26 3.70
CA GLN F 154 -13.43 15.61 2.64
C GLN F 154 -12.84 17.03 2.79
N LYS F 155 -11.61 17.20 2.30
CA LYS F 155 -10.89 18.46 2.40
C LYS F 155 -10.28 18.84 1.06
N LYS F 156 -10.30 20.12 0.70
CA LYS F 156 -9.63 20.53 -0.56
C LYS F 156 -8.09 20.32 -0.52
N THR F 157 -7.47 20.63 0.62
CA THR F 157 -5.99 20.48 0.77
C THR F 157 -5.63 19.22 1.54
N LYS F 158 -5.54 18.11 0.81
CA LYS F 158 -5.10 16.79 1.33
C LYS F 158 -4.49 16.85 2.72
N ILE F 159 -4.98 16.00 3.61
CA ILE F 159 -4.47 16.06 4.97
C ILE F 159 -3.60 14.88 5.38
N ASN F 160 -2.51 15.22 6.06
CA ASN F 160 -1.61 14.29 6.71
C ASN F 160 -2.33 13.53 7.83
N LEU F 161 -2.69 12.26 7.60
CA LEU F 161 -3.76 11.62 8.40
C LEU F 161 -3.69 11.66 9.95
N GLY F 162 -2.76 10.94 10.55
CA GLY F 162 -2.69 10.97 11.99
C GLY F 162 -2.23 12.29 12.61
N GLU F 163 -1.53 13.09 11.81
CA GLU F 163 -0.72 14.21 12.27
C GLU F 163 -1.29 15.12 13.38
N LYS F 164 -2.40 15.82 13.10
CA LYS F 164 -3.00 16.75 14.10
C LYS F 164 -4.52 16.89 13.97
N GLN F 165 -5.17 17.43 15.00
CA GLN F 165 -6.61 17.55 14.95
C GLN F 165 -7.04 18.70 14.05
N GLN F 166 -8.24 18.63 13.47
CA GLN F 166 -8.87 19.82 12.91
C GLN F 166 -9.49 20.72 13.99
N TYR F 167 -9.53 22.01 13.71
CA TYR F 167 -10.16 22.95 14.64
C TYR F 167 -11.66 22.96 14.41
N GLN F 168 -12.41 23.16 15.49
CA GLN F 168 -13.84 23.35 15.43
C GLN F 168 -14.20 23.85 16.79
N SER F 169 -15.06 24.85 16.85
CA SER F 169 -15.37 25.50 18.11
C SER F 169 -16.63 24.86 18.66
N ILE F 170 -16.77 24.79 19.98
CA ILE F 170 -17.98 24.19 20.55
C ILE F 170 -19.23 24.60 19.75
N LYS F 171 -19.25 25.85 19.29
CA LYS F 171 -20.47 26.43 18.69
C LYS F 171 -20.73 25.86 17.31
N GLU F 172 -19.63 25.68 16.56
CA GLU F 172 -19.66 25.05 15.23
C GLU F 172 -20.17 23.63 15.41
N GLN F 173 -19.43 22.86 16.21
CA GLN F 173 -19.73 21.47 16.46
C GLN F 173 -21.20 21.23 16.85
N GLU F 174 -21.82 22.17 17.58
CA GLU F 174 -23.21 21.99 18.05
C GLU F 174 -24.25 22.09 16.94
N LYS F 175 -23.84 22.58 15.77
CA LYS F 175 -24.72 22.53 14.60
C LYS F 175 -24.95 21.06 14.21
N LEU F 176 -23.95 20.24 14.47
CA LEU F 176 -24.08 18.81 14.32
C LEU F 176 -25.13 18.17 15.26
N ASP F 177 -25.46 18.82 16.39
CA ASP F 177 -26.48 18.29 17.33
C ASP F 177 -27.87 18.23 16.75
N GLY F 178 -28.52 17.09 16.93
CA GLY F 178 -29.74 16.77 16.22
C GLY F 178 -29.50 16.09 14.87
N LEU F 179 -28.28 16.17 14.35
CA LEU F 179 -28.00 15.58 13.06
C LEU F 179 -27.31 14.22 13.16
N TYR F 180 -26.26 14.12 13.97
CA TYR F 180 -25.51 12.86 14.11
C TYR F 180 -26.15 11.80 15.00
N GLU F 181 -27.31 12.07 15.56
CA GLU F 181 -27.93 11.12 16.45
C GLU F 181 -28.58 9.97 15.69
N CYS F 182 -28.97 10.27 14.44
CA CYS F 182 -29.65 9.35 13.55
C CYS F 182 -29.07 7.97 13.53
N ILE F 183 -29.91 6.95 13.65
CA ILE F 183 -29.44 5.57 13.77
C ILE F 183 -29.63 4.78 12.48
N LEU F 184 -29.95 5.52 11.41
CA LEU F 184 -30.17 4.97 10.08
C LEU F 184 -31.16 3.85 10.19
N CYS F 185 -32.33 4.18 10.75
CA CYS F 185 -33.35 3.22 11.21
C CYS F 185 -34.46 3.11 10.20
N ALA F 186 -34.72 4.22 9.52
CA ALA F 186 -35.57 4.34 8.33
C ALA F 186 -37.02 4.60 8.63
N CYS F 187 -37.33 5.02 9.86
CA CYS F 187 -38.73 5.31 10.20
C CYS F 187 -39.16 6.59 9.53
N CYS F 188 -38.28 7.58 9.50
CA CYS F 188 -38.64 8.86 8.96
C CYS F 188 -38.97 8.66 7.50
N SER F 189 -38.08 7.96 6.78
CA SER F 189 -38.25 7.80 5.33
C SER F 189 -39.48 7.03 5.07
N ALA F 190 -39.62 5.87 5.73
CA ALA F 190 -40.69 4.92 5.38
C ALA F 190 -42.06 5.36 5.91
N SER F 191 -42.12 6.62 6.33
CA SER F 191 -43.34 7.22 6.83
C SER F 191 -43.73 8.40 5.98
N CYS F 192 -42.96 8.65 4.92
CA CYS F 192 -43.14 9.82 4.03
C CYS F 192 -43.62 9.37 2.68
N PRO F 193 -44.87 9.71 2.33
CA PRO F 193 -45.47 9.34 1.06
C PRO F 193 -44.65 9.77 -0.17
N SER F 194 -43.97 10.92 -0.12
CA SER F 194 -43.19 11.37 -1.27
C SER F 194 -42.21 10.29 -1.64
N TYR F 195 -41.66 9.67 -0.60
CA TYR F 195 -40.77 8.55 -0.74
C TYR F 195 -41.51 7.24 -1.05
N TRP F 196 -42.76 7.09 -0.60
CA TRP F 196 -43.51 5.92 -0.98
C TRP F 196 -43.62 5.89 -2.51
N TRP F 197 -43.85 7.06 -3.11
CA TRP F 197 -44.14 7.11 -4.54
C TRP F 197 -42.90 7.12 -5.38
N ASN F 198 -41.81 7.71 -4.87
CA ASN F 198 -40.60 7.92 -5.70
C ASN F 198 -39.27 7.60 -5.01
N ALA F 199 -39.29 6.54 -4.20
CA ALA F 199 -38.14 6.10 -3.44
C ALA F 199 -36.91 6.06 -4.31
N ASP F 200 -37.10 5.94 -5.61
CA ASP F 200 -35.96 5.74 -6.49
C ASP F 200 -35.32 7.07 -6.84
N LYS F 201 -36.14 8.10 -7.04
CA LYS F 201 -35.64 9.45 -7.38
C LYS F 201 -35.42 10.38 -6.16
N TYR F 202 -36.47 10.54 -5.35
CA TYR F 202 -36.36 11.21 -4.03
C TYR F 202 -35.44 10.47 -3.07
N LEU F 203 -34.61 11.23 -2.36
CA LEU F 203 -33.63 10.61 -1.44
C LEU F 203 -34.26 10.28 -0.08
N GLY F 204 -35.23 11.09 0.35
CA GLY F 204 -35.90 10.86 1.63
C GLY F 204 -35.30 11.58 2.85
N PRO F 205 -36.10 11.74 3.92
CA PRO F 205 -35.68 12.47 5.10
C PRO F 205 -34.37 11.90 5.67
N ALA F 206 -34.34 10.59 5.91
CA ALA F 206 -33.15 9.93 6.43
C ALA F 206 -31.88 10.43 5.77
N VAL F 207 -31.79 10.22 4.45
CA VAL F 207 -30.57 10.52 3.69
C VAL F 207 -30.34 12.02 3.53
N LEU F 208 -31.40 12.79 3.34
CA LEU F 208 -31.23 14.24 3.23
C LEU F 208 -30.71 14.84 4.54
N MET F 209 -31.40 14.54 5.65
CA MET F 209 -30.98 14.94 7.00
C MET F 209 -29.51 14.71 7.18
N GLN F 210 -29.01 13.63 6.58
CA GLN F 210 -27.64 13.16 6.76
C GLN F 210 -26.72 13.80 5.77
N ALA F 211 -27.27 14.17 4.63
CA ALA F 211 -26.47 14.78 3.59
C ALA F 211 -26.15 16.19 4.06
N TYR F 212 -27.10 16.77 4.81
CA TYR F 212 -26.97 18.07 5.42
C TYR F 212 -25.87 18.01 6.45
N ARG F 213 -25.94 17.00 7.32
CA ARG F 213 -24.93 16.71 8.33
C ARG F 213 -23.51 16.81 7.79
N TRP F 214 -23.34 16.81 6.49
CA TRP F 214 -21.97 16.99 6.00
C TRP F 214 -21.82 18.39 5.41
N ILE F 215 -22.92 18.97 4.94
CA ILE F 215 -22.84 20.31 4.37
C ILE F 215 -22.86 21.43 5.40
N ILE F 216 -23.08 21.13 6.70
CA ILE F 216 -22.81 22.13 7.78
C ILE F 216 -21.65 21.78 8.69
N ASP F 217 -21.08 20.59 8.54
CA ASP F 217 -19.88 20.25 9.31
C ASP F 217 -18.77 21.22 8.90
N SER F 218 -18.54 22.24 9.72
CA SER F 218 -17.53 23.25 9.41
C SER F 218 -16.17 22.73 8.98
N ARG F 219 -15.92 21.44 9.13
CA ARG F 219 -14.64 20.89 8.73
C ARG F 219 -14.69 20.35 7.29
N ASP F 220 -15.87 20.20 6.72
CA ASP F 220 -15.99 19.62 5.40
C ASP F 220 -15.93 20.69 4.31
N ASP F 221 -14.87 20.64 3.50
CA ASP F 221 -14.63 21.59 2.39
C ASP F 221 -15.44 21.33 1.11
N SER F 222 -16.52 20.54 1.19
CA SER F 222 -17.20 20.12 -0.03
C SER F 222 -18.64 20.57 -0.13
N ALA F 223 -19.03 21.50 0.72
CA ALA F 223 -20.38 22.02 0.71
C ALA F 223 -20.86 22.26 -0.73
N ALA F 224 -19.99 22.87 -1.54
CA ALA F 224 -20.24 23.12 -2.97
C ALA F 224 -20.67 21.84 -3.73
N GLU F 225 -19.74 20.90 -3.83
CA GLU F 225 -19.93 19.67 -4.56
C GLU F 225 -21.10 18.92 -3.96
N ARG F 226 -21.32 19.10 -2.66
CA ARG F 226 -22.37 18.36 -1.99
C ARG F 226 -23.75 18.78 -2.43
N LEU F 227 -23.98 20.09 -2.49
CA LEU F 227 -25.26 20.62 -2.89
C LEU F 227 -25.55 20.28 -4.34
N ALA F 228 -24.51 20.17 -5.17
CA ALA F 228 -24.69 19.90 -6.60
C ALA F 228 -25.23 18.48 -6.89
N ARG F 229 -24.95 17.55 -5.98
CA ARG F 229 -25.40 16.16 -6.10
C ARG F 229 -26.94 16.07 -6.05
N MET F 230 -27.56 17.13 -5.54
CA MET F 230 -29.00 17.17 -5.49
C MET F 230 -29.53 18.55 -5.93
N GLN F 231 -29.11 19.01 -7.10
CA GLN F 231 -29.74 20.22 -7.69
C GLN F 231 -30.91 19.83 -8.58
N ASP F 232 -31.17 18.53 -8.73
CA ASP F 232 -32.23 18.11 -9.67
C ASP F 232 -33.67 18.34 -9.14
N GLY F 233 -34.66 18.05 -9.97
CA GLY F 233 -36.04 18.30 -9.61
C GLY F 233 -36.55 17.40 -8.52
N PHE F 234 -36.07 16.16 -8.51
CA PHE F 234 -36.58 15.13 -7.64
C PHE F 234 -35.86 15.01 -6.29
N SER F 235 -34.56 14.67 -6.34
CA SER F 235 -33.84 14.16 -5.17
C SER F 235 -33.93 14.95 -3.86
N ALA F 236 -33.94 16.28 -3.89
CA ALA F 236 -34.24 16.99 -2.64
C ALA F 236 -35.52 17.78 -2.68
N PHE F 237 -35.86 18.31 -3.85
CA PHE F 237 -37.02 19.19 -3.96
C PHE F 237 -38.33 18.48 -4.04
N LYS F 238 -38.31 17.16 -3.88
CA LYS F 238 -39.53 16.40 -3.90
C LYS F 238 -40.15 16.27 -2.52
N CYS F 239 -39.48 16.84 -1.52
CA CYS F 239 -40.12 17.05 -0.21
C CYS F 239 -41.33 17.96 -0.36
N HIS F 240 -42.50 17.35 -0.25
CA HIS F 240 -43.72 18.11 -0.29
C HIS F 240 -44.17 18.57 1.08
N THR F 241 -43.22 18.73 2.00
CA THR F 241 -43.41 19.36 3.31
C THR F 241 -44.66 18.82 4.04
N ILE F 242 -44.63 17.53 4.36
CA ILE F 242 -45.77 16.76 4.88
C ILE F 242 -45.67 16.67 6.38
N MET F 243 -44.44 16.46 6.85
CA MET F 243 -44.05 16.50 8.25
C MET F 243 -44.13 15.18 9.00
N ASN F 244 -44.71 14.15 8.39
CA ASN F 244 -44.65 12.78 8.89
C ASN F 244 -43.29 12.31 9.45
N CYS F 245 -42.20 12.61 8.73
CA CYS F 245 -40.86 12.15 9.12
C CYS F 245 -40.51 12.55 10.54
N THR F 246 -40.67 13.84 10.82
CA THR F 246 -40.29 14.44 12.08
C THR F 246 -41.23 13.95 13.15
N LYS F 247 -42.50 13.90 12.83
CA LYS F 247 -43.48 13.33 13.74
C LYS F 247 -43.16 11.89 14.11
N THR F 248 -42.43 11.16 13.27
CA THR F 248 -42.30 9.71 13.51
C THR F 248 -40.98 9.26 14.13
N CYS F 249 -40.00 10.15 14.14
CA CYS F 249 -38.65 9.81 14.60
C CYS F 249 -38.54 9.28 16.03
N PRO F 250 -38.21 8.00 16.17
CA PRO F 250 -37.89 7.44 17.50
C PRO F 250 -36.86 8.22 18.33
N LYS F 251 -36.01 9.02 17.69
CA LYS F 251 -35.02 9.79 18.45
C LYS F 251 -35.34 11.28 18.42
N HIS F 252 -36.60 11.62 18.16
CA HIS F 252 -37.06 13.00 18.34
C HIS F 252 -36.17 13.95 17.58
N LEU F 253 -35.61 13.42 16.49
CA LEU F 253 -34.86 14.17 15.52
C LEU F 253 -35.82 14.88 14.56
N ASN F 254 -35.30 15.77 13.74
CA ASN F 254 -36.14 16.55 12.85
C ASN F 254 -35.51 16.65 11.48
N PRO F 255 -35.75 15.63 10.64
CA PRO F 255 -35.24 15.70 9.27
C PRO F 255 -35.90 16.82 8.48
N ALA F 256 -37.13 17.15 8.78
CA ALA F 256 -37.78 18.22 8.03
C ALA F 256 -36.97 19.51 8.08
N ARG F 257 -36.54 19.89 9.30
CA ARG F 257 -35.80 21.12 9.56
C ARG F 257 -34.52 21.15 8.71
N ALA F 258 -33.83 20.01 8.61
CA ALA F 258 -32.70 19.83 7.64
C ALA F 258 -33.07 19.88 6.16
N ILE F 259 -34.15 19.25 5.75
CA ILE F 259 -34.54 19.38 4.35
C ILE F 259 -34.85 20.83 4.05
N GLY F 260 -35.56 21.47 4.97
CA GLY F 260 -35.72 22.92 4.93
C GLY F 260 -34.40 23.69 4.82
N GLU F 261 -33.46 23.39 5.70
CA GLU F 261 -32.20 24.06 5.62
C GLU F 261 -31.45 23.75 4.30
N ILE F 262 -31.62 22.54 3.74
CA ILE F 262 -31.01 22.22 2.42
C ILE F 262 -31.66 22.97 1.26
N LYS F 263 -32.99 22.99 1.21
CA LYS F 263 -33.69 23.85 0.25
C LYS F 263 -33.06 25.27 0.21
N MET F 264 -33.08 25.95 1.36
CA MET F 264 -32.51 27.30 1.47
C MET F 264 -31.06 27.37 1.00
N LEU F 265 -30.24 26.36 1.28
CA LEU F 265 -28.90 26.35 0.69
C LEU F 265 -28.94 26.17 -0.83
N LEU F 266 -29.77 25.25 -1.30
CA LEU F 266 -29.95 25.02 -2.73
C LEU F 266 -30.36 26.28 -3.52
N THR F 267 -30.80 27.33 -2.83
CA THR F 267 -31.26 28.56 -3.49
C THR F 267 -30.49 29.84 -3.00
N LYS F 268 -31.14 30.60 -2.11
CA LYS F 268 -30.63 31.87 -1.55
C LYS F 268 -29.40 31.76 -0.71
N MET F 269 -29.60 31.53 0.61
CA MET F 269 -28.58 31.59 1.69
C MET F 269 -27.29 30.69 1.63
N LYS F 270 -26.27 31.06 2.41
CA LYS F 270 -24.95 30.43 2.25
C LYS F 270 -24.37 29.82 3.52
N THR F 271 -23.55 28.78 3.34
CA THR F 271 -22.83 28.07 4.42
C THR F 271 -21.74 28.94 5.08
N LYS F 272 -21.97 29.30 6.34
CA LYS F 272 -21.02 30.11 7.07
C LYS F 272 -19.62 29.56 6.88
N PRO F 273 -18.61 30.45 6.69
CA PRO F 273 -17.24 29.91 6.54
C PRO F 273 -16.62 29.42 7.89
N ALA F 274 -15.54 28.65 7.81
CA ALA F 274 -14.82 28.20 9.01
C ALA F 274 -14.19 29.39 9.79
N PRO F 275 -14.46 29.58 11.13
CA PRO F 275 -13.58 30.49 11.93
C PRO F 275 -12.15 29.99 11.96
N LEU F 276 -11.16 30.90 12.00
CA LEU F 276 -9.78 30.44 11.71
C LEU F 276 -9.15 29.65 12.87
N PRO F 277 -8.49 28.50 12.57
CA PRO F 277 -7.69 27.78 13.58
C PRO F 277 -6.76 28.74 14.29
N THR F 278 -7.16 29.15 15.49
CA THR F 278 -6.39 30.07 16.31
C THR F 278 -4.94 29.56 16.47
N PRO F 279 -3.96 30.43 16.87
CA PRO F 279 -2.60 29.85 16.91
C PRO F 279 -2.26 29.14 18.23
N ALA F 280 -1.50 28.05 18.10
CA ALA F 280 -1.42 26.94 19.07
C ALA F 280 -2.13 25.66 18.52
N ASN F 281 -3.40 25.78 18.11
CA ASN F 281 -4.11 24.66 17.47
C ASN F 281 -3.56 24.42 16.05
N GLU G 34 -32.49 14.30 -17.20
CA GLU G 34 -31.38 13.32 -16.89
C GLU G 34 -31.37 12.83 -15.40
N LYS G 35 -30.73 11.69 -15.15
CA LYS G 35 -30.79 11.11 -13.81
C LYS G 35 -29.44 11.01 -13.19
N THR G 36 -29.38 11.23 -11.88
CA THR G 36 -28.14 11.08 -11.15
C THR G 36 -27.71 9.62 -11.11
N PRO G 37 -26.41 9.36 -10.97
CA PRO G 37 -25.93 8.00 -10.83
C PRO G 37 -26.82 7.18 -9.93
N ILE G 38 -27.15 7.72 -8.76
CA ILE G 38 -27.97 7.00 -7.79
C ILE G 38 -29.36 6.73 -8.32
N GLN G 39 -29.97 7.73 -8.94
CA GLN G 39 -31.31 7.57 -9.45
C GLN G 39 -31.40 6.44 -10.48
N VAL G 40 -30.30 6.15 -11.16
CA VAL G 40 -30.27 5.07 -12.14
C VAL G 40 -30.31 3.78 -11.34
N TRP G 41 -29.29 3.60 -10.51
CA TRP G 41 -29.21 2.49 -9.56
C TRP G 41 -30.54 2.26 -8.88
N GLY G 42 -31.18 3.36 -8.45
CA GLY G 42 -32.45 3.30 -7.78
C GLY G 42 -33.47 2.56 -8.61
N TRP G 43 -33.47 2.86 -9.91
CA TRP G 43 -34.42 2.28 -10.84
C TRP G 43 -34.10 0.82 -11.06
N ASP G 44 -32.89 0.52 -11.45
CA ASP G 44 -32.55 -0.88 -11.64
C ASP G 44 -33.01 -1.70 -10.43
N TYR G 45 -32.76 -1.16 -9.24
CA TYR G 45 -33.28 -1.71 -7.99
C TYR G 45 -34.77 -2.03 -8.10
N LEU G 46 -35.55 -1.04 -8.47
CA LEU G 46 -36.97 -1.25 -8.62
C LEU G 46 -37.25 -2.46 -9.50
N MET G 47 -36.49 -2.56 -10.59
CA MET G 47 -36.62 -3.71 -11.48
C MET G 47 -36.25 -5.01 -10.76
N ARG G 48 -34.98 -5.19 -10.36
CA ARG G 48 -34.57 -6.35 -9.54
C ARG G 48 -35.65 -6.83 -8.54
N GLN G 49 -36.47 -5.92 -8.02
CA GLN G 49 -37.43 -6.26 -6.97
C GLN G 49 -38.70 -6.80 -7.59
N ARG G 50 -39.22 -6.12 -8.63
CA ARG G 50 -40.36 -6.67 -9.35
C ARG G 50 -39.98 -8.03 -9.96
N ALA G 51 -38.74 -8.13 -10.44
CA ALA G 51 -38.16 -9.40 -10.83
C ALA G 51 -38.32 -10.48 -9.75
N LEU G 52 -37.92 -10.18 -8.51
CA LEU G 52 -38.05 -11.08 -7.33
C LEU G 52 -39.47 -11.32 -6.77
N LYS G 53 -40.48 -10.73 -7.42
CA LYS G 53 -41.88 -10.98 -7.07
C LYS G 53 -42.25 -10.60 -5.63
N ARG G 54 -41.49 -9.69 -5.03
CA ARG G 54 -41.70 -9.30 -3.63
C ARG G 54 -42.92 -8.41 -3.47
N PRO G 55 -43.68 -8.59 -2.38
CA PRO G 55 -44.81 -7.67 -2.14
C PRO G 55 -44.35 -6.34 -1.49
N ILE G 56 -45.12 -5.29 -1.75
CA ILE G 56 -44.88 -3.97 -1.15
C ILE G 56 -45.59 -3.86 0.21
N ALA G 57 -44.82 -3.46 1.22
CA ALA G 57 -45.35 -3.32 2.57
C ALA G 57 -46.44 -2.26 2.66
N PRO G 58 -47.60 -2.64 3.24
CA PRO G 58 -48.79 -1.80 3.35
C PRO G 58 -48.46 -0.37 3.78
N HIS G 59 -49.13 0.61 3.18
CA HIS G 59 -48.79 1.98 3.47
C HIS G 59 -49.99 2.77 3.84
N LEU G 60 -50.57 3.51 2.91
CA LEU G 60 -51.65 4.42 3.25
C LEU G 60 -52.83 3.73 3.94
N THR G 61 -53.05 2.45 3.65
CA THR G 61 -54.10 1.65 4.27
C THR G 61 -53.87 1.54 5.77
N ILE G 62 -52.72 1.00 6.17
CA ILE G 62 -52.35 0.85 7.59
C ILE G 62 -51.89 2.12 8.31
N TYR G 63 -51.21 3.04 7.62
CA TYR G 63 -50.57 4.13 8.33
C TYR G 63 -51.60 5.01 9.02
N LYS G 64 -51.25 5.48 10.22
CA LYS G 64 -52.19 6.14 11.12
C LYS G 64 -52.45 7.59 10.71
N PRO G 65 -53.75 7.95 10.51
CA PRO G 65 -54.19 9.32 10.18
C PRO G 65 -53.65 10.33 11.18
N GLN G 66 -53.17 11.46 10.69
CA GLN G 66 -52.38 12.36 11.51
C GLN G 66 -52.46 13.75 10.94
N MET G 67 -52.41 14.73 11.83
CA MET G 67 -52.53 16.13 11.44
C MET G 67 -51.33 16.60 10.65
N THR G 68 -50.24 15.84 10.73
CA THR G 68 -49.14 16.05 9.79
C THR G 68 -49.64 15.94 8.32
N TRP G 69 -50.18 14.79 7.91
CA TRP G 69 -50.44 14.54 6.49
C TRP G 69 -51.84 14.74 6.01
N MET G 70 -52.82 14.68 6.91
CA MET G 70 -54.20 14.91 6.50
C MET G 70 -54.42 16.36 6.11
N VAL G 71 -53.72 17.26 6.80
CA VAL G 71 -53.71 18.69 6.45
C VAL G 71 -52.90 18.95 5.17
N SER G 72 -51.79 18.24 4.98
CA SER G 72 -51.12 18.26 3.68
C SER G 72 -51.93 17.51 2.60
N GLY G 73 -52.74 16.54 3.02
CA GLY G 73 -53.62 15.86 2.09
C GLY G 73 -54.71 16.79 1.62
N LEU G 74 -55.12 17.73 2.48
CA LEU G 74 -56.15 18.72 2.13
C LEU G 74 -55.57 19.83 1.29
N HIS G 75 -54.28 20.12 1.49
CA HIS G 75 -53.62 21.13 0.69
C HIS G 75 -53.59 20.72 -0.78
N ARG G 76 -53.39 19.42 -1.00
CA ARG G 76 -53.45 18.83 -2.34
C ARG G 76 -54.87 18.84 -2.88
N VAL G 77 -55.80 18.20 -2.18
CA VAL G 77 -57.14 18.10 -2.70
C VAL G 77 -57.69 19.50 -3.07
N THR G 78 -57.68 20.45 -2.12
CA THR G 78 -58.19 21.82 -2.37
C THR G 78 -57.47 22.49 -3.54
N GLY G 79 -56.15 22.47 -3.50
CA GLY G 79 -55.38 22.92 -4.65
C GLY G 79 -55.85 22.38 -6.00
N CYS G 80 -55.92 21.05 -6.10
CA CYS G 80 -56.29 20.37 -7.34
C CYS G 80 -57.72 20.64 -7.69
N ALA G 81 -58.62 20.53 -6.70
CA ALA G 81 -60.03 20.72 -6.99
C ALA G 81 -60.24 22.08 -7.64
N MET G 82 -59.65 23.13 -7.07
CA MET G 82 -59.80 24.49 -7.58
C MET G 82 -59.33 24.61 -9.03
N ALA G 83 -58.06 24.32 -9.27
CA ALA G 83 -57.49 24.25 -10.62
C ALA G 83 -58.42 23.48 -11.57
N GLY G 84 -58.92 22.35 -11.09
CA GLY G 84 -59.85 21.53 -11.83
C GLY G 84 -61.13 22.27 -12.17
N THR G 85 -61.72 22.93 -11.17
CA THR G 85 -62.95 23.69 -11.38
C THR G 85 -62.68 24.76 -12.43
N LEU G 86 -61.70 25.62 -12.17
CA LEU G 86 -61.19 26.55 -13.19
C LEU G 86 -61.04 25.92 -14.59
N LEU G 87 -60.64 24.65 -14.67
CA LEU G 87 -60.48 23.99 -15.96
C LEU G 87 -61.81 23.60 -16.58
N ILE G 88 -62.48 22.58 -16.02
CA ILE G 88 -63.73 22.08 -16.62
C ILE G 88 -64.79 23.18 -16.66
N GLY G 89 -64.47 24.31 -16.02
CA GLY G 89 -65.33 25.50 -15.93
C GLY G 89 -65.10 26.53 -17.02
N GLY G 90 -63.86 27.00 -17.17
CA GLY G 90 -63.54 27.97 -18.21
C GLY G 90 -63.54 27.38 -19.63
N VAL G 91 -63.14 26.12 -19.73
CA VAL G 91 -63.17 25.44 -21.02
C VAL G 91 -64.61 25.04 -21.35
N GLY G 92 -65.32 24.52 -20.34
CA GLY G 92 -66.67 24.01 -20.53
C GLY G 92 -67.77 25.03 -20.73
N PHE G 93 -67.43 26.30 -20.55
CA PHE G 93 -68.42 27.36 -20.73
C PHE G 93 -68.11 28.15 -22.00
N SER G 94 -66.97 27.81 -22.62
CA SER G 94 -66.49 28.42 -23.85
C SER G 94 -66.73 27.51 -25.05
N VAL G 95 -66.47 26.22 -24.88
CA VAL G 95 -66.88 25.26 -25.90
C VAL G 95 -68.42 25.19 -25.96
N LEU G 96 -69.08 24.76 -24.88
CA LEU G 96 -70.54 24.70 -24.86
C LEU G 96 -71.14 26.12 -24.96
N PRO G 97 -72.36 26.27 -25.54
CA PRO G 97 -72.89 27.64 -25.67
C PRO G 97 -73.34 28.18 -24.31
N LEU G 98 -74.20 27.41 -23.63
CA LEU G 98 -74.75 27.68 -22.28
C LEU G 98 -73.85 28.58 -21.42
N ASP G 99 -73.94 29.90 -21.64
CA ASP G 99 -73.08 30.90 -20.98
C ASP G 99 -73.37 31.04 -19.49
N PHE G 100 -72.45 31.65 -18.74
CA PHE G 100 -72.56 31.66 -17.28
C PHE G 100 -73.84 32.35 -16.79
N THR G 101 -74.16 33.51 -17.35
CA THR G 101 -75.33 34.29 -16.91
C THR G 101 -76.61 33.45 -16.94
N THR G 102 -76.75 32.62 -17.98
CA THR G 102 -77.89 31.69 -18.10
C THR G 102 -77.77 30.49 -17.14
N PHE G 103 -76.62 30.32 -16.50
CA PHE G 103 -76.42 29.27 -15.50
C PHE G 103 -76.78 29.75 -14.10
N VAL G 104 -76.52 31.03 -13.83
CA VAL G 104 -76.92 31.64 -12.57
C VAL G 104 -78.42 31.39 -12.34
N GLU G 105 -79.18 31.35 -13.44
CA GLU G 105 -80.63 31.17 -13.36
C GLU G 105 -81.15 29.76 -13.71
N PHE G 106 -80.27 28.85 -14.15
CA PHE G 106 -80.66 27.43 -14.30
C PHE G 106 -80.57 26.70 -12.97
N ILE G 107 -79.94 27.35 -11.99
CA ILE G 107 -79.92 26.87 -10.60
C ILE G 107 -80.97 27.59 -9.74
N ARG G 108 -81.07 28.92 -9.88
CA ARG G 108 -82.08 29.72 -9.16
C ARG G 108 -83.48 29.18 -9.39
N GLY G 109 -83.73 28.67 -10.61
CA GLY G 109 -85.00 28.05 -11.00
C GLY G 109 -85.54 27.05 -9.99
N LEU G 110 -84.64 26.24 -9.42
CA LEU G 110 -84.98 25.26 -8.38
C LEU G 110 -85.50 25.91 -7.09
N GLY G 111 -84.99 27.11 -6.80
CA GLY G 111 -85.40 27.93 -5.65
C GLY G 111 -85.18 27.37 -4.26
N ILE G 112 -84.21 26.45 -4.14
CA ILE G 112 -83.94 25.71 -2.87
C ILE G 112 -83.41 26.62 -1.74
N PRO G 113 -83.41 26.10 -0.49
CA PRO G 113 -83.34 27.00 0.66
C PRO G 113 -82.01 27.72 0.82
N TRP G 114 -82.07 28.93 1.37
CA TRP G 114 -80.89 29.73 1.64
C TRP G 114 -79.71 28.92 2.24
N VAL G 115 -79.99 28.05 3.21
CA VAL G 115 -78.93 27.27 3.88
C VAL G 115 -78.17 26.31 2.96
N ILE G 116 -78.89 25.58 2.11
CA ILE G 116 -78.23 24.67 1.18
C ILE G 116 -77.41 25.49 0.17
N LEU G 117 -77.94 26.66 -0.19
CA LEU G 117 -77.24 27.56 -1.10
C LEU G 117 -76.03 28.20 -0.44
N ASP G 118 -76.06 28.34 0.88
CA ASP G 118 -74.94 28.91 1.62
C ASP G 118 -73.98 27.85 2.17
N THR G 119 -74.35 26.59 1.96
CA THR G 119 -73.45 25.45 2.13
C THR G 119 -72.62 25.30 0.84
N PHE G 120 -73.29 25.42 -0.31
CA PHE G 120 -72.61 25.46 -1.62
C PHE G 120 -71.65 26.65 -1.75
N LYS G 121 -71.96 27.76 -1.08
CA LYS G 121 -71.13 28.98 -1.04
C LYS G 121 -69.89 28.77 -0.18
N PHE G 122 -70.09 28.21 1.01
CA PHE G 122 -68.99 27.91 1.94
C PHE G 122 -67.96 27.02 1.25
N ILE G 123 -68.39 25.81 0.88
CA ILE G 123 -67.62 24.86 0.04
C ILE G 123 -66.72 25.57 -1.01
N ILE G 124 -67.21 26.63 -1.63
CA ILE G 124 -66.38 27.38 -2.58
C ILE G 124 -65.33 28.25 -1.88
N ALA G 125 -65.67 28.90 -0.78
CA ALA G 125 -64.74 29.81 -0.11
C ALA G 125 -63.67 29.08 0.70
N PHE G 126 -64.01 27.90 1.24
CA PHE G 126 -63.08 27.18 2.12
C PHE G 126 -61.72 26.85 1.49
N PRO G 127 -61.70 25.99 0.45
CA PRO G 127 -60.49 25.74 -0.30
C PRO G 127 -59.70 27.00 -0.59
N ILE G 128 -60.35 28.07 -1.02
CA ILE G 128 -59.60 29.28 -1.30
C ILE G 128 -58.82 29.75 -0.05
N ALA G 129 -59.48 29.85 1.09
CA ALA G 129 -58.81 30.33 2.31
C ALA G 129 -57.80 29.32 2.84
N PHE G 130 -58.20 28.06 2.96
CA PHE G 130 -57.31 27.06 3.52
C PHE G 130 -56.03 26.95 2.71
N HIS G 131 -56.19 26.73 1.41
CA HIS G 131 -55.05 26.53 0.53
C HIS G 131 -54.09 27.70 0.68
N THR G 132 -54.61 28.92 0.62
CA THR G 132 -53.76 30.12 0.68
C THR G 132 -53.03 30.15 2.01
N LEU G 133 -53.78 29.86 3.07
CA LEU G 133 -53.25 29.86 4.41
C LEU G 133 -52.24 28.74 4.54
N ASN G 134 -52.69 27.49 4.46
CA ASN G 134 -51.75 26.37 4.52
C ASN G 134 -50.53 26.62 3.62
N GLY G 135 -50.77 27.24 2.47
CA GLY G 135 -49.71 27.79 1.62
C GLY G 135 -48.71 28.69 2.33
N ILE G 136 -49.20 29.72 3.04
CA ILE G 136 -48.32 30.63 3.82
C ILE G 136 -47.52 29.81 4.81
N ARG G 137 -48.17 28.74 5.30
CA ARG G 137 -47.59 27.78 6.23
C ARG G 137 -46.41 27.04 5.61
N PHE G 138 -46.67 26.29 4.54
CA PHE G 138 -45.63 25.51 3.86
C PHE G 138 -44.40 26.33 3.42
N ILE G 139 -44.57 27.50 2.81
CA ILE G 139 -43.38 28.30 2.48
C ILE G 139 -42.53 28.57 3.76
N GLY G 140 -43.19 28.57 4.93
CA GLY G 140 -42.48 28.56 6.21
C GLY G 140 -41.61 27.32 6.35
N PHE G 141 -42.23 26.14 6.16
CA PHE G 141 -41.54 24.85 6.14
C PHE G 141 -40.42 24.74 5.11
N ASP G 142 -40.65 25.24 3.90
CA ASP G 142 -39.58 25.23 2.89
C ASP G 142 -38.39 26.03 3.35
N MET G 143 -38.61 26.99 4.24
CA MET G 143 -37.57 27.89 4.74
C MET G 143 -37.02 27.46 6.10
N ALA G 144 -37.51 26.32 6.58
CA ALA G 144 -37.09 25.74 7.83
C ALA G 144 -37.70 26.49 9.00
N LYS G 145 -38.75 27.25 8.73
CA LYS G 145 -39.42 28.04 9.76
C LYS G 145 -40.53 27.24 10.43
N GLY G 146 -40.49 27.18 11.76
CA GLY G 146 -41.59 26.61 12.56
C GLY G 146 -41.88 25.13 12.35
N THR G 147 -40.82 24.32 12.29
CA THR G 147 -40.91 22.92 11.87
C THR G 147 -40.90 21.89 13.00
N ASP G 148 -40.72 22.36 14.22
CA ASP G 148 -40.84 21.48 15.39
C ASP G 148 -42.26 20.96 15.58
N ILE G 149 -42.39 19.85 16.29
CA ILE G 149 -43.68 19.18 16.49
C ILE G 149 -44.74 20.02 17.16
N PRO G 150 -44.37 20.95 18.07
CA PRO G 150 -45.40 21.82 18.64
C PRO G 150 -45.93 22.79 17.60
N SER G 151 -45.05 23.57 16.97
CA SER G 151 -45.46 24.48 15.90
C SER G 151 -46.23 23.82 14.75
N ILE G 152 -45.77 22.64 14.30
CA ILE G 152 -46.49 21.87 13.27
C ILE G 152 -47.97 21.72 13.63
N TYR G 153 -48.26 21.42 14.89
CA TYR G 153 -49.64 21.26 15.26
C TYR G 153 -50.38 22.59 15.52
N ARG G 154 -49.72 23.53 16.20
CA ARG G 154 -50.29 24.88 16.37
C ARG G 154 -50.57 25.49 14.99
N GLY G 155 -49.64 25.34 14.05
CA GLY G 155 -49.85 25.71 12.63
C GLY G 155 -51.01 25.02 11.92
N ALA G 156 -51.11 23.70 12.07
CA ALA G 156 -52.24 22.95 11.53
C ALA G 156 -53.57 23.46 12.06
N TYR G 157 -53.67 23.61 13.39
CA TYR G 157 -54.92 24.00 14.06
C TYR G 157 -55.30 25.44 13.84
N LEU G 158 -54.31 26.30 13.74
CA LEU G 158 -54.56 27.68 13.50
C LEU G 158 -55.11 27.79 12.09
N VAL G 159 -54.30 27.48 11.08
CA VAL G 159 -54.72 27.56 9.67
C VAL G 159 -56.02 26.80 9.36
N LEU G 160 -56.11 25.55 9.80
CA LEU G 160 -57.29 24.76 9.53
C LEU G 160 -58.54 25.54 9.89
N GLY G 161 -58.68 25.93 11.16
CA GLY G 161 -59.85 26.67 11.66
C GLY G 161 -59.91 28.13 11.23
N LEU G 162 -58.75 28.77 11.06
CA LEU G 162 -58.67 30.17 10.61
C LEU G 162 -59.18 30.37 9.20
N ALA G 163 -59.07 29.32 8.38
CA ALA G 163 -59.63 29.29 7.03
C ALA G 163 -61.14 29.08 7.07
N ALA G 164 -61.61 28.35 8.07
CA ALA G 164 -63.05 28.16 8.31
C ALA G 164 -63.71 29.42 8.87
N LEU G 165 -62.94 30.24 9.58
CA LEU G 165 -63.41 31.58 9.99
C LEU G 165 -63.67 32.52 8.81
N ILE G 166 -62.63 32.85 8.05
CA ILE G 166 -62.77 33.66 6.83
C ILE G 166 -63.76 33.05 5.86
N SER G 167 -63.82 31.72 5.78
CA SER G 167 -64.79 31.07 4.90
C SER G 167 -66.20 31.26 5.40
N LEU G 168 -66.38 31.33 6.72
CA LEU G 168 -67.72 31.59 7.30
C LEU G 168 -68.09 33.08 7.28
N ALA G 169 -67.12 33.96 7.56
CA ALA G 169 -67.34 35.40 7.55
C ALA G 169 -67.81 35.84 6.18
N VAL G 170 -67.25 35.25 5.14
CA VAL G 170 -67.64 35.63 3.80
C VAL G 170 -69.08 35.23 3.46
N VAL G 171 -69.52 34.07 3.93
CA VAL G 171 -70.86 33.56 3.59
C VAL G 171 -72.02 34.10 4.46
N VAL G 172 -71.83 34.17 5.77
CA VAL G 172 -72.91 34.57 6.70
C VAL G 172 -73.02 36.10 6.81
N TYR G 173 -71.92 36.80 6.55
CA TYR G 173 -71.88 38.26 6.72
C TYR G 173 -72.84 39.04 5.82
N PRO G 174 -72.96 38.69 4.52
CA PRO G 174 -73.94 39.43 3.72
C PRO G 174 -75.26 38.70 3.52
N ARG G 175 -75.35 37.46 3.99
CA ARG G 175 -76.63 36.75 4.11
C ARG G 175 -77.36 37.23 5.37
N TRP G 176 -76.55 37.67 6.34
CA TRP G 176 -77.02 38.39 7.51
C TRP G 176 -77.59 39.74 7.04
N GLU G 177 -76.81 40.47 6.23
CA GLU G 177 -77.21 41.78 5.69
C GLU G 177 -78.31 41.72 4.63
N ARG G 178 -78.63 40.51 4.17
CA ARG G 178 -79.78 40.28 3.30
C ARG G 178 -81.03 39.99 4.13
N HIS G 179 -80.82 39.50 5.35
CA HIS G 179 -81.91 39.23 6.31
C HIS G 179 -82.31 40.49 7.10
N LYS G 180 -81.37 41.41 7.24
CA LYS G 180 -81.59 42.70 7.92
C LYS G 180 -82.52 43.63 7.10
N LYS G 181 -82.43 43.53 5.77
CA LYS G 181 -83.25 44.32 4.84
C LYS G 181 -84.63 43.73 4.58
N ALA G 182 -84.69 42.41 4.31
CA ALA G 182 -85.96 41.70 4.06
C ALA G 182 -86.78 41.45 5.35
N THR G 183 -86.59 42.34 6.32
CA THR G 183 -87.15 42.25 7.67
C THR G 183 -88.59 42.80 7.79
N THR H 28 -23.31 -31.13 -1.55
CA THR H 28 -22.12 -31.05 -2.42
C THR H 28 -21.55 -29.62 -2.52
N SER H 29 -20.26 -29.51 -2.24
CA SER H 29 -19.45 -28.36 -2.67
C SER H 29 -18.99 -28.64 -4.12
N ALA H 30 -19.92 -28.44 -5.08
CA ALA H 30 -19.72 -28.64 -6.54
C ALA H 30 -20.75 -27.83 -7.37
N ALA H 31 -20.64 -26.50 -7.29
CA ALA H 31 -21.53 -25.55 -8.00
C ALA H 31 -20.74 -24.31 -8.42
N VAL H 32 -21.42 -23.27 -8.93
CA VAL H 32 -20.76 -22.26 -9.79
C VAL H 32 -20.25 -20.96 -9.12
N THR H 33 -19.33 -20.26 -9.82
CA THR H 33 -18.76 -18.96 -9.38
C THR H 33 -19.78 -17.85 -9.30
N GLY H 34 -19.64 -17.03 -8.26
CA GLY H 34 -20.67 -16.07 -7.92
C GLY H 34 -20.21 -14.66 -8.20
N ALA H 35 -21.18 -13.76 -8.35
CA ALA H 35 -20.88 -12.36 -8.60
C ALA H 35 -21.09 -11.51 -7.35
N ALA H 36 -20.09 -10.66 -7.10
CA ALA H 36 -20.15 -9.64 -6.05
C ALA H 36 -21.42 -8.79 -6.16
N PRO H 37 -22.16 -8.61 -5.03
CA PRO H 37 -23.56 -8.13 -5.02
C PRO H 37 -23.74 -6.68 -5.51
N PRO H 38 -24.96 -6.32 -5.93
CA PRO H 38 -25.13 -4.99 -6.47
C PRO H 38 -24.93 -3.99 -5.35
N GLN H 39 -24.23 -2.88 -5.63
CA GLN H 39 -23.72 -1.99 -4.58
C GLN H 39 -23.31 -0.64 -5.18
N PHE H 40 -23.94 0.44 -4.74
CA PHE H 40 -23.60 1.76 -5.27
C PHE H 40 -22.18 2.16 -4.90
N ASP H 41 -21.35 2.39 -5.92
CA ASP H 41 -20.00 2.89 -5.73
C ASP H 41 -20.00 4.42 -5.88
N PRO H 42 -19.86 5.16 -4.77
CA PRO H 42 -20.13 6.58 -4.82
C PRO H 42 -18.92 7.43 -5.28
N ILE H 43 -17.85 6.75 -5.68
CA ILE H 43 -16.68 7.39 -6.27
C ILE H 43 -16.58 7.11 -7.78
N ALA H 44 -16.89 5.88 -8.19
CA ALA H 44 -17.06 5.53 -9.62
C ALA H 44 -18.21 6.33 -10.27
N ALA H 45 -19.11 6.85 -9.43
CA ALA H 45 -20.12 7.82 -9.85
C ALA H 45 -19.49 9.21 -10.08
N GLU H 46 -18.89 9.75 -9.03
CA GLU H 46 -18.19 11.07 -9.01
C GLU H 46 -17.47 11.52 -10.29
N LYS H 47 -16.85 10.57 -10.99
CA LYS H 47 -16.12 10.83 -12.25
C LYS H 47 -17.10 10.82 -13.41
N GLY H 48 -17.59 9.62 -13.74
CA GLY H 48 -18.56 9.40 -14.83
C GLY H 48 -19.37 10.59 -15.36
N PHE H 49 -20.12 11.26 -14.49
CA PHE H 49 -21.05 12.33 -14.90
C PHE H 49 -20.87 13.63 -14.10
N LYS H 50 -21.42 14.73 -14.63
CA LYS H 50 -21.37 16.06 -13.97
C LYS H 50 -22.57 17.05 -14.19
N PRO H 51 -23.52 16.73 -15.12
CA PRO H 51 -24.40 17.75 -15.81
C PRO H 51 -25.09 18.83 -14.94
N LEU H 52 -24.84 20.10 -15.29
CA LEU H 52 -25.35 21.23 -14.51
C LEU H 52 -26.55 21.97 -15.16
N HIS H 53 -27.75 21.54 -14.77
CA HIS H 53 -28.95 22.39 -14.79
C HIS H 53 -29.52 22.42 -13.36
N SER H 54 -29.21 23.51 -12.66
CA SER H 54 -29.48 23.65 -11.24
C SER H 54 -30.93 24.06 -11.00
N HIS H 55 -31.78 23.07 -10.71
CA HIS H 55 -33.22 23.29 -10.55
C HIS H 55 -33.54 24.15 -9.35
N GLY H 56 -32.54 24.45 -8.55
CA GLY H 56 -32.73 25.30 -7.38
C GLY H 56 -33.41 26.62 -7.69
N THR H 57 -32.77 27.45 -8.52
CA THR H 57 -33.28 28.77 -8.84
C THR H 57 -34.76 28.78 -9.26
N LEU H 58 -35.14 27.77 -10.03
CA LEU H 58 -36.49 27.59 -10.46
C LEU H 58 -37.44 27.46 -9.27
N PHE H 59 -36.99 26.75 -8.24
CA PHE H 59 -37.79 26.51 -7.04
C PHE H 59 -37.92 27.79 -6.21
N LYS H 60 -36.82 28.58 -6.19
CA LYS H 60 -36.82 29.94 -5.65
C LYS H 60 -37.94 30.71 -6.31
N ILE H 61 -38.00 30.69 -7.64
CA ILE H 61 -38.97 31.54 -8.35
C ILE H 61 -40.43 31.09 -8.20
N GLU H 62 -40.67 29.81 -7.92
CA GLU H 62 -42.08 29.39 -7.74
C GLU H 62 -42.66 29.71 -6.37
N ARG H 63 -41.80 29.94 -5.40
CA ARG H 63 -42.30 30.18 -4.05
C ARG H 63 -42.50 31.66 -3.86
N TYR H 64 -41.53 32.46 -4.30
CA TYR H 64 -41.70 33.90 -4.28
C TYR H 64 -42.99 34.26 -5.03
N PHE H 65 -43.16 33.72 -6.23
CA PHE H 65 -44.39 33.93 -6.97
C PHE H 65 -45.66 33.60 -6.14
N ALA H 66 -45.64 32.51 -5.37
CA ALA H 66 -46.82 32.10 -4.64
C ALA H 66 -47.03 32.93 -3.39
N ALA H 67 -45.93 33.58 -2.94
CA ALA H 67 -46.00 34.62 -1.92
C ALA H 67 -46.69 35.84 -2.52
N ALA H 68 -46.12 36.39 -3.59
CA ALA H 68 -46.68 37.51 -4.37
C ALA H 68 -48.18 37.38 -4.62
N MET H 69 -48.65 36.14 -4.75
CA MET H 69 -50.08 35.82 -4.92
C MET H 69 -50.93 36.00 -3.66
N VAL H 70 -50.27 36.00 -2.49
CA VAL H 70 -50.97 36.13 -1.22
C VAL H 70 -51.76 37.44 -1.10
N PRO H 71 -51.09 38.62 -1.23
CA PRO H 71 -51.86 39.88 -1.15
C PRO H 71 -52.96 39.97 -2.20
N LEU H 72 -52.73 39.39 -3.37
CA LEU H 72 -53.67 39.44 -4.48
C LEU H 72 -54.99 38.72 -4.16
N ILE H 73 -54.95 37.76 -3.26
CA ILE H 73 -56.15 36.98 -3.02
C ILE H 73 -57.26 37.76 -2.33
N PRO H 74 -56.93 38.52 -1.27
CA PRO H 74 -57.93 39.48 -0.77
C PRO H 74 -58.19 40.65 -1.74
N ALA H 75 -57.13 41.20 -2.37
CA ALA H 75 -57.30 42.26 -3.38
C ALA H 75 -58.39 41.93 -4.43
N ALA H 76 -58.43 40.68 -4.87
CA ALA H 76 -59.47 40.18 -5.78
C ALA H 76 -60.85 40.05 -5.12
N TYR H 77 -60.87 39.83 -3.82
CA TYR H 77 -62.14 39.76 -3.09
C TYR H 77 -62.77 41.13 -2.95
N PHE H 78 -61.95 42.16 -3.11
CA PHE H 78 -62.45 43.52 -3.05
C PHE H 78 -62.52 44.15 -4.44
N ILE H 79 -61.36 44.40 -5.06
CA ILE H 79 -61.32 45.09 -6.36
C ILE H 79 -61.56 44.09 -7.52
N HIS H 80 -62.32 44.52 -8.54
CA HIS H 80 -62.90 43.58 -9.53
C HIS H 80 -62.79 43.90 -11.07
N GLY H 81 -63.46 43.07 -11.87
CA GLY H 81 -63.64 43.28 -13.31
C GLY H 81 -62.52 42.93 -14.30
N ARG H 82 -62.41 43.73 -15.36
CA ARG H 82 -61.43 43.58 -16.44
C ARG H 82 -60.06 43.21 -15.92
N GLU H 83 -59.32 44.21 -15.47
CA GLU H 83 -57.89 44.10 -15.14
C GLU H 83 -57.54 43.00 -14.11
N MET H 84 -58.38 42.85 -13.08
CA MET H 84 -58.22 41.73 -12.16
C MET H 84 -58.37 40.40 -12.89
N ASP H 85 -59.55 40.18 -13.48
CA ASP H 85 -59.85 38.96 -14.22
C ASP H 85 -58.67 38.54 -15.10
N LEU H 86 -57.98 39.53 -15.66
CA LEU H 86 -56.85 39.24 -16.54
C LEU H 86 -55.64 38.67 -15.80
N CYS H 87 -55.16 39.36 -14.76
CA CYS H 87 -53.94 38.89 -14.09
C CYS H 87 -54.20 37.86 -13.01
N LEU H 88 -55.43 37.79 -12.52
CA LEU H 88 -55.86 36.61 -11.79
C LEU H 88 -55.63 35.38 -12.66
N ALA H 89 -56.26 35.38 -13.84
CA ALA H 89 -56.20 34.27 -14.77
C ALA H 89 -54.78 33.93 -15.15
N LEU H 90 -53.93 34.94 -15.36
CA LEU H 90 -52.53 34.67 -15.71
C LEU H 90 -51.76 33.99 -14.57
N ALA H 91 -51.84 34.59 -13.37
CA ALA H 91 -51.08 34.12 -12.22
C ALA H 91 -51.56 32.74 -11.87
N LEU H 92 -52.88 32.60 -11.74
CA LEU H 92 -53.46 31.32 -11.40
C LEU H 92 -53.08 30.23 -12.39
N THR H 93 -53.02 30.58 -13.67
CA THR H 93 -52.55 29.66 -14.72
C THR H 93 -51.15 29.23 -14.40
N LEU H 94 -50.27 30.20 -14.21
CA LEU H 94 -48.85 29.93 -14.02
C LEU H 94 -48.57 29.09 -12.76
N HIS H 95 -49.18 29.44 -11.63
CA HIS H 95 -49.08 28.66 -10.39
C HIS H 95 -49.67 27.22 -10.52
N VAL H 96 -50.92 27.10 -10.96
CA VAL H 96 -51.47 25.78 -11.28
C VAL H 96 -50.52 24.97 -12.20
N HIS H 97 -49.95 25.63 -13.21
CA HIS H 97 -49.08 24.92 -14.14
C HIS H 97 -48.06 24.15 -13.33
N TRP H 98 -47.34 24.86 -12.46
CA TRP H 98 -46.28 24.26 -11.68
C TRP H 98 -46.82 23.25 -10.69
N GLY H 99 -48.05 23.48 -10.23
CA GLY H 99 -48.70 22.59 -9.29
C GLY H 99 -49.03 21.23 -9.86
N VAL H 100 -49.83 21.19 -10.94
CA VAL H 100 -50.22 19.88 -11.49
C VAL H 100 -49.00 19.17 -12.04
N TRP H 101 -47.98 19.94 -12.41
CA TRP H 101 -46.71 19.39 -12.81
C TRP H 101 -46.16 18.59 -11.65
N GLY H 102 -46.10 19.25 -10.49
CA GLY H 102 -45.70 18.64 -9.22
C GLY H 102 -46.49 17.38 -8.95
N VAL H 103 -47.82 17.49 -8.96
CA VAL H 103 -48.70 16.34 -8.79
C VAL H 103 -48.54 15.25 -9.87
N VAL H 104 -48.32 15.62 -11.13
CA VAL H 104 -48.16 14.59 -12.14
C VAL H 104 -46.91 13.77 -11.86
N ASN H 105 -45.78 14.43 -11.65
CA ASN H 105 -44.54 13.70 -11.41
C ASN H 105 -44.56 12.80 -10.21
N ASP H 106 -45.38 13.17 -9.22
CA ASP H 106 -45.66 12.33 -8.06
C ASP H 106 -46.43 11.08 -8.46
N TYR H 107 -47.68 11.25 -8.88
CA TYR H 107 -48.58 10.13 -9.16
C TYR H 107 -48.33 9.46 -10.49
N GLY H 108 -47.48 10.06 -11.34
CA GLY H 108 -47.20 9.54 -12.69
C GLY H 108 -45.96 8.67 -12.87
N ARG H 109 -45.70 7.77 -11.92
CA ARG H 109 -44.50 6.94 -11.94
C ARG H 109 -44.55 5.84 -13.01
N PRO H 110 -43.48 5.72 -13.82
CA PRO H 110 -43.33 4.67 -14.83
C PRO H 110 -43.23 3.28 -14.21
N PHE H 111 -42.89 3.19 -12.93
CA PHE H 111 -43.00 1.90 -12.24
C PHE H 111 -44.46 1.45 -12.17
N VAL H 112 -45.40 2.38 -12.26
CA VAL H 112 -46.80 2.02 -12.20
C VAL H 112 -47.38 2.07 -13.62
N LEU H 113 -47.33 3.24 -14.27
CA LEU H 113 -47.89 3.42 -15.63
C LEU H 113 -47.02 2.93 -16.77
N GLY H 114 -45.75 2.64 -16.53
CA GLY H 114 -44.89 2.16 -17.57
C GLY H 114 -44.34 3.33 -18.36
N ASP H 115 -43.10 3.19 -18.82
CA ASP H 115 -42.34 4.29 -19.40
C ASP H 115 -43.08 5.28 -20.30
N THR H 116 -43.96 4.82 -21.19
CA THR H 116 -44.54 5.78 -22.16
C THR H 116 -45.87 6.37 -21.73
N LEU H 117 -46.57 5.70 -20.83
CA LEU H 117 -47.76 6.32 -20.28
C LEU H 117 -47.34 7.39 -19.27
N ALA H 118 -46.31 7.07 -18.49
CA ALA H 118 -45.61 8.06 -17.70
C ALA H 118 -45.31 9.28 -18.53
N ALA H 119 -44.87 9.06 -19.77
CA ALA H 119 -44.57 10.14 -20.71
C ALA H 119 -45.82 10.90 -21.18
N ALA H 120 -46.88 10.18 -21.50
CA ALA H 120 -48.06 10.85 -21.98
C ALA H 120 -48.64 11.75 -20.91
N VAL H 121 -48.66 11.25 -19.67
CA VAL H 121 -49.13 12.03 -18.52
C VAL H 121 -48.38 13.39 -18.39
N ARG H 122 -47.05 13.37 -18.46
CA ARG H 122 -46.27 14.60 -18.52
C ARG H 122 -46.64 15.49 -19.71
N VAL H 123 -46.86 14.90 -20.89
CA VAL H 123 -47.31 15.71 -22.04
C VAL H 123 -48.67 16.32 -21.70
N GLY H 124 -49.49 15.54 -21.03
CA GLY H 124 -50.78 15.98 -20.59
C GLY H 124 -50.71 17.20 -19.68
N ALA H 125 -49.77 17.21 -18.72
CA ALA H 125 -49.63 18.31 -17.77
C ALA H 125 -49.59 19.66 -18.47
N TYR H 126 -48.82 19.74 -19.57
CA TYR H 126 -48.79 20.93 -20.42
C TYR H 126 -50.08 21.09 -21.24
N ILE H 127 -50.50 20.05 -21.97
CA ILE H 127 -51.77 20.11 -22.70
C ILE H 127 -52.88 20.67 -21.80
N PHE H 128 -52.79 20.37 -20.51
CA PHE H 128 -53.68 20.91 -19.46
C PHE H 128 -53.45 22.41 -19.32
N THR H 129 -52.23 22.80 -18.96
CA THR H 129 -51.89 24.22 -18.75
C THR H 129 -52.29 25.07 -19.94
N ALA H 130 -52.23 24.48 -21.14
CA ALA H 130 -52.67 25.17 -22.33
C ALA H 130 -54.19 25.39 -22.37
N CYS H 131 -54.98 24.43 -21.91
CA CYS H 131 -56.43 24.67 -21.89
C CYS H 131 -56.86 25.61 -20.78
N LEU H 132 -56.12 25.62 -19.67
CA LEU H 132 -56.45 26.55 -18.60
C LEU H 132 -56.42 27.98 -19.14
N LEU H 133 -55.31 28.36 -19.79
CA LEU H 133 -55.20 29.72 -20.29
C LEU H 133 -56.26 30.06 -21.32
N ALA H 134 -56.20 29.38 -22.46
CA ALA H 134 -57.23 29.49 -23.49
C ALA H 134 -58.46 28.82 -22.93
N GLY H 135 -59.24 29.56 -22.13
CA GLY H 135 -60.33 28.96 -21.38
C GLY H 135 -60.72 29.91 -20.29
N LEU H 136 -59.71 30.45 -19.60
CA LEU H 136 -59.92 31.58 -18.73
C LEU H 136 -59.91 32.88 -19.53
N LEU H 137 -59.03 33.00 -20.52
CA LEU H 137 -58.95 34.20 -21.35
C LEU H 137 -60.25 34.35 -22.11
N TYR H 138 -60.76 33.22 -22.63
CA TYR H 138 -62.01 33.25 -23.37
C TYR H 138 -63.16 33.71 -22.48
N PHE H 139 -63.51 32.91 -21.48
CA PHE H 139 -64.45 33.29 -20.43
C PHE H 139 -64.40 34.78 -20.12
N ASN H 140 -63.23 35.27 -19.73
CA ASN H 140 -63.05 36.70 -19.43
C ASN H 140 -63.28 37.65 -20.60
N GLU H 141 -62.78 37.30 -21.80
CA GLU H 141 -62.92 38.17 -22.99
C GLU H 141 -64.24 38.03 -23.76
N HIS H 142 -65.07 37.03 -23.42
CA HIS H 142 -66.35 36.72 -24.11
C HIS H 142 -67.45 36.22 -23.17
N ASP H 143 -67.37 36.57 -21.88
CA ASP H 143 -68.44 36.26 -20.89
C ASP H 143 -68.25 37.24 -19.76
N VAL H 144 -68.72 36.85 -18.57
CA VAL H 144 -68.83 37.77 -17.44
C VAL H 144 -67.51 38.12 -16.76
N GLY H 145 -66.66 37.11 -16.57
CA GLY H 145 -65.41 37.26 -15.83
C GLY H 145 -65.43 36.46 -14.54
N LEU H 146 -64.24 36.03 -14.10
CA LEU H 146 -64.06 35.35 -12.81
C LEU H 146 -64.64 36.13 -11.64
N THR H 147 -64.15 37.36 -11.47
CA THR H 147 -64.64 38.27 -10.43
C THR H 147 -66.14 38.41 -10.51
N ARG H 148 -66.63 38.93 -11.64
CA ARG H 148 -68.06 39.05 -11.85
C ARG H 148 -68.78 37.73 -11.56
N ALA H 149 -68.21 36.62 -12.02
CA ALA H 149 -68.79 35.30 -11.82
C ALA H 149 -69.00 34.98 -10.34
N PHE H 150 -68.08 35.44 -9.50
CA PHE H 150 -68.22 35.28 -8.05
C PHE H 150 -69.43 36.08 -7.53
N GLU H 151 -69.41 37.39 -7.78
CA GLU H 151 -70.52 38.28 -7.46
C GLU H 151 -71.84 37.59 -7.73
N MET H 152 -71.98 36.98 -8.91
CA MET H 152 -73.23 36.32 -9.30
C MET H 152 -73.59 35.11 -8.43
N VAL H 153 -72.60 34.31 -8.05
CA VAL H 153 -72.88 33.12 -7.24
C VAL H 153 -73.19 33.51 -5.79
N TRP H 154 -72.48 34.51 -5.26
CA TRP H 154 -72.71 34.99 -3.88
C TRP H 154 -73.95 35.84 -3.76
N GLU H 155 -73.99 36.91 -4.57
CA GLU H 155 -75.18 37.74 -4.73
C GLU H 155 -76.32 36.95 -5.41
N LEU H 156 -76.95 36.08 -4.63
CA LEU H 156 -78.19 35.42 -5.02
C LEU H 156 -79.15 35.21 -3.83
#